data_7JJK
# 
_entry.id   7JJK 
# 
_audit_conform.dict_name       mmcif_pdbx.dic 
_audit_conform.dict_version    5.405 
_audit_conform.dict_location   http://mmcif.pdb.org/dictionaries/ascii/mmcif_pdbx.dic 
# 
loop_
_database_2.database_id 
_database_2.database_code 
_database_2.pdbx_database_accession 
_database_2.pdbx_DOI 
PDB   7JJK         pdb_00007jjk 10.2210/pdb7jjk/pdb 
WWPDB D_1000250951 ?            ?                   
# 
loop_
_pdbx_audit_revision_history.ordinal 
_pdbx_audit_revision_history.data_content_type 
_pdbx_audit_revision_history.major_revision 
_pdbx_audit_revision_history.minor_revision 
_pdbx_audit_revision_history.revision_date 
_pdbx_audit_revision_history.part_number 
1 'Structure model' 1 0 2020-08-19 ? 
2 'Structure model' 1 1 2023-10-18 ? 
3 'Structure model' 1 2 2025-09-10 ? 
# 
_pdbx_audit_revision_details.ordinal             1 
_pdbx_audit_revision_details.revision_ordinal    1 
_pdbx_audit_revision_details.data_content_type   'Structure model' 
_pdbx_audit_revision_details.provider            repository 
_pdbx_audit_revision_details.type                'Initial release' 
_pdbx_audit_revision_details.description         ? 
_pdbx_audit_revision_details.details             ? 
# 
loop_
_pdbx_audit_revision_group.ordinal 
_pdbx_audit_revision_group.revision_ordinal 
_pdbx_audit_revision_group.data_content_type 
_pdbx_audit_revision_group.group 
1 2 'Structure model' 'Data collection'        
2 2 'Structure model' 'Database references'    
3 2 'Structure model' 'Refinement description' 
4 3 'Structure model' 'Database references'    
5 3 'Structure model' 'Structure summary'      
# 
loop_
_pdbx_audit_revision_category.ordinal 
_pdbx_audit_revision_category.revision_ordinal 
_pdbx_audit_revision_category.data_content_type 
_pdbx_audit_revision_category.category 
1 2 'Structure model' chem_comp_atom                
2 2 'Structure model' chem_comp_bond                
3 2 'Structure model' database_2                    
4 2 'Structure model' pdbx_initial_refinement_model 
5 3 'Structure model' citation                      
6 3 'Structure model' citation_author               
7 3 'Structure model' pdbx_entry_details            
# 
loop_
_pdbx_audit_revision_item.ordinal 
_pdbx_audit_revision_item.revision_ordinal 
_pdbx_audit_revision_item.data_content_type 
_pdbx_audit_revision_item.item 
1  2 'Structure model' '_database_2.pdbx_DOI'                
2  2 'Structure model' '_database_2.pdbx_database_accession' 
3  3 'Structure model' '_citation.country'                   
4  3 'Structure model' '_citation.journal_abbrev'            
5  3 'Structure model' '_citation.journal_id_CSD'            
6  3 'Structure model' '_citation.journal_id_ISSN'           
7  3 'Structure model' '_citation.journal_volume'            
8  3 'Structure model' '_citation.pdbx_database_id_DOI'      
9  3 'Structure model' '_citation.pdbx_database_id_PubMed'   
10 3 'Structure model' '_citation.title'                     
11 3 'Structure model' '_citation.year'                      
# 
_pdbx_database_status.status_code                     REL 
_pdbx_database_status.status_code_sf                  REL 
_pdbx_database_status.status_code_mr                  ? 
_pdbx_database_status.entry_id                        7JJK 
_pdbx_database_status.recvd_initial_deposition_date   2020-07-27 
_pdbx_database_status.SG_entry                        N 
_pdbx_database_status.deposit_site                    RCSB 
_pdbx_database_status.process_site                    RCSB 
_pdbx_database_status.status_code_cs                  ? 
_pdbx_database_status.status_code_nmr_data            ? 
_pdbx_database_status.methods_development_category    ? 
_pdbx_database_status.pdb_format_compatible           Y 
# 
loop_
_audit_author.name 
_audit_author.pdbx_ordinal 
_audit_author.identifier_ORCID 
'Ghafoori, S.M.' 1 0000-0002-4580-9933 
'Forwood, J.K.'  2 0000-0003-3267-9997 
# 
_citation.abstract                  ? 
_citation.abstract_id_CAS           ? 
_citation.book_id_ISBN              ? 
_citation.book_publisher            ? 
_citation.book_publisher_city       ? 
_citation.book_title                ? 
_citation.coordinate_linkage        ? 
_citation.country                   CH 
_citation.database_id_Medline       ? 
_citation.details                   ? 
_citation.id                        primary 
_citation.journal_abbrev            Cells 
_citation.journal_id_ASTM           ? 
_citation.journal_id_CSD            ? 
_citation.journal_id_ISSN           2073-4409 
_citation.journal_full              ? 
_citation.journal_issue             ? 
_citation.journal_volume            13 
_citation.language                  ? 
_citation.page_first                ? 
_citation.page_last                 ? 
_citation.title                     'RNA Binding Properties of SOX Family Members.' 
_citation.year                      2024 
_citation.database_id_CSD           ? 
_citation.pdbx_database_id_DOI      10.3390/cells13141202 
_citation.pdbx_database_id_PubMed   39056784 
_citation.unpublished_flag          ? 
# 
loop_
_citation_author.citation_id 
_citation_author.name 
_citation_author.ordinal 
_citation_author.identifier_ORCID 
primary 'Ghafoori, S.M.' 1 0000-0002-4580-9933 
primary 'Sethi, A.'      2 0000-0003-4220-3597 
primary 'Petersen, G.F.' 3 0000-0003-3666-0150 
primary 'Tanipour, M.H.' 4 ?                   
primary 'Gooley, P.R.'   5 0000-0002-0323-449X 
primary 'Forwood, J.K.'  6 ?                   
# 
loop_
_entity.id 
_entity.type 
_entity.src_method 
_entity.pdbx_description 
_entity.formula_weight 
_entity.pdbx_number_of_molecules 
_entity.pdbx_ec 
_entity.pdbx_mutation 
_entity.pdbx_fragment 
_entity.details 
1 polymer man 'Transcription factor SOX-30' 10502.066 1  ? ? ? ? 
2 water   nat water                         18.015    65 ? ? ? ? 
# 
_entity_name_com.entity_id   1 
_entity_name_com.name        'cDNA FLJ53881,highly similar to Transcription factor SOX-30' 
# 
_entity_poly.entity_id                      1 
_entity_poly.type                           'polypeptide(L)' 
_entity_poly.nstd_linkage                   no 
_entity_poly.nstd_monomer                   no 
_entity_poly.pdbx_seq_one_letter_code       
;SGHVKRPMNAFMVWARIHRPALAKANPAANNAEISVQLGLEWNKLSEEQKKPYYDEAQKIKEKHREEFPGWVYQPRPGKR
KRFPLSVSNV
;
_entity_poly.pdbx_seq_one_letter_code_can   
;SGHVKRPMNAFMVWARIHRPALAKANPAANNAEISVQLGLEWNKLSEEQKKPYYDEAQKIKEKHREEFPGWVYQPRPGKR
KRFPLSVSNV
;
_entity_poly.pdbx_strand_id                 A 
_entity_poly.pdbx_target_identifier         ? 
# 
_pdbx_entity_nonpoly.entity_id   2 
_pdbx_entity_nonpoly.name        water 
_pdbx_entity_nonpoly.comp_id     HOH 
# 
loop_
_entity_poly_seq.entity_id 
_entity_poly_seq.num 
_entity_poly_seq.mon_id 
_entity_poly_seq.hetero 
1 1  SER n 
1 2  GLY n 
1 3  HIS n 
1 4  VAL n 
1 5  LYS n 
1 6  ARG n 
1 7  PRO n 
1 8  MET n 
1 9  ASN n 
1 10 ALA n 
1 11 PHE n 
1 12 MET n 
1 13 VAL n 
1 14 TRP n 
1 15 ALA n 
1 16 ARG n 
1 17 ILE n 
1 18 HIS n 
1 19 ARG n 
1 20 PRO n 
1 21 ALA n 
1 22 LEU n 
1 23 ALA n 
1 24 LYS n 
1 25 ALA n 
1 26 ASN n 
1 27 PRO n 
1 28 ALA n 
1 29 ALA n 
1 30 ASN n 
1 31 ASN n 
1 32 ALA n 
1 33 GLU n 
1 34 ILE n 
1 35 SER n 
1 36 VAL n 
1 37 GLN n 
1 38 LEU n 
1 39 GLY n 
1 40 LEU n 
1 41 GLU n 
1 42 TRP n 
1 43 ASN n 
1 44 LYS n 
1 45 LEU n 
1 46 SER n 
1 47 GLU n 
1 48 GLU n 
1 49 GLN n 
1 50 LYS n 
1 51 LYS n 
1 52 PRO n 
1 53 TYR n 
1 54 TYR n 
1 55 ASP n 
1 56 GLU n 
1 57 ALA n 
1 58 GLN n 
1 59 LYS n 
1 60 ILE n 
1 61 LYS n 
1 62 GLU n 
1 63 LYS n 
1 64 HIS n 
1 65 ARG n 
1 66 GLU n 
1 67 GLU n 
1 68 PHE n 
1 69 PRO n 
1 70 GLY n 
1 71 TRP n 
1 72 VAL n 
1 73 TYR n 
1 74 GLN n 
1 75 PRO n 
1 76 ARG n 
1 77 PRO n 
1 78 GLY n 
1 79 LYS n 
1 80 ARG n 
1 81 LYS n 
1 82 ARG n 
1 83 PHE n 
1 84 PRO n 
1 85 LEU n 
1 86 SER n 
1 87 VAL n 
1 88 SER n 
1 89 ASN n 
1 90 VAL n 
# 
_entity_src_gen.entity_id                          1 
_entity_src_gen.pdbx_src_id                        1 
_entity_src_gen.pdbx_alt_source_flag               sample 
_entity_src_gen.pdbx_seq_type                      'Biological sequence' 
_entity_src_gen.pdbx_beg_seq_num                   1 
_entity_src_gen.pdbx_end_seq_num                   90 
_entity_src_gen.gene_src_common_name               Human 
_entity_src_gen.gene_src_genus                     ? 
_entity_src_gen.pdbx_gene_src_gene                 SOX30 
_entity_src_gen.gene_src_species                   ? 
_entity_src_gen.gene_src_strain                    ? 
_entity_src_gen.gene_src_tissue                    ? 
_entity_src_gen.gene_src_tissue_fraction           ? 
_entity_src_gen.gene_src_details                   ? 
_entity_src_gen.pdbx_gene_src_fragment             ? 
_entity_src_gen.pdbx_gene_src_scientific_name      'Homo sapiens' 
_entity_src_gen.pdbx_gene_src_ncbi_taxonomy_id     9606 
_entity_src_gen.pdbx_gene_src_variant              ? 
_entity_src_gen.pdbx_gene_src_cell_line            ? 
_entity_src_gen.pdbx_gene_src_atcc                 ? 
_entity_src_gen.pdbx_gene_src_organ                ? 
_entity_src_gen.pdbx_gene_src_organelle            ? 
_entity_src_gen.pdbx_gene_src_cell                 ? 
_entity_src_gen.pdbx_gene_src_cellular_location    ? 
_entity_src_gen.host_org_common_name               ? 
_entity_src_gen.pdbx_host_org_scientific_name      'Escherichia coli' 
_entity_src_gen.pdbx_host_org_ncbi_taxonomy_id     562 
_entity_src_gen.host_org_genus                     ? 
_entity_src_gen.pdbx_host_org_gene                 ? 
_entity_src_gen.pdbx_host_org_organ                ? 
_entity_src_gen.host_org_species                   ? 
_entity_src_gen.pdbx_host_org_tissue               ? 
_entity_src_gen.pdbx_host_org_tissue_fraction      ? 
_entity_src_gen.pdbx_host_org_strain               ? 
_entity_src_gen.pdbx_host_org_variant              ? 
_entity_src_gen.pdbx_host_org_cell_line            ? 
_entity_src_gen.pdbx_host_org_atcc                 ? 
_entity_src_gen.pdbx_host_org_culture_collection   ? 
_entity_src_gen.pdbx_host_org_cell                 ? 
_entity_src_gen.pdbx_host_org_organelle            ? 
_entity_src_gen.pdbx_host_org_cellular_location    ? 
_entity_src_gen.pdbx_host_org_vector_type          ? 
_entity_src_gen.pdbx_host_org_vector               ? 
_entity_src_gen.host_org_details                   ? 
_entity_src_gen.expression_system_id               ? 
_entity_src_gen.plasmid_name                       ? 
_entity_src_gen.plasmid_details                    ? 
_entity_src_gen.pdbx_description                   ? 
# 
loop_
_chem_comp.id 
_chem_comp.type 
_chem_comp.mon_nstd_flag 
_chem_comp.name 
_chem_comp.pdbx_synonyms 
_chem_comp.formula 
_chem_comp.formula_weight 
ALA 'L-peptide linking' y ALANINE         ? 'C3 H7 N O2'     89.093  
ARG 'L-peptide linking' y ARGININE        ? 'C6 H15 N4 O2 1' 175.209 
ASN 'L-peptide linking' y ASPARAGINE      ? 'C4 H8 N2 O3'    132.118 
ASP 'L-peptide linking' y 'ASPARTIC ACID' ? 'C4 H7 N O4'     133.103 
GLN 'L-peptide linking' y GLUTAMINE       ? 'C5 H10 N2 O3'   146.144 
GLU 'L-peptide linking' y 'GLUTAMIC ACID' ? 'C5 H9 N O4'     147.129 
GLY 'peptide linking'   y GLYCINE         ? 'C2 H5 N O2'     75.067  
HIS 'L-peptide linking' y HISTIDINE       ? 'C6 H10 N3 O2 1' 156.162 
HOH non-polymer         . WATER           ? 'H2 O'           18.015  
ILE 'L-peptide linking' y ISOLEUCINE      ? 'C6 H13 N O2'    131.173 
LEU 'L-peptide linking' y LEUCINE         ? 'C6 H13 N O2'    131.173 
LYS 'L-peptide linking' y LYSINE          ? 'C6 H15 N2 O2 1' 147.195 
MET 'L-peptide linking' y METHIONINE      ? 'C5 H11 N O2 S'  149.211 
PHE 'L-peptide linking' y PHENYLALANINE   ? 'C9 H11 N O2'    165.189 
PRO 'L-peptide linking' y PROLINE         ? 'C5 H9 N O2'     115.130 
SER 'L-peptide linking' y SERINE          ? 'C3 H7 N O3'     105.093 
TRP 'L-peptide linking' y TRYPTOPHAN      ? 'C11 H12 N2 O2'  204.225 
TYR 'L-peptide linking' y TYROSINE        ? 'C9 H11 N O3'    181.189 
VAL 'L-peptide linking' y VALINE          ? 'C5 H11 N O2'    117.146 
# 
loop_
_pdbx_poly_seq_scheme.asym_id 
_pdbx_poly_seq_scheme.entity_id 
_pdbx_poly_seq_scheme.seq_id 
_pdbx_poly_seq_scheme.mon_id 
_pdbx_poly_seq_scheme.ndb_seq_num 
_pdbx_poly_seq_scheme.pdb_seq_num 
_pdbx_poly_seq_scheme.auth_seq_num 
_pdbx_poly_seq_scheme.pdb_mon_id 
_pdbx_poly_seq_scheme.auth_mon_id 
_pdbx_poly_seq_scheme.pdb_strand_id 
_pdbx_poly_seq_scheme.pdb_ins_code 
_pdbx_poly_seq_scheme.hetero 
A 1 1  SER 1  334 ?   ?   ?   A . n 
A 1 2  GLY 2  335 335 GLY GLY A . n 
A 1 3  HIS 3  336 336 HIS HIS A . n 
A 1 4  VAL 4  337 337 VAL VAL A . n 
A 1 5  LYS 5  338 338 LYS LYS A . n 
A 1 6  ARG 6  339 339 ARG ARG A . n 
A 1 7  PRO 7  340 340 PRO PRO A . n 
A 1 8  MET 8  341 341 MET MET A . n 
A 1 9  ASN 9  342 342 ASN ASN A . n 
A 1 10 ALA 10 343 343 ALA ALA A . n 
A 1 11 PHE 11 344 344 PHE PHE A . n 
A 1 12 MET 12 345 345 MET MET A . n 
A 1 13 VAL 13 346 346 VAL VAL A . n 
A 1 14 TRP 14 347 347 TRP TRP A . n 
A 1 15 ALA 15 348 348 ALA ALA A . n 
A 1 16 ARG 16 349 349 ARG ARG A . n 
A 1 17 ILE 17 350 350 ILE ILE A . n 
A 1 18 HIS 18 351 351 HIS HIS A . n 
A 1 19 ARG 19 352 352 ARG ARG A . n 
A 1 20 PRO 20 353 353 PRO PRO A . n 
A 1 21 ALA 21 354 354 ALA ALA A . n 
A 1 22 LEU 22 355 355 LEU LEU A . n 
A 1 23 ALA 23 356 356 ALA ALA A . n 
A 1 24 LYS 24 357 357 LYS LYS A . n 
A 1 25 ALA 25 358 358 ALA ALA A . n 
A 1 26 ASN 26 359 359 ASN ASN A . n 
A 1 27 PRO 27 360 360 PRO PRO A . n 
A 1 28 ALA 28 361 361 ALA ALA A . n 
A 1 29 ALA 29 362 362 ALA ALA A . n 
A 1 30 ASN 30 363 363 ASN ASN A . n 
A 1 31 ASN 31 364 364 ASN ASN A . n 
A 1 32 ALA 32 365 365 ALA ALA A . n 
A 1 33 GLU 33 366 366 GLU GLU A . n 
A 1 34 ILE 34 367 367 ILE ILE A . n 
A 1 35 SER 35 368 368 SER SER A . n 
A 1 36 VAL 36 369 369 VAL VAL A . n 
A 1 37 GLN 37 370 370 GLN GLN A . n 
A 1 38 LEU 38 371 371 LEU LEU A . n 
A 1 39 GLY 39 372 372 GLY GLY A . n 
A 1 40 LEU 40 373 373 LEU LEU A . n 
A 1 41 GLU 41 374 374 GLU GLU A . n 
A 1 42 TRP 42 375 375 TRP TRP A . n 
A 1 43 ASN 43 376 376 ASN ASN A . n 
A 1 44 LYS 44 377 377 LYS LYS A . n 
A 1 45 LEU 45 378 378 LEU LEU A . n 
A 1 46 SER 46 379 379 SER SER A . n 
A 1 47 GLU 47 380 380 GLU GLU A . n 
A 1 48 GLU 48 381 381 GLU GLU A . n 
A 1 49 GLN 49 382 382 GLN GLN A . n 
A 1 50 LYS 50 383 383 LYS LYS A . n 
A 1 51 LYS 51 384 384 LYS LYS A . n 
A 1 52 PRO 52 385 385 PRO PRO A . n 
A 1 53 TYR 53 386 386 TYR TYR A . n 
A 1 54 TYR 54 387 387 TYR TYR A . n 
A 1 55 ASP 55 388 388 ASP ASP A . n 
A 1 56 GLU 56 389 389 GLU GLU A . n 
A 1 57 ALA 57 390 390 ALA ALA A . n 
A 1 58 GLN 58 391 391 GLN GLN A . n 
A 1 59 LYS 59 392 392 LYS LYS A . n 
A 1 60 ILE 60 393 393 ILE ILE A . n 
A 1 61 LYS 61 394 394 LYS LYS A . n 
A 1 62 GLU 62 395 395 GLU GLU A . n 
A 1 63 LYS 63 396 396 LYS LYS A . n 
A 1 64 HIS 64 397 397 HIS HIS A . n 
A 1 65 ARG 65 398 398 ARG ARG A . n 
A 1 66 GLU 66 399 399 GLU GLU A . n 
A 1 67 GLU 67 400 400 GLU GLU A . n 
A 1 68 PHE 68 401 401 PHE PHE A . n 
A 1 69 PRO 69 402 402 PRO PRO A . n 
A 1 70 GLY 70 403 403 GLY GLY A . n 
A 1 71 TRP 71 404 404 TRP TRP A . n 
A 1 72 VAL 72 405 405 VAL VAL A . n 
A 1 73 TYR 73 406 ?   ?   ?   A . n 
A 1 74 GLN 74 407 ?   ?   ?   A . n 
A 1 75 PRO 75 408 ?   ?   ?   A . n 
A 1 76 ARG 76 409 ?   ?   ?   A . n 
A 1 77 PRO 77 410 ?   ?   ?   A . n 
A 1 78 GLY 78 411 ?   ?   ?   A . n 
A 1 79 LYS 79 412 ?   ?   ?   A . n 
A 1 80 ARG 80 413 ?   ?   ?   A . n 
A 1 81 LYS 81 414 ?   ?   ?   A . n 
A 1 82 ARG 82 415 ?   ?   ?   A . n 
A 1 83 PHE 83 416 ?   ?   ?   A . n 
A 1 84 PRO 84 417 ?   ?   ?   A . n 
A 1 85 LEU 85 418 ?   ?   ?   A . n 
A 1 86 SER 86 419 ?   ?   ?   A . n 
A 1 87 VAL 87 420 ?   ?   ?   A . n 
A 1 88 SER 88 421 ?   ?   ?   A . n 
A 1 89 ASN 89 422 ?   ?   ?   A . n 
A 1 90 VAL 90 423 ?   ?   ?   A . n 
# 
loop_
_pdbx_nonpoly_scheme.asym_id 
_pdbx_nonpoly_scheme.entity_id 
_pdbx_nonpoly_scheme.mon_id 
_pdbx_nonpoly_scheme.ndb_seq_num 
_pdbx_nonpoly_scheme.pdb_seq_num 
_pdbx_nonpoly_scheme.auth_seq_num 
_pdbx_nonpoly_scheme.pdb_mon_id 
_pdbx_nonpoly_scheme.auth_mon_id 
_pdbx_nonpoly_scheme.pdb_strand_id 
_pdbx_nonpoly_scheme.pdb_ins_code 
B 2 HOH 1  501 57 HOH HOH A . 
B 2 HOH 2  502 72 HOH HOH A . 
B 2 HOH 3  503 12 HOH HOH A . 
B 2 HOH 4  504 24 HOH HOH A . 
B 2 HOH 5  505 73 HOH HOH A . 
B 2 HOH 6  506 69 HOH HOH A . 
B 2 HOH 7  507 49 HOH HOH A . 
B 2 HOH 8  508 27 HOH HOH A . 
B 2 HOH 9  509 15 HOH HOH A . 
B 2 HOH 10 510 1  HOH HOH A . 
B 2 HOH 11 511 4  HOH HOH A . 
B 2 HOH 12 512 2  HOH HOH A . 
B 2 HOH 13 513 64 HOH HOH A . 
B 2 HOH 14 514 19 HOH HOH A . 
B 2 HOH 15 515 31 HOH HOH A . 
B 2 HOH 16 516 25 HOH HOH A . 
B 2 HOH 17 517 13 HOH HOH A . 
B 2 HOH 18 518 20 HOH HOH A . 
B 2 HOH 19 519 52 HOH HOH A . 
B 2 HOH 20 520 22 HOH HOH A . 
B 2 HOH 21 521 29 HOH HOH A . 
B 2 HOH 22 522 50 HOH HOH A . 
B 2 HOH 23 523 40 HOH HOH A . 
B 2 HOH 24 524 42 HOH HOH A . 
B 2 HOH 25 525 6  HOH HOH A . 
B 2 HOH 26 526 7  HOH HOH A . 
B 2 HOH 27 527 3  HOH HOH A . 
B 2 HOH 28 528 70 HOH HOH A . 
B 2 HOH 29 529 43 HOH HOH A . 
B 2 HOH 30 530 56 HOH HOH A . 
B 2 HOH 31 531 38 HOH HOH A . 
B 2 HOH 32 532 55 HOH HOH A . 
B 2 HOH 33 533 35 HOH HOH A . 
B 2 HOH 34 534 28 HOH HOH A . 
B 2 HOH 35 535 26 HOH HOH A . 
B 2 HOH 36 536 23 HOH HOH A . 
B 2 HOH 37 537 65 HOH HOH A . 
B 2 HOH 38 538 10 HOH HOH A . 
B 2 HOH 39 539 44 HOH HOH A . 
B 2 HOH 40 540 47 HOH HOH A . 
B 2 HOH 41 541 48 HOH HOH A . 
B 2 HOH 42 542 37 HOH HOH A . 
B 2 HOH 43 543 54 HOH HOH A . 
B 2 HOH 44 544 5  HOH HOH A . 
B 2 HOH 45 545 18 HOH HOH A . 
B 2 HOH 46 546 53 HOH HOH A . 
B 2 HOH 47 547 8  HOH HOH A . 
B 2 HOH 48 548 32 HOH HOH A . 
B 2 HOH 49 549 71 HOH HOH A . 
B 2 HOH 50 550 41 HOH HOH A . 
B 2 HOH 51 551 67 HOH HOH A . 
B 2 HOH 52 552 61 HOH HOH A . 
B 2 HOH 53 553 75 HOH HOH A . 
B 2 HOH 54 554 21 HOH HOH A . 
B 2 HOH 55 555 66 HOH HOH A . 
B 2 HOH 56 556 68 HOH HOH A . 
B 2 HOH 57 557 76 HOH HOH A . 
B 2 HOH 58 558 45 HOH HOH A . 
B 2 HOH 59 559 74 HOH HOH A . 
B 2 HOH 60 560 36 HOH HOH A . 
B 2 HOH 61 561 60 HOH HOH A . 
B 2 HOH 62 562 30 HOH HOH A . 
B 2 HOH 63 563 17 HOH HOH A . 
B 2 HOH 64 564 63 HOH HOH A . 
B 2 HOH 65 565 33 HOH HOH A . 
# 
loop_
_pdbx_unobs_or_zero_occ_atoms.id 
_pdbx_unobs_or_zero_occ_atoms.PDB_model_num 
_pdbx_unobs_or_zero_occ_atoms.polymer_flag 
_pdbx_unobs_or_zero_occ_atoms.occupancy_flag 
_pdbx_unobs_or_zero_occ_atoms.auth_asym_id 
_pdbx_unobs_or_zero_occ_atoms.auth_comp_id 
_pdbx_unobs_or_zero_occ_atoms.auth_seq_id 
_pdbx_unobs_or_zero_occ_atoms.PDB_ins_code 
_pdbx_unobs_or_zero_occ_atoms.auth_atom_id 
_pdbx_unobs_or_zero_occ_atoms.label_alt_id 
_pdbx_unobs_or_zero_occ_atoms.label_asym_id 
_pdbx_unobs_or_zero_occ_atoms.label_comp_id 
_pdbx_unobs_or_zero_occ_atoms.label_seq_id 
_pdbx_unobs_or_zero_occ_atoms.label_atom_id 
1 1 Y 1 A LYS 357 ? CD ? A LYS 24 CD 
2 1 Y 1 A LYS 357 ? CE ? A LYS 24 CE 
3 1 Y 1 A LYS 357 ? NZ ? A LYS 24 NZ 
4 1 Y 1 A LYS 377 ? CD ? A LYS 44 CD 
5 1 Y 1 A LYS 377 ? CE ? A LYS 44 CE 
6 1 Y 1 A LYS 377 ? NZ ? A LYS 44 NZ 
7 1 Y 1 A LYS 396 ? CE ? A LYS 63 CE 
8 1 Y 1 A LYS 396 ? NZ ? A LYS 63 NZ 
# 
loop_
_software.citation_id 
_software.classification 
_software.compiler_name 
_software.compiler_version 
_software.contact_author 
_software.contact_author_email 
_software.date 
_software.description 
_software.dependencies 
_software.hardware 
_software.language 
_software.location 
_software.mods 
_software.name 
_software.os 
_software.os_version 
_software.type 
_software.version 
_software.pdbx_ordinal 
? refinement       ? ? ? ? ? ? ? ? ? ? ? PHENIX  ? ? ? 1.14_3260 1 
? refinement       ? ? ? ? ? ? ? ? ? ? ? PHENIX  ? ? ? 1.14_3260 2 
? 'data reduction' ? ? ? ? ? ? ? ? ? ? ? Aimless ? ? ? .         3 
? 'data scaling'   ? ? ? ? ? ? ? ? ? ? ? Aimless ? ? ? .         4 
? phasing          ? ? ? ? ? ? ? ? ? ? ? PHASER  ? ? ? .         5 
# 
_cell.angle_alpha                  90.000 
_cell.angle_alpha_esd              ? 
_cell.angle_beta                   90.000 
_cell.angle_beta_esd               ? 
_cell.angle_gamma                  90.000 
_cell.angle_gamma_esd              ? 
_cell.entry_id                     7JJK 
_cell.details                      ? 
_cell.formula_units_Z              ? 
_cell.length_a                     33.770 
_cell.length_a_esd                 ? 
_cell.length_b                     35.700 
_cell.length_b_esd                 ? 
_cell.length_c                     52.910 
_cell.length_c_esd                 ? 
_cell.volume                       63787.903 
_cell.volume_esd                   ? 
_cell.Z_PDB                        4 
_cell.reciprocal_angle_alpha       ? 
_cell.reciprocal_angle_beta        ? 
_cell.reciprocal_angle_gamma       ? 
_cell.reciprocal_angle_alpha_esd   ? 
_cell.reciprocal_angle_beta_esd    ? 
_cell.reciprocal_angle_gamma_esd   ? 
_cell.reciprocal_length_a          ? 
_cell.reciprocal_length_b          ? 
_cell.reciprocal_length_c          ? 
_cell.reciprocal_length_a_esd      ? 
_cell.reciprocal_length_b_esd      ? 
_cell.reciprocal_length_c_esd      ? 
_cell.pdbx_unique_axis             ? 
# 
_symmetry.entry_id                         7JJK 
_symmetry.cell_setting                     ? 
_symmetry.Int_Tables_number                19 
_symmetry.space_group_name_Hall            'P 2ac 2ab' 
_symmetry.space_group_name_H-M             'P 21 21 21' 
_symmetry.pdbx_full_space_group_name_H-M   ? 
# 
_exptl.absorpt_coefficient_mu     ? 
_exptl.absorpt_correction_T_max   ? 
_exptl.absorpt_correction_T_min   ? 
_exptl.absorpt_correction_type    ? 
_exptl.absorpt_process_details    ? 
_exptl.entry_id                   7JJK 
_exptl.crystals_number            1 
_exptl.details                    ? 
_exptl.method                     'X-RAY DIFFRACTION' 
_exptl.method_details             ? 
# 
_exptl_crystal.colour                      ? 
_exptl_crystal.density_diffrn              ? 
_exptl_crystal.density_Matthews            1.52 
_exptl_crystal.density_method              ? 
_exptl_crystal.density_percent_sol         19 
_exptl_crystal.description                 ? 
_exptl_crystal.F_000                       ? 
_exptl_crystal.id                          1 
_exptl_crystal.preparation                 ? 
_exptl_crystal.size_max                    ? 
_exptl_crystal.size_mid                    ? 
_exptl_crystal.size_min                    ? 
_exptl_crystal.size_rad                    ? 
_exptl_crystal.colour_lustre               ? 
_exptl_crystal.colour_modifier             ? 
_exptl_crystal.colour_primary              ? 
_exptl_crystal.density_meas                ? 
_exptl_crystal.density_meas_esd            ? 
_exptl_crystal.density_meas_gt             ? 
_exptl_crystal.density_meas_lt             ? 
_exptl_crystal.density_meas_temp           ? 
_exptl_crystal.density_meas_temp_esd       ? 
_exptl_crystal.density_meas_temp_gt        ? 
_exptl_crystal.density_meas_temp_lt        ? 
_exptl_crystal.pdbx_crystal_image_url      ? 
_exptl_crystal.pdbx_crystal_image_format   ? 
_exptl_crystal.pdbx_mosaicity              ? 
_exptl_crystal.pdbx_mosaicity_esd          ? 
# 
_exptl_crystal_grow.apparatus       ? 
_exptl_crystal_grow.atmosphere      ? 
_exptl_crystal_grow.crystal_id      1 
_exptl_crystal_grow.details         ? 
_exptl_crystal_grow.method          'VAPOR DIFFUSION, HANGING DROP' 
_exptl_crystal_grow.method_ref      ? 
_exptl_crystal_grow.pH              4.6 
_exptl_crystal_grow.pressure        ? 
_exptl_crystal_grow.pressure_esd    ? 
_exptl_crystal_grow.seeding         ? 
_exptl_crystal_grow.seeding_ref     ? 
_exptl_crystal_grow.temp            296 
_exptl_crystal_grow.temp_details    ? 
_exptl_crystal_grow.temp_esd        ? 
_exptl_crystal_grow.time            ? 
_exptl_crystal_grow.pdbx_details    '0.1 M sodium acetate pH 4.6, 2 M ammonium sulfate' 
_exptl_crystal_grow.pdbx_pH_range   ? 
# 
_diffrn.ambient_environment              ? 
_diffrn.ambient_temp                     80 
_diffrn.ambient_temp_details             ? 
_diffrn.ambient_temp_esd                 ? 
_diffrn.crystal_id                       1 
_diffrn.crystal_support                  ? 
_diffrn.crystal_treatment                ? 
_diffrn.details                          ? 
_diffrn.id                               1 
_diffrn.ambient_pressure                 ? 
_diffrn.ambient_pressure_esd             ? 
_diffrn.ambient_pressure_gt              ? 
_diffrn.ambient_pressure_lt              ? 
_diffrn.ambient_temp_gt                  ? 
_diffrn.ambient_temp_lt                  ? 
_diffrn.pdbx_serial_crystal_experiment   N 
# 
_diffrn_detector.details                      ? 
_diffrn_detector.detector                     PIXEL 
_diffrn_detector.diffrn_id                    1 
_diffrn_detector.type                         'DECTRIS EIGER X 16M' 
_diffrn_detector.area_resol_mean              ? 
_diffrn_detector.dtime                        ? 
_diffrn_detector.pdbx_frames_total            ? 
_diffrn_detector.pdbx_collection_time_total   ? 
_diffrn_detector.pdbx_collection_date         2020-02-12 
_diffrn_detector.pdbx_frequency               ? 
# 
_diffrn_radiation.collimation                      ? 
_diffrn_radiation.diffrn_id                        1 
_diffrn_radiation.filter_edge                      ? 
_diffrn_radiation.inhomogeneity                    ? 
_diffrn_radiation.monochromator                    ? 
_diffrn_radiation.polarisn_norm                    ? 
_diffrn_radiation.polarisn_ratio                   ? 
_diffrn_radiation.probe                            ? 
_diffrn_radiation.type                             ? 
_diffrn_radiation.xray_symbol                      ? 
_diffrn_radiation.wavelength_id                    1 
_diffrn_radiation.pdbx_monochromatic_or_laue_m_l   M 
_diffrn_radiation.pdbx_wavelength_list             ? 
_diffrn_radiation.pdbx_wavelength                  ? 
_diffrn_radiation.pdbx_diffrn_protocol             'SINGLE WAVELENGTH' 
_diffrn_radiation.pdbx_analyzer                    ? 
_diffrn_radiation.pdbx_scattering_type             x-ray 
# 
_diffrn_radiation_wavelength.id           1 
_diffrn_radiation_wavelength.wavelength   0.95372 
_diffrn_radiation_wavelength.wt           1.0 
# 
_diffrn_source.current                     ? 
_diffrn_source.details                     ? 
_diffrn_source.diffrn_id                   1 
_diffrn_source.power                       ? 
_diffrn_source.size                        ? 
_diffrn_source.source                      SYNCHROTRON 
_diffrn_source.target                      ? 
_diffrn_source.type                        'AUSTRALIAN SYNCHROTRON BEAMLINE MX2' 
_diffrn_source.voltage                     ? 
_diffrn_source.take-off_angle              ? 
_diffrn_source.pdbx_wavelength_list        0.95372 
_diffrn_source.pdbx_wavelength             ? 
_diffrn_source.pdbx_synchrotron_beamline   MX2 
_diffrn_source.pdbx_synchrotron_site       'Australian Synchrotron' 
# 
_reflns.B_iso_Wilson_estimate            12.63 
_reflns.entry_id                         7JJK 
_reflns.data_reduction_details           ? 
_reflns.data_reduction_method            ? 
_reflns.d_resolution_high                1.40 
_reflns.d_resolution_low                 17.99 
_reflns.details                          ? 
_reflns.limit_h_max                      ? 
_reflns.limit_h_min                      ? 
_reflns.limit_k_max                      ? 
_reflns.limit_k_min                      ? 
_reflns.limit_l_max                      ? 
_reflns.limit_l_min                      ? 
_reflns.number_all                       ? 
_reflns.number_obs                       13155 
_reflns.observed_criterion               ? 
_reflns.observed_criterion_F_max         ? 
_reflns.observed_criterion_F_min         ? 
_reflns.observed_criterion_I_max         ? 
_reflns.observed_criterion_I_min         ? 
_reflns.observed_criterion_sigma_F       ? 
_reflns.observed_criterion_sigma_I       ? 
_reflns.percent_possible_obs             99.9 
_reflns.R_free_details                   ? 
_reflns.Rmerge_F_all                     ? 
_reflns.Rmerge_F_obs                     ? 
_reflns.Friedel_coverage                 ? 
_reflns.number_gt                        ? 
_reflns.threshold_expression             ? 
_reflns.pdbx_redundancy                  11.8 
_reflns.pdbx_Rmerge_I_obs                ? 
_reflns.pdbx_Rmerge_I_all                ? 
_reflns.pdbx_Rsym_value                  ? 
_reflns.pdbx_netI_over_av_sigmaI         ? 
_reflns.pdbx_netI_over_sigmaI            17.8 
_reflns.pdbx_res_netI_over_av_sigmaI_2   ? 
_reflns.pdbx_res_netI_over_sigmaI_2      ? 
_reflns.pdbx_chi_squared                 ? 
_reflns.pdbx_scaling_rejects             ? 
_reflns.pdbx_d_res_high_opt              ? 
_reflns.pdbx_d_res_low_opt               ? 
_reflns.pdbx_d_res_opt_method            ? 
_reflns.phase_calculation_details        ? 
_reflns.pdbx_Rrim_I_all                  ? 
_reflns.pdbx_Rpim_I_all                  ? 
_reflns.pdbx_d_opt                       ? 
_reflns.pdbx_number_measured_all         ? 
_reflns.pdbx_diffrn_id                   1 
_reflns.pdbx_ordinal                     1 
_reflns.pdbx_CC_half                     0.999 
_reflns.pdbx_CC_star                     ? 
_reflns.pdbx_R_split                     ? 
# 
_reflns_shell.d_res_high                  1.40 
_reflns_shell.d_res_low                   1.42 
_reflns_shell.meanI_over_sigI_all         ? 
_reflns_shell.meanI_over_sigI_obs         ? 
_reflns_shell.number_measured_all         ? 
_reflns_shell.number_measured_obs         ? 
_reflns_shell.number_possible             ? 
_reflns_shell.number_unique_all           ? 
_reflns_shell.number_unique_obs           656 
_reflns_shell.percent_possible_all        ? 
_reflns_shell.percent_possible_obs        ? 
_reflns_shell.Rmerge_F_all                ? 
_reflns_shell.Rmerge_F_obs                ? 
_reflns_shell.Rmerge_I_all                ? 
_reflns_shell.Rmerge_I_obs                ? 
_reflns_shell.meanI_over_sigI_gt          ? 
_reflns_shell.meanI_over_uI_all           ? 
_reflns_shell.meanI_over_uI_gt            ? 
_reflns_shell.number_measured_gt          ? 
_reflns_shell.number_unique_gt            ? 
_reflns_shell.percent_possible_gt         ? 
_reflns_shell.Rmerge_F_gt                 ? 
_reflns_shell.Rmerge_I_gt                 ? 
_reflns_shell.pdbx_redundancy             ? 
_reflns_shell.pdbx_Rsym_value             ? 
_reflns_shell.pdbx_chi_squared            ? 
_reflns_shell.pdbx_netI_over_sigmaI_all   ? 
_reflns_shell.pdbx_netI_over_sigmaI_obs   ? 
_reflns_shell.pdbx_Rrim_I_all             ? 
_reflns_shell.pdbx_Rpim_I_all             ? 
_reflns_shell.pdbx_rejects                ? 
_reflns_shell.pdbx_ordinal                1 
_reflns_shell.pdbx_diffrn_id              1 
_reflns_shell.pdbx_CC_half                0.968 
_reflns_shell.pdbx_CC_star                ? 
_reflns_shell.pdbx_R_split                ? 
# 
_refine.aniso_B[1][1]                            ? 
_refine.aniso_B[1][2]                            ? 
_refine.aniso_B[1][3]                            ? 
_refine.aniso_B[2][2]                            ? 
_refine.aniso_B[2][3]                            ? 
_refine.aniso_B[3][3]                            ? 
_refine.B_iso_max                                ? 
_refine.B_iso_mean                               20.26 
_refine.B_iso_min                                ? 
_refine.correlation_coeff_Fo_to_Fc               ? 
_refine.correlation_coeff_Fo_to_Fc_free          ? 
_refine.details                                  ? 
_refine.diff_density_max                         ? 
_refine.diff_density_max_esd                     ? 
_refine.diff_density_min                         ? 
_refine.diff_density_min_esd                     ? 
_refine.diff_density_rms                         ? 
_refine.diff_density_rms_esd                     ? 
_refine.entry_id                                 7JJK 
_refine.pdbx_refine_id                           'X-RAY DIFFRACTION' 
_refine.ls_abs_structure_details                 ? 
_refine.ls_abs_structure_Flack                   ? 
_refine.ls_abs_structure_Flack_esd               ? 
_refine.ls_abs_structure_Rogers                  ? 
_refine.ls_abs_structure_Rogers_esd              ? 
_refine.ls_d_res_high                            1.40 
_refine.ls_d_res_low                             17.99 
_refine.ls_extinction_coef                       ? 
_refine.ls_extinction_coef_esd                   ? 
_refine.ls_extinction_expression                 ? 
_refine.ls_extinction_method                     ? 
_refine.ls_goodness_of_fit_all                   ? 
_refine.ls_goodness_of_fit_all_esd               ? 
_refine.ls_goodness_of_fit_obs                   ? 
_refine.ls_goodness_of_fit_obs_esd               ? 
_refine.ls_hydrogen_treatment                    ? 
_refine.ls_matrix_type                           ? 
_refine.ls_number_constraints                    ? 
_refine.ls_number_parameters                     ? 
_refine.ls_number_reflns_all                     ? 
_refine.ls_number_reflns_obs                     13111 
_refine.ls_number_reflns_R_free                  626 
_refine.ls_number_reflns_R_work                  12485 
_refine.ls_number_restraints                     ? 
_refine.ls_percent_reflns_obs                    99.89 
_refine.ls_percent_reflns_R_free                 4.77 
_refine.ls_R_factor_all                          ? 
_refine.ls_R_factor_obs                          0.1749 
_refine.ls_R_factor_R_free                       0.1992 
_refine.ls_R_factor_R_free_error                 ? 
_refine.ls_R_factor_R_free_error_details         ? 
_refine.ls_R_factor_R_work                       0.1737 
_refine.ls_R_Fsqd_factor_obs                     ? 
_refine.ls_R_I_factor_obs                        ? 
_refine.ls_redundancy_reflns_all                 ? 
_refine.ls_redundancy_reflns_obs                 ? 
_refine.ls_restrained_S_all                      ? 
_refine.ls_restrained_S_obs                      ? 
_refine.ls_shift_over_esd_max                    ? 
_refine.ls_shift_over_esd_mean                   ? 
_refine.ls_structure_factor_coef                 ? 
_refine.ls_weighting_details                     ? 
_refine.ls_weighting_scheme                      ? 
_refine.ls_wR_factor_all                         ? 
_refine.ls_wR_factor_obs                         ? 
_refine.ls_wR_factor_R_free                      ? 
_refine.ls_wR_factor_R_work                      ? 
_refine.occupancy_max                            ? 
_refine.occupancy_min                            ? 
_refine.solvent_model_details                    'FLAT BULK SOLVENT MODEL' 
_refine.solvent_model_param_bsol                 ? 
_refine.solvent_model_param_ksol                 ? 
_refine.pdbx_R_complete                          ? 
_refine.ls_R_factor_gt                           ? 
_refine.ls_goodness_of_fit_gt                    ? 
_refine.ls_goodness_of_fit_ref                   ? 
_refine.ls_shift_over_su_max                     ? 
_refine.ls_shift_over_su_max_lt                  ? 
_refine.ls_shift_over_su_mean                    ? 
_refine.ls_shift_over_su_mean_lt                 ? 
_refine.pdbx_ls_sigma_I                          ? 
_refine.pdbx_ls_sigma_F                          1.35 
_refine.pdbx_ls_sigma_Fsqd                       ? 
_refine.pdbx_data_cutoff_high_absF               ? 
_refine.pdbx_data_cutoff_high_rms_absF           ? 
_refine.pdbx_data_cutoff_low_absF                ? 
_refine.pdbx_isotropic_thermal_model             ? 
_refine.pdbx_ls_cross_valid_method               'FREE R-VALUE' 
_refine.pdbx_method_to_determine_struct          'MOLECULAR REPLACEMENT' 
_refine.pdbx_starting_model                      1O4X 
_refine.pdbx_stereochemistry_target_values       'CDL v1.2' 
_refine.pdbx_R_Free_selection_details            ? 
_refine.pdbx_stereochem_target_val_spec_case     ? 
_refine.pdbx_overall_ESU_R                       ? 
_refine.pdbx_overall_ESU_R_Free                  ? 
_refine.pdbx_solvent_vdw_probe_radii             1.1100 
_refine.pdbx_solvent_ion_probe_radii             ? 
_refine.pdbx_solvent_shrinkage_radii             0.9000 
_refine.pdbx_real_space_R                        ? 
_refine.pdbx_density_correlation                 ? 
_refine.pdbx_pd_number_of_powder_patterns        ? 
_refine.pdbx_pd_number_of_points                 ? 
_refine.pdbx_pd_meas_number_of_points            ? 
_refine.pdbx_pd_proc_ls_prof_R_factor            ? 
_refine.pdbx_pd_proc_ls_prof_wR_factor           ? 
_refine.pdbx_pd_Marquardt_correlation_coeff      ? 
_refine.pdbx_pd_Fsqrd_R_factor                   ? 
_refine.pdbx_pd_ls_matrix_band_width             ? 
_refine.pdbx_overall_phase_error                 24.0283 
_refine.pdbx_overall_SU_R_free_Cruickshank_DPI   ? 
_refine.pdbx_overall_SU_R_free_Blow_DPI          ? 
_refine.pdbx_overall_SU_R_Blow_DPI               ? 
_refine.pdbx_TLS_residual_ADP_flag               ? 
_refine.pdbx_diffrn_id                           1 
_refine.overall_SU_B                             ? 
_refine.overall_SU_ML                            0.0976 
_refine.overall_SU_R_Cruickshank_DPI             ? 
_refine.overall_SU_R_free                        ? 
_refine.overall_FOM_free_R_set                   ? 
_refine.overall_FOM_work_R_set                   ? 
_refine.pdbx_average_fsc_overall                 ? 
_refine.pdbx_average_fsc_work                    ? 
_refine.pdbx_average_fsc_free                    ? 
# 
_refine_hist.pdbx_refine_id                   'X-RAY DIFFRACTION' 
_refine_hist.cycle_id                         LAST 
_refine_hist.details                          ? 
_refine_hist.d_res_high                       1.40 
_refine_hist.d_res_low                        17.99 
_refine_hist.number_atoms_solvent             65 
_refine_hist.number_atoms_total               642 
_refine_hist.number_reflns_all                ? 
_refine_hist.number_reflns_obs                ? 
_refine_hist.number_reflns_R_free             ? 
_refine_hist.number_reflns_R_work             ? 
_refine_hist.R_factor_all                     ? 
_refine_hist.R_factor_obs                     ? 
_refine_hist.R_factor_R_free                  ? 
_refine_hist.R_factor_R_work                  ? 
_refine_hist.pdbx_number_residues_total       ? 
_refine_hist.pdbx_B_iso_mean_ligand           ? 
_refine_hist.pdbx_B_iso_mean_solvent          ? 
_refine_hist.pdbx_number_atoms_protein        577 
_refine_hist.pdbx_number_atoms_nucleic_acid   0 
_refine_hist.pdbx_number_atoms_ligand         0 
_refine_hist.pdbx_number_atoms_lipid          ? 
_refine_hist.pdbx_number_atoms_carb           ? 
_refine_hist.pdbx_pseudo_atom_details         ? 
# 
loop_
_refine_ls_restr.pdbx_refine_id 
_refine_ls_restr.criterion 
_refine_ls_restr.dev_ideal 
_refine_ls_restr.dev_ideal_target 
_refine_ls_restr.number 
_refine_ls_restr.rejects 
_refine_ls_restr.type 
_refine_ls_restr.weight 
_refine_ls_restr.pdbx_restraint_function 
'X-RAY DIFFRACTION' ? 0.0093 ? 600 ? f_bond_d           ? ? 
'X-RAY DIFFRACTION' ? 1.1916 ? 814 ? f_angle_d          ? ? 
'X-RAY DIFFRACTION' ? 0.0885 ? 80  ? f_chiral_restr     ? ? 
'X-RAY DIFFRACTION' ? 0.0072 ? 108 ? f_plane_restr      ? ? 
'X-RAY DIFFRACTION' ? 2.5830 ? 370 ? f_dihedral_angle_d ? ? 
# 
loop_
_refine_ls_shell.pdbx_refine_id 
_refine_ls_shell.d_res_high 
_refine_ls_shell.d_res_low 
_refine_ls_shell.number_reflns_all 
_refine_ls_shell.number_reflns_obs 
_refine_ls_shell.number_reflns_R_free 
_refine_ls_shell.number_reflns_R_work 
_refine_ls_shell.percent_reflns_obs 
_refine_ls_shell.percent_reflns_R_free 
_refine_ls_shell.R_factor_all 
_refine_ls_shell.R_factor_obs 
_refine_ls_shell.R_factor_R_free 
_refine_ls_shell.R_factor_R_free_error 
_refine_ls_shell.R_factor_R_work 
_refine_ls_shell.redundancy_reflns_all 
_refine_ls_shell.redundancy_reflns_obs 
_refine_ls_shell.wR_factor_all 
_refine_ls_shell.wR_factor_obs 
_refine_ls_shell.wR_factor_R_free 
_refine_ls_shell.wR_factor_R_work 
_refine_ls_shell.pdbx_R_complete 
_refine_ls_shell.pdbx_total_number_of_bins_used 
_refine_ls_shell.pdbx_phase_error 
_refine_ls_shell.pdbx_fsc_work 
_refine_ls_shell.pdbx_fsc_free 
'X-RAY DIFFRACTION' 1.40 1.54  . . 142 3068 99.75  . . . 0.2469 . 0.1917 . . . . . . . . . . . 
'X-RAY DIFFRACTION' 1.54 1.76  . . 137 3095 99.94  . . . 0.1967 . 0.1712 . . . . . . . . . . . 
'X-RAY DIFFRACTION' 1.76 2.22  . . 146 3113 100.00 . . . 0.1998 . 0.1761 . . . . . . . . . . . 
'X-RAY DIFFRACTION' 2.22 17.99 . . 201 3209 99.88  . . . 0.1938 . 0.1704 . . . . . . . . . . . 
# 
_struct.entry_id                     7JJK 
_struct.title                        'Crystal structure of SOX30' 
_struct.pdbx_model_details           ? 
_struct.pdbx_formula_weight          ? 
_struct.pdbx_formula_weight_method   ? 
_struct.pdbx_model_type_details      ? 
_struct.pdbx_CASP_flag               N 
# 
_struct_keywords.entry_id        7JJK 
_struct_keywords.text            'High mobility group, SOX30, SOX, transcription factor, HMG box, TRANSCRIPTION' 
_struct_keywords.pdbx_keywords   TRANSCRIPTION 
# 
loop_
_struct_asym.id 
_struct_asym.pdbx_blank_PDB_chainid_flag 
_struct_asym.pdbx_modified 
_struct_asym.entity_id 
_struct_asym.details 
A N N 1 ? 
B N N 2 ? 
# 
_struct_ref.id                         1 
_struct_ref.db_name                    UNP 
_struct_ref.db_code                    B4DXW7_HUMAN 
_struct_ref.pdbx_db_accession          B4DXW7 
_struct_ref.pdbx_db_isoform            ? 
_struct_ref.entity_id                  1 
_struct_ref.pdbx_seq_one_letter_code   
;GHVKRPMNAFMVWARIHRPALAKANPAANNAEISVQLGLEWNKLSEEQKKPYYDEAQKIKEKHREEFPGWVYQPRPGKRK
RFPLSVSNV
;
_struct_ref.pdbx_align_begin           30 
# 
_struct_ref_seq.align_id                      1 
_struct_ref_seq.ref_id                        1 
_struct_ref_seq.pdbx_PDB_id_code              7JJK 
_struct_ref_seq.pdbx_strand_id                A 
_struct_ref_seq.seq_align_beg                 2 
_struct_ref_seq.pdbx_seq_align_beg_ins_code   ? 
_struct_ref_seq.seq_align_end                 90 
_struct_ref_seq.pdbx_seq_align_end_ins_code   ? 
_struct_ref_seq.pdbx_db_accession             B4DXW7 
_struct_ref_seq.db_align_beg                  30 
_struct_ref_seq.pdbx_db_align_beg_ins_code    ? 
_struct_ref_seq.db_align_end                  118 
_struct_ref_seq.pdbx_db_align_end_ins_code    ? 
_struct_ref_seq.pdbx_auth_seq_align_beg       335 
_struct_ref_seq.pdbx_auth_seq_align_end       423 
# 
_struct_ref_seq_dif.align_id                     1 
_struct_ref_seq_dif.pdbx_pdb_id_code             7JJK 
_struct_ref_seq_dif.mon_id                       SER 
_struct_ref_seq_dif.pdbx_pdb_strand_id           A 
_struct_ref_seq_dif.seq_num                      1 
_struct_ref_seq_dif.pdbx_pdb_ins_code            ? 
_struct_ref_seq_dif.pdbx_seq_db_name             UNP 
_struct_ref_seq_dif.pdbx_seq_db_accession_code   B4DXW7 
_struct_ref_seq_dif.db_mon_id                    ? 
_struct_ref_seq_dif.pdbx_seq_db_seq_num          ? 
_struct_ref_seq_dif.details                      'expression tag' 
_struct_ref_seq_dif.pdbx_auth_seq_num            334 
_struct_ref_seq_dif.pdbx_ordinal                 1 
# 
_pdbx_struct_assembly.id                   1 
_pdbx_struct_assembly.details              author_and_software_defined_assembly 
_pdbx_struct_assembly.method_details       PISA 
_pdbx_struct_assembly.oligomeric_details   monomeric 
_pdbx_struct_assembly.oligomeric_count     1 
# 
_pdbx_struct_assembly_gen.assembly_id       1 
_pdbx_struct_assembly_gen.oper_expression   1 
_pdbx_struct_assembly_gen.asym_id_list      A,B 
# 
_pdbx_struct_assembly_auth_evidence.id                     1 
_pdbx_struct_assembly_auth_evidence.assembly_id            1 
_pdbx_struct_assembly_auth_evidence.experimental_support   'gel filtration' 
_pdbx_struct_assembly_auth_evidence.details                ? 
# 
_pdbx_struct_oper_list.id                   1 
_pdbx_struct_oper_list.type                 'identity operation' 
_pdbx_struct_oper_list.name                 1_555 
_pdbx_struct_oper_list.symmetry_operation   x,y,z 
_pdbx_struct_oper_list.matrix[1][1]         1.0000000000 
_pdbx_struct_oper_list.matrix[1][2]         0.0000000000 
_pdbx_struct_oper_list.matrix[1][3]         0.0000000000 
_pdbx_struct_oper_list.vector[1]            0.0000000000 
_pdbx_struct_oper_list.matrix[2][1]         0.0000000000 
_pdbx_struct_oper_list.matrix[2][2]         1.0000000000 
_pdbx_struct_oper_list.matrix[2][3]         0.0000000000 
_pdbx_struct_oper_list.vector[2]            0.0000000000 
_pdbx_struct_oper_list.matrix[3][1]         0.0000000000 
_pdbx_struct_oper_list.matrix[3][2]         0.0000000000 
_pdbx_struct_oper_list.matrix[3][3]         1.0000000000 
_pdbx_struct_oper_list.vector[3]            0.0000000000 
# 
loop_
_struct_conf.conf_type_id 
_struct_conf.id 
_struct_conf.pdbx_PDB_helix_id 
_struct_conf.beg_label_comp_id 
_struct_conf.beg_label_asym_id 
_struct_conf.beg_label_seq_id 
_struct_conf.pdbx_beg_PDB_ins_code 
_struct_conf.end_label_comp_id 
_struct_conf.end_label_asym_id 
_struct_conf.end_label_seq_id 
_struct_conf.pdbx_end_PDB_ins_code 
_struct_conf.beg_auth_comp_id 
_struct_conf.beg_auth_asym_id 
_struct_conf.beg_auth_seq_id 
_struct_conf.end_auth_comp_id 
_struct_conf.end_auth_asym_id 
_struct_conf.end_auth_seq_id 
_struct_conf.pdbx_PDB_helix_class 
_struct_conf.details 
_struct_conf.pdbx_PDB_helix_length 
HELX_P HELX_P1 AA1 ARG A 6  ? ASN A 26 ? ARG A 339 ASN A 359 1 ? 21 
HELX_P HELX_P2 AA2 ASN A 30 ? LEU A 45 ? ASN A 363 LEU A 378 1 ? 16 
HELX_P HELX_P3 AA3 SER A 46 ? GLU A 66 ? SER A 379 GLU A 399 1 ? 21 
# 
_struct_conf_type.id          HELX_P 
_struct_conf_type.criteria    ? 
_struct_conf_type.reference   ? 
# 
_pdbx_entry_details.entry_id                   7JJK 
_pdbx_entry_details.compound_details           ? 
_pdbx_entry_details.source_details             ? 
_pdbx_entry_details.nonpolymer_details         ? 
_pdbx_entry_details.sequence_details           ? 
_pdbx_entry_details.has_ligand_of_interest     ? 
_pdbx_entry_details.has_protein_modification   N 
# 
loop_
_space_group_symop.id 
_space_group_symop.operation_xyz 
1 x,y,z           
2 x+1/2,-y+1/2,-z 
3 -x,y+1/2,-z+1/2 
4 -x+1/2,-y,z+1/2 
# 
loop_
_pdbx_unobs_or_zero_occ_residues.id 
_pdbx_unobs_or_zero_occ_residues.PDB_model_num 
_pdbx_unobs_or_zero_occ_residues.polymer_flag 
_pdbx_unobs_or_zero_occ_residues.occupancy_flag 
_pdbx_unobs_or_zero_occ_residues.auth_asym_id 
_pdbx_unobs_or_zero_occ_residues.auth_comp_id 
_pdbx_unobs_or_zero_occ_residues.auth_seq_id 
_pdbx_unobs_or_zero_occ_residues.PDB_ins_code 
_pdbx_unobs_or_zero_occ_residues.label_asym_id 
_pdbx_unobs_or_zero_occ_residues.label_comp_id 
_pdbx_unobs_or_zero_occ_residues.label_seq_id 
1  1 Y 1 A SER 334 ? A SER 1  
2  1 Y 1 A TYR 406 ? A TYR 73 
3  1 Y 1 A GLN 407 ? A GLN 74 
4  1 Y 1 A PRO 408 ? A PRO 75 
5  1 Y 1 A ARG 409 ? A ARG 76 
6  1 Y 1 A PRO 410 ? A PRO 77 
7  1 Y 1 A GLY 411 ? A GLY 78 
8  1 Y 1 A LYS 412 ? A LYS 79 
9  1 Y 1 A ARG 413 ? A ARG 80 
10 1 Y 1 A LYS 414 ? A LYS 81 
11 1 Y 1 A ARG 415 ? A ARG 82 
12 1 Y 1 A PHE 416 ? A PHE 83 
13 1 Y 1 A PRO 417 ? A PRO 84 
14 1 Y 1 A LEU 418 ? A LEU 85 
15 1 Y 1 A SER 419 ? A SER 86 
16 1 Y 1 A VAL 420 ? A VAL 87 
17 1 Y 1 A SER 421 ? A SER 88 
18 1 Y 1 A ASN 422 ? A ASN 89 
19 1 Y 1 A VAL 423 ? A VAL 90 
# 
loop_
_chem_comp_atom.comp_id 
_chem_comp_atom.atom_id 
_chem_comp_atom.type_symbol 
_chem_comp_atom.pdbx_aromatic_flag 
_chem_comp_atom.pdbx_stereo_config 
_chem_comp_atom.pdbx_ordinal 
ALA N    N N N 1   
ALA CA   C N S 2   
ALA C    C N N 3   
ALA O    O N N 4   
ALA CB   C N N 5   
ALA OXT  O N N 6   
ALA H    H N N 7   
ALA H2   H N N 8   
ALA HA   H N N 9   
ALA HB1  H N N 10  
ALA HB2  H N N 11  
ALA HB3  H N N 12  
ALA HXT  H N N 13  
ARG N    N N N 14  
ARG CA   C N S 15  
ARG C    C N N 16  
ARG O    O N N 17  
ARG CB   C N N 18  
ARG CG   C N N 19  
ARG CD   C N N 20  
ARG NE   N N N 21  
ARG CZ   C N N 22  
ARG NH1  N N N 23  
ARG NH2  N N N 24  
ARG OXT  O N N 25  
ARG H    H N N 26  
ARG H2   H N N 27  
ARG HA   H N N 28  
ARG HB2  H N N 29  
ARG HB3  H N N 30  
ARG HG2  H N N 31  
ARG HG3  H N N 32  
ARG HD2  H N N 33  
ARG HD3  H N N 34  
ARG HE   H N N 35  
ARG HH11 H N N 36  
ARG HH12 H N N 37  
ARG HH21 H N N 38  
ARG HH22 H N N 39  
ARG HXT  H N N 40  
ASN N    N N N 41  
ASN CA   C N S 42  
ASN C    C N N 43  
ASN O    O N N 44  
ASN CB   C N N 45  
ASN CG   C N N 46  
ASN OD1  O N N 47  
ASN ND2  N N N 48  
ASN OXT  O N N 49  
ASN H    H N N 50  
ASN H2   H N N 51  
ASN HA   H N N 52  
ASN HB2  H N N 53  
ASN HB3  H N N 54  
ASN HD21 H N N 55  
ASN HD22 H N N 56  
ASN HXT  H N N 57  
ASP N    N N N 58  
ASP CA   C N S 59  
ASP C    C N N 60  
ASP O    O N N 61  
ASP CB   C N N 62  
ASP CG   C N N 63  
ASP OD1  O N N 64  
ASP OD2  O N N 65  
ASP OXT  O N N 66  
ASP H    H N N 67  
ASP H2   H N N 68  
ASP HA   H N N 69  
ASP HB2  H N N 70  
ASP HB3  H N N 71  
ASP HD2  H N N 72  
ASP HXT  H N N 73  
GLN N    N N N 74  
GLN CA   C N S 75  
GLN C    C N N 76  
GLN O    O N N 77  
GLN CB   C N N 78  
GLN CG   C N N 79  
GLN CD   C N N 80  
GLN OE1  O N N 81  
GLN NE2  N N N 82  
GLN OXT  O N N 83  
GLN H    H N N 84  
GLN H2   H N N 85  
GLN HA   H N N 86  
GLN HB2  H N N 87  
GLN HB3  H N N 88  
GLN HG2  H N N 89  
GLN HG3  H N N 90  
GLN HE21 H N N 91  
GLN HE22 H N N 92  
GLN HXT  H N N 93  
GLU N    N N N 94  
GLU CA   C N S 95  
GLU C    C N N 96  
GLU O    O N N 97  
GLU CB   C N N 98  
GLU CG   C N N 99  
GLU CD   C N N 100 
GLU OE1  O N N 101 
GLU OE2  O N N 102 
GLU OXT  O N N 103 
GLU H    H N N 104 
GLU H2   H N N 105 
GLU HA   H N N 106 
GLU HB2  H N N 107 
GLU HB3  H N N 108 
GLU HG2  H N N 109 
GLU HG3  H N N 110 
GLU HE2  H N N 111 
GLU HXT  H N N 112 
GLY N    N N N 113 
GLY CA   C N N 114 
GLY C    C N N 115 
GLY O    O N N 116 
GLY OXT  O N N 117 
GLY H    H N N 118 
GLY H2   H N N 119 
GLY HA2  H N N 120 
GLY HA3  H N N 121 
GLY HXT  H N N 122 
HIS N    N N N 123 
HIS CA   C N S 124 
HIS C    C N N 125 
HIS O    O N N 126 
HIS CB   C N N 127 
HIS CG   C Y N 128 
HIS ND1  N Y N 129 
HIS CD2  C Y N 130 
HIS CE1  C Y N 131 
HIS NE2  N Y N 132 
HIS OXT  O N N 133 
HIS H    H N N 134 
HIS H2   H N N 135 
HIS HA   H N N 136 
HIS HB2  H N N 137 
HIS HB3  H N N 138 
HIS HD1  H N N 139 
HIS HD2  H N N 140 
HIS HE1  H N N 141 
HIS HE2  H N N 142 
HIS HXT  H N N 143 
HOH O    O N N 144 
HOH H1   H N N 145 
HOH H2   H N N 146 
ILE N    N N N 147 
ILE CA   C N S 148 
ILE C    C N N 149 
ILE O    O N N 150 
ILE CB   C N S 151 
ILE CG1  C N N 152 
ILE CG2  C N N 153 
ILE CD1  C N N 154 
ILE OXT  O N N 155 
ILE H    H N N 156 
ILE H2   H N N 157 
ILE HA   H N N 158 
ILE HB   H N N 159 
ILE HG12 H N N 160 
ILE HG13 H N N 161 
ILE HG21 H N N 162 
ILE HG22 H N N 163 
ILE HG23 H N N 164 
ILE HD11 H N N 165 
ILE HD12 H N N 166 
ILE HD13 H N N 167 
ILE HXT  H N N 168 
LEU N    N N N 169 
LEU CA   C N S 170 
LEU C    C N N 171 
LEU O    O N N 172 
LEU CB   C N N 173 
LEU CG   C N N 174 
LEU CD1  C N N 175 
LEU CD2  C N N 176 
LEU OXT  O N N 177 
LEU H    H N N 178 
LEU H2   H N N 179 
LEU HA   H N N 180 
LEU HB2  H N N 181 
LEU HB3  H N N 182 
LEU HG   H N N 183 
LEU HD11 H N N 184 
LEU HD12 H N N 185 
LEU HD13 H N N 186 
LEU HD21 H N N 187 
LEU HD22 H N N 188 
LEU HD23 H N N 189 
LEU HXT  H N N 190 
LYS N    N N N 191 
LYS CA   C N S 192 
LYS C    C N N 193 
LYS O    O N N 194 
LYS CB   C N N 195 
LYS CG   C N N 196 
LYS CD   C N N 197 
LYS CE   C N N 198 
LYS NZ   N N N 199 
LYS OXT  O N N 200 
LYS H    H N N 201 
LYS H2   H N N 202 
LYS HA   H N N 203 
LYS HB2  H N N 204 
LYS HB3  H N N 205 
LYS HG2  H N N 206 
LYS HG3  H N N 207 
LYS HD2  H N N 208 
LYS HD3  H N N 209 
LYS HE2  H N N 210 
LYS HE3  H N N 211 
LYS HZ1  H N N 212 
LYS HZ2  H N N 213 
LYS HZ3  H N N 214 
LYS HXT  H N N 215 
MET N    N N N 216 
MET CA   C N S 217 
MET C    C N N 218 
MET O    O N N 219 
MET CB   C N N 220 
MET CG   C N N 221 
MET SD   S N N 222 
MET CE   C N N 223 
MET OXT  O N N 224 
MET H    H N N 225 
MET H2   H N N 226 
MET HA   H N N 227 
MET HB2  H N N 228 
MET HB3  H N N 229 
MET HG2  H N N 230 
MET HG3  H N N 231 
MET HE1  H N N 232 
MET HE2  H N N 233 
MET HE3  H N N 234 
MET HXT  H N N 235 
PHE N    N N N 236 
PHE CA   C N S 237 
PHE C    C N N 238 
PHE O    O N N 239 
PHE CB   C N N 240 
PHE CG   C Y N 241 
PHE CD1  C Y N 242 
PHE CD2  C Y N 243 
PHE CE1  C Y N 244 
PHE CE2  C Y N 245 
PHE CZ   C Y N 246 
PHE OXT  O N N 247 
PHE H    H N N 248 
PHE H2   H N N 249 
PHE HA   H N N 250 
PHE HB2  H N N 251 
PHE HB3  H N N 252 
PHE HD1  H N N 253 
PHE HD2  H N N 254 
PHE HE1  H N N 255 
PHE HE2  H N N 256 
PHE HZ   H N N 257 
PHE HXT  H N N 258 
PRO N    N N N 259 
PRO CA   C N S 260 
PRO C    C N N 261 
PRO O    O N N 262 
PRO CB   C N N 263 
PRO CG   C N N 264 
PRO CD   C N N 265 
PRO OXT  O N N 266 
PRO H    H N N 267 
PRO HA   H N N 268 
PRO HB2  H N N 269 
PRO HB3  H N N 270 
PRO HG2  H N N 271 
PRO HG3  H N N 272 
PRO HD2  H N N 273 
PRO HD3  H N N 274 
PRO HXT  H N N 275 
SER N    N N N 276 
SER CA   C N S 277 
SER C    C N N 278 
SER O    O N N 279 
SER CB   C N N 280 
SER OG   O N N 281 
SER OXT  O N N 282 
SER H    H N N 283 
SER H2   H N N 284 
SER HA   H N N 285 
SER HB2  H N N 286 
SER HB3  H N N 287 
SER HG   H N N 288 
SER HXT  H N N 289 
TRP N    N N N 290 
TRP CA   C N S 291 
TRP C    C N N 292 
TRP O    O N N 293 
TRP CB   C N N 294 
TRP CG   C Y N 295 
TRP CD1  C Y N 296 
TRP CD2  C Y N 297 
TRP NE1  N Y N 298 
TRP CE2  C Y N 299 
TRP CE3  C Y N 300 
TRP CZ2  C Y N 301 
TRP CZ3  C Y N 302 
TRP CH2  C Y N 303 
TRP OXT  O N N 304 
TRP H    H N N 305 
TRP H2   H N N 306 
TRP HA   H N N 307 
TRP HB2  H N N 308 
TRP HB3  H N N 309 
TRP HD1  H N N 310 
TRP HE1  H N N 311 
TRP HE3  H N N 312 
TRP HZ2  H N N 313 
TRP HZ3  H N N 314 
TRP HH2  H N N 315 
TRP HXT  H N N 316 
TYR N    N N N 317 
TYR CA   C N S 318 
TYR C    C N N 319 
TYR O    O N N 320 
TYR CB   C N N 321 
TYR CG   C Y N 322 
TYR CD1  C Y N 323 
TYR CD2  C Y N 324 
TYR CE1  C Y N 325 
TYR CE2  C Y N 326 
TYR CZ   C Y N 327 
TYR OH   O N N 328 
TYR OXT  O N N 329 
TYR H    H N N 330 
TYR H2   H N N 331 
TYR HA   H N N 332 
TYR HB2  H N N 333 
TYR HB3  H N N 334 
TYR HD1  H N N 335 
TYR HD2  H N N 336 
TYR HE1  H N N 337 
TYR HE2  H N N 338 
TYR HH   H N N 339 
TYR HXT  H N N 340 
VAL N    N N N 341 
VAL CA   C N S 342 
VAL C    C N N 343 
VAL O    O N N 344 
VAL CB   C N N 345 
VAL CG1  C N N 346 
VAL CG2  C N N 347 
VAL OXT  O N N 348 
VAL H    H N N 349 
VAL H2   H N N 350 
VAL HA   H N N 351 
VAL HB   H N N 352 
VAL HG11 H N N 353 
VAL HG12 H N N 354 
VAL HG13 H N N 355 
VAL HG21 H N N 356 
VAL HG22 H N N 357 
VAL HG23 H N N 358 
VAL HXT  H N N 359 
# 
loop_
_chem_comp_bond.comp_id 
_chem_comp_bond.atom_id_1 
_chem_comp_bond.atom_id_2 
_chem_comp_bond.value_order 
_chem_comp_bond.pdbx_aromatic_flag 
_chem_comp_bond.pdbx_stereo_config 
_chem_comp_bond.pdbx_ordinal 
ALA N   CA   sing N N 1   
ALA N   H    sing N N 2   
ALA N   H2   sing N N 3   
ALA CA  C    sing N N 4   
ALA CA  CB   sing N N 5   
ALA CA  HA   sing N N 6   
ALA C   O    doub N N 7   
ALA C   OXT  sing N N 8   
ALA CB  HB1  sing N N 9   
ALA CB  HB2  sing N N 10  
ALA CB  HB3  sing N N 11  
ALA OXT HXT  sing N N 12  
ARG N   CA   sing N N 13  
ARG N   H    sing N N 14  
ARG N   H2   sing N N 15  
ARG CA  C    sing N N 16  
ARG CA  CB   sing N N 17  
ARG CA  HA   sing N N 18  
ARG C   O    doub N N 19  
ARG C   OXT  sing N N 20  
ARG CB  CG   sing N N 21  
ARG CB  HB2  sing N N 22  
ARG CB  HB3  sing N N 23  
ARG CG  CD   sing N N 24  
ARG CG  HG2  sing N N 25  
ARG CG  HG3  sing N N 26  
ARG CD  NE   sing N N 27  
ARG CD  HD2  sing N N 28  
ARG CD  HD3  sing N N 29  
ARG NE  CZ   sing N N 30  
ARG NE  HE   sing N N 31  
ARG CZ  NH1  sing N N 32  
ARG CZ  NH2  doub N N 33  
ARG NH1 HH11 sing N N 34  
ARG NH1 HH12 sing N N 35  
ARG NH2 HH21 sing N N 36  
ARG NH2 HH22 sing N N 37  
ARG OXT HXT  sing N N 38  
ASN N   CA   sing N N 39  
ASN N   H    sing N N 40  
ASN N   H2   sing N N 41  
ASN CA  C    sing N N 42  
ASN CA  CB   sing N N 43  
ASN CA  HA   sing N N 44  
ASN C   O    doub N N 45  
ASN C   OXT  sing N N 46  
ASN CB  CG   sing N N 47  
ASN CB  HB2  sing N N 48  
ASN CB  HB3  sing N N 49  
ASN CG  OD1  doub N N 50  
ASN CG  ND2  sing N N 51  
ASN ND2 HD21 sing N N 52  
ASN ND2 HD22 sing N N 53  
ASN OXT HXT  sing N N 54  
ASP N   CA   sing N N 55  
ASP N   H    sing N N 56  
ASP N   H2   sing N N 57  
ASP CA  C    sing N N 58  
ASP CA  CB   sing N N 59  
ASP CA  HA   sing N N 60  
ASP C   O    doub N N 61  
ASP C   OXT  sing N N 62  
ASP CB  CG   sing N N 63  
ASP CB  HB2  sing N N 64  
ASP CB  HB3  sing N N 65  
ASP CG  OD1  doub N N 66  
ASP CG  OD2  sing N N 67  
ASP OD2 HD2  sing N N 68  
ASP OXT HXT  sing N N 69  
GLN N   CA   sing N N 70  
GLN N   H    sing N N 71  
GLN N   H2   sing N N 72  
GLN CA  C    sing N N 73  
GLN CA  CB   sing N N 74  
GLN CA  HA   sing N N 75  
GLN C   O    doub N N 76  
GLN C   OXT  sing N N 77  
GLN CB  CG   sing N N 78  
GLN CB  HB2  sing N N 79  
GLN CB  HB3  sing N N 80  
GLN CG  CD   sing N N 81  
GLN CG  HG2  sing N N 82  
GLN CG  HG3  sing N N 83  
GLN CD  OE1  doub N N 84  
GLN CD  NE2  sing N N 85  
GLN NE2 HE21 sing N N 86  
GLN NE2 HE22 sing N N 87  
GLN OXT HXT  sing N N 88  
GLU N   CA   sing N N 89  
GLU N   H    sing N N 90  
GLU N   H2   sing N N 91  
GLU CA  C    sing N N 92  
GLU CA  CB   sing N N 93  
GLU CA  HA   sing N N 94  
GLU C   O    doub N N 95  
GLU C   OXT  sing N N 96  
GLU CB  CG   sing N N 97  
GLU CB  HB2  sing N N 98  
GLU CB  HB3  sing N N 99  
GLU CG  CD   sing N N 100 
GLU CG  HG2  sing N N 101 
GLU CG  HG3  sing N N 102 
GLU CD  OE1  doub N N 103 
GLU CD  OE2  sing N N 104 
GLU OE2 HE2  sing N N 105 
GLU OXT HXT  sing N N 106 
GLY N   CA   sing N N 107 
GLY N   H    sing N N 108 
GLY N   H2   sing N N 109 
GLY CA  C    sing N N 110 
GLY CA  HA2  sing N N 111 
GLY CA  HA3  sing N N 112 
GLY C   O    doub N N 113 
GLY C   OXT  sing N N 114 
GLY OXT HXT  sing N N 115 
HIS N   CA   sing N N 116 
HIS N   H    sing N N 117 
HIS N   H2   sing N N 118 
HIS CA  C    sing N N 119 
HIS CA  CB   sing N N 120 
HIS CA  HA   sing N N 121 
HIS C   O    doub N N 122 
HIS C   OXT  sing N N 123 
HIS CB  CG   sing N N 124 
HIS CB  HB2  sing N N 125 
HIS CB  HB3  sing N N 126 
HIS CG  ND1  sing Y N 127 
HIS CG  CD2  doub Y N 128 
HIS ND1 CE1  doub Y N 129 
HIS ND1 HD1  sing N N 130 
HIS CD2 NE2  sing Y N 131 
HIS CD2 HD2  sing N N 132 
HIS CE1 NE2  sing Y N 133 
HIS CE1 HE1  sing N N 134 
HIS NE2 HE2  sing N N 135 
HIS OXT HXT  sing N N 136 
HOH O   H1   sing N N 137 
HOH O   H2   sing N N 138 
ILE N   CA   sing N N 139 
ILE N   H    sing N N 140 
ILE N   H2   sing N N 141 
ILE CA  C    sing N N 142 
ILE CA  CB   sing N N 143 
ILE CA  HA   sing N N 144 
ILE C   O    doub N N 145 
ILE C   OXT  sing N N 146 
ILE CB  CG1  sing N N 147 
ILE CB  CG2  sing N N 148 
ILE CB  HB   sing N N 149 
ILE CG1 CD1  sing N N 150 
ILE CG1 HG12 sing N N 151 
ILE CG1 HG13 sing N N 152 
ILE CG2 HG21 sing N N 153 
ILE CG2 HG22 sing N N 154 
ILE CG2 HG23 sing N N 155 
ILE CD1 HD11 sing N N 156 
ILE CD1 HD12 sing N N 157 
ILE CD1 HD13 sing N N 158 
ILE OXT HXT  sing N N 159 
LEU N   CA   sing N N 160 
LEU N   H    sing N N 161 
LEU N   H2   sing N N 162 
LEU CA  C    sing N N 163 
LEU CA  CB   sing N N 164 
LEU CA  HA   sing N N 165 
LEU C   O    doub N N 166 
LEU C   OXT  sing N N 167 
LEU CB  CG   sing N N 168 
LEU CB  HB2  sing N N 169 
LEU CB  HB3  sing N N 170 
LEU CG  CD1  sing N N 171 
LEU CG  CD2  sing N N 172 
LEU CG  HG   sing N N 173 
LEU CD1 HD11 sing N N 174 
LEU CD1 HD12 sing N N 175 
LEU CD1 HD13 sing N N 176 
LEU CD2 HD21 sing N N 177 
LEU CD2 HD22 sing N N 178 
LEU CD2 HD23 sing N N 179 
LEU OXT HXT  sing N N 180 
LYS N   CA   sing N N 181 
LYS N   H    sing N N 182 
LYS N   H2   sing N N 183 
LYS CA  C    sing N N 184 
LYS CA  CB   sing N N 185 
LYS CA  HA   sing N N 186 
LYS C   O    doub N N 187 
LYS C   OXT  sing N N 188 
LYS CB  CG   sing N N 189 
LYS CB  HB2  sing N N 190 
LYS CB  HB3  sing N N 191 
LYS CG  CD   sing N N 192 
LYS CG  HG2  sing N N 193 
LYS CG  HG3  sing N N 194 
LYS CD  CE   sing N N 195 
LYS CD  HD2  sing N N 196 
LYS CD  HD3  sing N N 197 
LYS CE  NZ   sing N N 198 
LYS CE  HE2  sing N N 199 
LYS CE  HE3  sing N N 200 
LYS NZ  HZ1  sing N N 201 
LYS NZ  HZ2  sing N N 202 
LYS NZ  HZ3  sing N N 203 
LYS OXT HXT  sing N N 204 
MET N   CA   sing N N 205 
MET N   H    sing N N 206 
MET N   H2   sing N N 207 
MET CA  C    sing N N 208 
MET CA  CB   sing N N 209 
MET CA  HA   sing N N 210 
MET C   O    doub N N 211 
MET C   OXT  sing N N 212 
MET CB  CG   sing N N 213 
MET CB  HB2  sing N N 214 
MET CB  HB3  sing N N 215 
MET CG  SD   sing N N 216 
MET CG  HG2  sing N N 217 
MET CG  HG3  sing N N 218 
MET SD  CE   sing N N 219 
MET CE  HE1  sing N N 220 
MET CE  HE2  sing N N 221 
MET CE  HE3  sing N N 222 
MET OXT HXT  sing N N 223 
PHE N   CA   sing N N 224 
PHE N   H    sing N N 225 
PHE N   H2   sing N N 226 
PHE CA  C    sing N N 227 
PHE CA  CB   sing N N 228 
PHE CA  HA   sing N N 229 
PHE C   O    doub N N 230 
PHE C   OXT  sing N N 231 
PHE CB  CG   sing N N 232 
PHE CB  HB2  sing N N 233 
PHE CB  HB3  sing N N 234 
PHE CG  CD1  doub Y N 235 
PHE CG  CD2  sing Y N 236 
PHE CD1 CE1  sing Y N 237 
PHE CD1 HD1  sing N N 238 
PHE CD2 CE2  doub Y N 239 
PHE CD2 HD2  sing N N 240 
PHE CE1 CZ   doub Y N 241 
PHE CE1 HE1  sing N N 242 
PHE CE2 CZ   sing Y N 243 
PHE CE2 HE2  sing N N 244 
PHE CZ  HZ   sing N N 245 
PHE OXT HXT  sing N N 246 
PRO N   CA   sing N N 247 
PRO N   CD   sing N N 248 
PRO N   H    sing N N 249 
PRO CA  C    sing N N 250 
PRO CA  CB   sing N N 251 
PRO CA  HA   sing N N 252 
PRO C   O    doub N N 253 
PRO C   OXT  sing N N 254 
PRO CB  CG   sing N N 255 
PRO CB  HB2  sing N N 256 
PRO CB  HB3  sing N N 257 
PRO CG  CD   sing N N 258 
PRO CG  HG2  sing N N 259 
PRO CG  HG3  sing N N 260 
PRO CD  HD2  sing N N 261 
PRO CD  HD3  sing N N 262 
PRO OXT HXT  sing N N 263 
SER N   CA   sing N N 264 
SER N   H    sing N N 265 
SER N   H2   sing N N 266 
SER CA  C    sing N N 267 
SER CA  CB   sing N N 268 
SER CA  HA   sing N N 269 
SER C   O    doub N N 270 
SER C   OXT  sing N N 271 
SER CB  OG   sing N N 272 
SER CB  HB2  sing N N 273 
SER CB  HB3  sing N N 274 
SER OG  HG   sing N N 275 
SER OXT HXT  sing N N 276 
TRP N   CA   sing N N 277 
TRP N   H    sing N N 278 
TRP N   H2   sing N N 279 
TRP CA  C    sing N N 280 
TRP CA  CB   sing N N 281 
TRP CA  HA   sing N N 282 
TRP C   O    doub N N 283 
TRP C   OXT  sing N N 284 
TRP CB  CG   sing N N 285 
TRP CB  HB2  sing N N 286 
TRP CB  HB3  sing N N 287 
TRP CG  CD1  doub Y N 288 
TRP CG  CD2  sing Y N 289 
TRP CD1 NE1  sing Y N 290 
TRP CD1 HD1  sing N N 291 
TRP CD2 CE2  doub Y N 292 
TRP CD2 CE3  sing Y N 293 
TRP NE1 CE2  sing Y N 294 
TRP NE1 HE1  sing N N 295 
TRP CE2 CZ2  sing Y N 296 
TRP CE3 CZ3  doub Y N 297 
TRP CE3 HE3  sing N N 298 
TRP CZ2 CH2  doub Y N 299 
TRP CZ2 HZ2  sing N N 300 
TRP CZ3 CH2  sing Y N 301 
TRP CZ3 HZ3  sing N N 302 
TRP CH2 HH2  sing N N 303 
TRP OXT HXT  sing N N 304 
TYR N   CA   sing N N 305 
TYR N   H    sing N N 306 
TYR N   H2   sing N N 307 
TYR CA  C    sing N N 308 
TYR CA  CB   sing N N 309 
TYR CA  HA   sing N N 310 
TYR C   O    doub N N 311 
TYR C   OXT  sing N N 312 
TYR CB  CG   sing N N 313 
TYR CB  HB2  sing N N 314 
TYR CB  HB3  sing N N 315 
TYR CG  CD1  doub Y N 316 
TYR CG  CD2  sing Y N 317 
TYR CD1 CE1  sing Y N 318 
TYR CD1 HD1  sing N N 319 
TYR CD2 CE2  doub Y N 320 
TYR CD2 HD2  sing N N 321 
TYR CE1 CZ   doub Y N 322 
TYR CE1 HE1  sing N N 323 
TYR CE2 CZ   sing Y N 324 
TYR CE2 HE2  sing N N 325 
TYR CZ  OH   sing N N 326 
TYR OH  HH   sing N N 327 
TYR OXT HXT  sing N N 328 
VAL N   CA   sing N N 329 
VAL N   H    sing N N 330 
VAL N   H2   sing N N 331 
VAL CA  C    sing N N 332 
VAL CA  CB   sing N N 333 
VAL CA  HA   sing N N 334 
VAL C   O    doub N N 335 
VAL C   OXT  sing N N 336 
VAL CB  CG1  sing N N 337 
VAL CB  CG2  sing N N 338 
VAL CB  HB   sing N N 339 
VAL CG1 HG11 sing N N 340 
VAL CG1 HG12 sing N N 341 
VAL CG1 HG13 sing N N 342 
VAL CG2 HG21 sing N N 343 
VAL CG2 HG22 sing N N 344 
VAL CG2 HG23 sing N N 345 
VAL OXT HXT  sing N N 346 
# 
_pdbx_initial_refinement_model.id               1 
_pdbx_initial_refinement_model.entity_id_list   ? 
_pdbx_initial_refinement_model.type             'experimental model' 
_pdbx_initial_refinement_model.source_name      PDB 
_pdbx_initial_refinement_model.accession_code   1O4X 
_pdbx_initial_refinement_model.details          ? 
# 
_space_group.name_H-M_alt     'P 21 21 21' 
_space_group.name_Hall        'P 2ac 2ab' 
_space_group.IT_number        19 
_space_group.crystal_system   orthorhombic 
_space_group.id               1 
# 
_atom_sites.entry_id                    7JJK 
_atom_sites.Cartn_transf_matrix[1][1]   ? 
_atom_sites.Cartn_transf_matrix[1][2]   ? 
_atom_sites.Cartn_transf_matrix[1][3]   ? 
_atom_sites.Cartn_transf_matrix[2][1]   ? 
_atom_sites.Cartn_transf_matrix[2][2]   ? 
_atom_sites.Cartn_transf_matrix[2][3]   ? 
_atom_sites.Cartn_transf_matrix[3][1]   ? 
_atom_sites.Cartn_transf_matrix[3][2]   ? 
_atom_sites.Cartn_transf_matrix[3][3]   ? 
_atom_sites.Cartn_transf_vector[1]      ? 
_atom_sites.Cartn_transf_vector[2]      ? 
_atom_sites.Cartn_transf_vector[3]      ? 
_atom_sites.fract_transf_matrix[1][1]   0.02906206 
_atom_sites.fract_transf_matrix[1][2]   -0.00426274 
_atom_sites.fract_transf_matrix[1][3]   0.00375453 
_atom_sites.fract_transf_matrix[2][1]   -0.00131256 
_atom_sites.fract_transf_matrix[2][2]   0.01291391 
_atom_sites.fract_transf_matrix[2][3]   0.02482185 
_atom_sites.fract_transf_matrix[3][1]   -0.00351574 
_atom_sites.fract_transf_matrix[3][2]   -0.01654942 
_atom_sites.fract_transf_matrix[3][3]   0.00842415 
_atom_sites.fract_transf_vector[1]      -0.106469 
_atom_sites.fract_transf_vector[2]      0.291718 
_atom_sites.fract_transf_vector[3]      0.178957 
_atom_sites.solution_primary            ? 
_atom_sites.solution_secondary          ? 
_atom_sites.solution_hydrogens          ? 
_atom_sites.special_details             ? 
# 
loop_
_atom_type.symbol 
_atom_type.scat_dispersion_real 
_atom_type.scat_dispersion_imag 
_atom_type.scat_Cromer_Mann_a1 
_atom_type.scat_Cromer_Mann_a2 
_atom_type.scat_Cromer_Mann_a3 
_atom_type.scat_Cromer_Mann_a4 
_atom_type.scat_Cromer_Mann_b1 
_atom_type.scat_Cromer_Mann_b2 
_atom_type.scat_Cromer_Mann_b3 
_atom_type.scat_Cromer_Mann_b4 
_atom_type.scat_Cromer_Mann_c 
_atom_type.scat_source 
_atom_type.scat_dispersion_source 
C ? ? 3.54356 2.42580 ? ? 25.62398 1.50364  ? ? 0.0 
;2-Gaussian fit: Grosse-Kunstleve RW, Sauter NK, Adams PD: Newsletter of the IUCr Commission on Crystallographic Computing 2004, 3, 22-31.
;
? 
H ? ? 0.51345 0.48472 ? ? 24.73122 6.32584  ? ? 0.0 
;2-Gaussian fit: Grosse-Kunstleve RW, Sauter NK, Adams PD: Newsletter of the IUCr Commission on Crystallographic Computing 2004, 3, 22-31.
;
? 
N ? ? 4.01032 2.96436 ? ? 19.97189 1.75589  ? ? 0.0 
;2-Gaussian fit: Grosse-Kunstleve RW, Sauter NK, Adams PD: Newsletter of the IUCr Commission on Crystallographic Computing 2004, 3, 22-31.
;
? 
O ? ? 4.49882 3.47563 ? ? 15.80542 1.70748  ? ? 0.0 
;2-Gaussian fit: Grosse-Kunstleve RW, Sauter NK, Adams PD: Newsletter of the IUCr Commission on Crystallographic Computing 2004, 3, 22-31.
;
? 
S ? ? 9.55732 6.39887 ? ? 1.23737  29.19336 ? ? 0.0 
;2-Gaussian fit: Grosse-Kunstleve RW, Sauter NK, Adams PD: Newsletter of the IUCr Commission on Crystallographic Computing 2004, 3, 22-31.
;
? 
# 
loop_
_atom_site.group_PDB 
_atom_site.id 
_atom_site.type_symbol 
_atom_site.label_atom_id 
_atom_site.label_alt_id 
_atom_site.label_comp_id 
_atom_site.label_asym_id 
_atom_site.label_entity_id 
_atom_site.label_seq_id 
_atom_site.pdbx_PDB_ins_code 
_atom_site.Cartn_x 
_atom_site.Cartn_y 
_atom_site.Cartn_z 
_atom_site.occupancy 
_atom_site.B_iso_or_equiv 
_atom_site.pdbx_formal_charge 
_atom_site.auth_seq_id 
_atom_site.auth_comp_id 
_atom_site.auth_asym_id 
_atom_site.auth_atom_id 
_atom_site.pdbx_PDB_model_num 
ATOM   1    N N    . GLY A 1 2  ? -4.23066  4.40203   -15.31224 1.000 52.10580 ? 335 GLY A N    1 
ATOM   2    C CA   . GLY A 1 2  ? -4.07054  3.72277   -16.58642 1.000 51.98131 ? 335 GLY A CA   1 
ATOM   3    C C    . GLY A 1 2  ? -3.56128  2.31562   -16.37447 1.000 61.65474 ? 335 GLY A C    1 
ATOM   4    O O    . GLY A 1 2  ? -4.33548  1.36086   -16.36325 1.000 56.35178 ? 335 GLY A O    1 
ATOM   5    H HA2  . GLY A 1 2  ? -4.92362  3.68214   -17.04632 1.000 62.37757 ? 335 GLY A HA2  1 
ATOM   6    H HA3  . GLY A 1 2  ? -3.43664  4.20635   -17.13890 1.000 62.37757 ? 335 GLY A HA3  1 
ATOM   7    N N    . HIS A 1 3  ? -2.24261  2.19296   -16.21400 1.000 61.64520 ? 336 HIS A N    1 
ATOM   8    C CA   . HIS A 1 3  ? -1.65606  0.92785   -15.80245 1.000 46.07085 ? 336 HIS A CA   1 
ATOM   9    C C    . HIS A 1 3  ? -1.91347  0.64409   -14.32910 1.000 36.46894 ? 336 HIS A C    1 
ATOM   10   O O    . HIS A 1 3  ? -1.84037  -0.51501  -13.90988 1.000 41.03815 ? 336 HIS A O    1 
ATOM   11   C CB   . HIS A 1 3  ? -0.14626  0.96046   -16.03246 1.000 38.98257 ? 336 HIS A CB   1 
ATOM   12   C CG   . HIS A 1 3  ? 0.26457   0.71297   -17.45180 1.000 44.13263 ? 336 HIS A CG   1 
ATOM   13   N ND1  . HIS A 1 3  ? -0.14050  -0.39461  -18.16313 1.000 45.37106 ? 336 HIS A ND1  1 
ATOM   14   C CD2  . HIS A 1 3  ? 1.06096   1.42408   -18.28610 1.000 42.14373 ? 336 HIS A CD2  1 
ATOM   15   C CE1  . HIS A 1 3  ? 0.38418   -0.35658  -19.37431 1.000 56.89039 ? 336 HIS A CE1  1 
ATOM   16   N NE2  . HIS A 1 3  ? 1.11510   0.73896   -19.47522 1.000 47.09078 ? 336 HIS A NE2  1 
ATOM   17   H H    . HIS A 1 3  ? -1.67187  2.82442   -16.33690 1.000 73.97424 ? 336 HIS A H    1 
ATOM   18   H HA   . HIS A 1 3  ? -2.04082  0.21527   -16.33639 1.000 55.28502 ? 336 HIS A HA   1 
ATOM   19   H HB2  . HIS A 1 3  ? 0.18739   1.83499   -15.77794 1.000 46.77909 ? 336 HIS A HB2  1 
ATOM   20   H HB3  . HIS A 1 3  ? 0.26597   0.27538   -15.48325 1.000 46.77909 ? 336 HIS A HB3  1 
ATOM   21   H HD2  . HIS A 1 3  ? 1.49025   2.22551   -18.09031 1.000 50.57247 ? 336 HIS A HD2  1 
ATOM   22   H HE1  . HIS A 1 3  ? 0.26030   -0.99217  -20.04182 1.000 68.26847 ? 336 HIS A HE1  1 
ATOM   23   H HE2  . HIS A 1 3  ? 1.55414   0.98378   -20.17300 1.000 56.50893 ? 336 HIS A HE2  1 
ATOM   24   N N    . VAL A 1 4  ? -2.21399  1.67339   -13.54160 1.000 36.34121 ? 337 VAL A N    1 
ATOM   25   C CA   . VAL A 1 4  ? -2.38009  1.54474   -12.09731 1.000 33.81617 ? 337 VAL A CA   1 
ATOM   26   C C    . VAL A 1 4  ? -3.85449  1.34249   -11.76938 1.000 48.92714 ? 337 VAL A C    1 
ATOM   27   O O    . VAL A 1 4  ? -4.71471  2.11273   -12.21745 1.000 47.93347 ? 337 VAL A O    1 
ATOM   28   C CB   . VAL A 1 4  ? -1.82916  2.78597   -11.37647 1.000 38.14541 ? 337 VAL A CB   1 
ATOM   29   C CG1  . VAL A 1 4  ? -1.85466  2.58320   -9.86949  1.000 41.61399 ? 337 VAL A CG1  1 
ATOM   30   C CG2  . VAL A 1 4  ? -0.42391  3.10258   -11.86145 1.000 36.72716 ? 337 VAL A CG2  1 
ATOM   31   H H    . VAL A 1 4  ? -2.32930  2.47582   -13.82867 1.000 43.60945 ? 337 VAL A H    1 
ATOM   32   H HA   . VAL A 1 4  ? -1.89563  0.76070   -11.79485 1.000 40.57941 ? 337 VAL A HA   1 
ATOM   33   H HB   . VAL A 1 4  ? -2.39362  3.54739   -11.58266 1.000 45.77449 ? 337 VAL A HB   1 
ATOM   34   H HG11 . VAL A 1 4  ? -1.34148  3.28968   -9.44705  1.000 49.93679 ? 337 VAL A HG11 1 
ATOM   35   H HG12 . VAL A 1 4  ? -2.77424  2.61334   -9.56230  1.000 49.93679 ? 337 VAL A HG12 1 
ATOM   36   H HG13 . VAL A 1 4  ? -1.46414  1.72028   -9.66029  1.000 49.93679 ? 337 VAL A HG13 1 
ATOM   37   H HG21 . VAL A 1 4  ? -0.02128  3.75006   -11.26180 1.000 44.07259 ? 337 VAL A HG21 1 
ATOM   38   H HG22 . VAL A 1 4  ? 0.09982   2.28614   -11.86663 1.000 44.07259 ? 337 VAL A HG22 1 
ATOM   39   H HG23 . VAL A 1 4  ? -0.47436  3.46891   -12.75819 1.000 44.07259 ? 337 VAL A HG23 1 
ATOM   40   N N    . LYS A 1 5  ? -4.14140  0.30740   -10.98035 1.000 33.10340 ? 338 LYS A N    1 
ATOM   41   C CA   . LYS A 1 5  ? -5.47963  -0.05676  -10.53281 1.000 31.62767 ? 338 LYS A CA   1 
ATOM   42   C C    . LYS A 1 5  ? -5.56351  0.10700   -9.01445  1.000 38.41013 ? 338 LYS A C    1 
ATOM   43   O O    . LYS A 1 5  ? -4.54701  0.24811   -8.33269  1.000 31.58821 ? 338 LYS A O    1 
ATOM   44   C CB   . LYS A 1 5  ? -5.81892  -1.47899  -11.01044 1.000 32.02884 ? 338 LYS A CB   1 
ATOM   45   C CG   . LYS A 1 5  ? -5.68540  -1.67276  -12.53870 1.000 33.12515 ? 338 LYS A CG   1 
ATOM   46   C CD   . LYS A 1 5  ? -6.16279  -0.43179  -13.29443 1.000 45.05636 ? 338 LYS A CD   1 
ATOM   47   C CE   . LYS A 1 5  ? -6.56169  -0.71205  -14.74960 1.000 49.12963 ? 338 LYS A CE   1 
ATOM   48   N NZ   . LYS A 1 5  ? -7.74235  0.11252   -15.16390 1.000 64.97195 ? 338 LYS A NZ   1 
ATOM   49   H H    . LYS A 1 5  ? -3.53948  -0.22640  -10.67647 1.000 39.72408 ? 338 LYS A H    1 
ATOM   50   H HA   . LYS A 1 5  ? -6.15391  0.53299   -10.90488 1.000 37.95321 ? 338 LYS A HA   1 
ATOM   51   H HB2  . LYS A 1 5  ? -5.21612  -2.10465  -10.57906 1.000 38.43461 ? 338 LYS A HB2  1 
ATOM   52   H HB3  . LYS A 1 5  ? -6.73590  -1.67940  -10.76574 1.000 38.43461 ? 338 LYS A HB3  1 
ATOM   53   H HG2  . LYS A 1 5  ? -4.75518  -1.83008  -12.76418 1.000 39.75017 ? 338 LYS A HG2  1 
ATOM   54   H HG3  . LYS A 1 5  ? -6.22654  -2.42820  -12.81689 1.000 39.75017 ? 338 LYS A HG3  1 
ATOM   55   H HD2  . LYS A 1 5  ? -6.93866  -0.06783  -12.84008 1.000 54.06763 ? 338 LYS A HD2  1 
ATOM   56   H HD3  . LYS A 1 5  ? -5.44708  0.22286   -13.30495 1.000 54.06763 ? 338 LYS A HD3  1 
ATOM   57   H HE2  . LYS A 1 5  ? -5.81825  -0.49545  -15.33379 1.000 58.95556 ? 338 LYS A HE2  1 
ATOM   58   H HE3  . LYS A 1 5  ? -6.79564  -1.64870  -14.84375 1.000 58.95556 ? 338 LYS A HE3  1 
ATOM   59   H HZ1  . LYS A 1 5  ? -7.95220  -0.06054  -16.01132 1.000 77.96634 ? 338 LYS A HZ1  1 
ATOM   60   H HZ2  . LYS A 1 5  ? -8.44243  -0.07767  -14.64834 1.000 77.96634 ? 338 LYS A HZ2  1 
ATOM   61   H HZ3  . LYS A 1 5  ? -7.55190  0.97828   -15.08453 1.000 77.96634 ? 338 LYS A HZ3  1 
ATOM   62   N N    . ARG A 1 6  ? -6.81204  0.10198   -8.48736  1.000 44.23121 ? 339 ARG A N    1 
ATOM   63   C CA   . ARG A 1 6  ? -7.18239  0.39579   -7.09390  1.000 31.15396 ? 339 ARG A CA   1 
ATOM   64   C C    . ARG A 1 6  ? -6.40684  -0.41474  -6.05998  1.000 17.86636 ? 339 ARG A C    1 
ATOM   65   O O    . ARG A 1 6  ? -6.11663  0.08732   -4.94890  1.000 20.71721 ? 339 ARG A O    1 
ATOM   66   C CB   . ARG A 1 6  ? -8.69333  0.13177   -6.92337  1.000 30.34389 ? 339 ARG A CB   1 
ATOM   67   C CG   . ARG A 1 6  ? -9.33545  0.47993   -5.55701  1.000 30.57214 ? 339 ARG A CG   1 
ATOM   68   C CD   . ARG A 1 6  ? -10.86908 0.18720   -5.60104  1.000 27.47934 ? 339 ARG A CD   1 
ATOM   69   N NE   . ARG A 1 6  ? -11.59341 0.62200   -4.40724  1.000 24.50886 ? 339 ARG A NE   1 
ATOM   70   C CZ   . ARG A 1 6  ? -12.31178 1.74268   -4.32968  1.000 27.61615 ? 339 ARG A CZ   1 
ATOM   71   N NH1  . ARG A 1 6  ? -12.38738 2.56062   -5.37133  1.000 30.78216 ? 339 ARG A NH1  1 
ATOM   72   N NH2  . ARG A 1 6  ? -12.94805 2.05728   -3.20633  1.000 35.19875 ? 339 ARG A NH2  1 
ATOM   73   H H    . ARG A 1 6  ? -7.50834  -0.08307  -8.95696  1.000 53.07745 ? 339 ARG A H    1 
ATOM   74   H HA   . ARG A 1 6  ? -6.95514  1.32236   -6.91864  1.000 37.38476 ? 339 ARG A HA   1 
ATOM   75   H HB2  . ARG A 1 6  ? -9.16277  0.65299   -7.59332  1.000 36.41267 ? 339 ARG A HB2  1 
ATOM   76   H HB3  . ARG A 1 6  ? -8.84743  -0.81444  -7.07120  1.000 36.41267 ? 339 ARG A HB3  1 
ATOM   77   H HG2  . ARG A 1 6  ? -8.93466  -0.06179  -4.85930  1.000 36.68657 ? 339 ARG A HG2  1 
ATOM   78   H HG3  . ARG A 1 6  ? -9.20325  1.42117   -5.36340  1.000 36.68657 ? 339 ARG A HG3  1 
ATOM   79   H HD2  . ARG A 1 6  ? -11.25253 0.64970   -6.36259  1.000 32.97521 ? 339 ARG A HD2  1 
ATOM   80   H HD3  . ARG A 1 6  ? -11.00089 -0.76939  -5.69306  1.000 32.97521 ? 339 ARG A HD3  1 
ATOM   81   H HE   . ARG A 1 6  ? -11.55338 0.12167   -3.70891  1.000 29.41063 ? 339 ARG A HE   1 
ATOM   82   H HH11 . ARG A 1 6  ? -11.97229 2.36880   -6.09969  1.000 36.93859 ? 339 ARG A HH11 1 
ATOM   83   H HH12 . ARG A 1 6  ? -12.85149 3.28268   -5.31827  1.000 36.93859 ? 339 ARG A HH12 1 
ATOM   84   H HH21 . ARG A 1 6  ? -12.89799 1.53677   -2.52357  1.000 42.23850 ? 339 ARG A HH21 1 
ATOM   85   H HH22 . ARG A 1 6  ? -13.40989 2.78139   -3.16206  1.000 42.23850 ? 339 ARG A HH22 1 
ATOM   86   N N    . PRO A 1 7  ? -6.08549  -1.66944  -6.36125  1.000 21.11740 ? 340 PRO A N    1 
ATOM   87   C CA   . PRO A 1 7  ? -5.22397  -2.43472  -5.45560  1.000 13.56969 ? 340 PRO A CA   1 
ATOM   88   C C    . PRO A 1 7  ? -3.92198  -1.72924  -5.16505  1.000 14.58087 ? 340 PRO A C    1 
ATOM   89   O O    . PRO A 1 7  ? -3.42834  -1.81624  -4.04124  1.000 14.35832 ? 340 PRO A O    1 
ATOM   90   C CB   . PRO A 1 7  ? -5.00255  -3.74281  -6.22279  1.000 17.13576 ? 340 PRO A CB   1 
ATOM   91   C CG   . PRO A 1 7  ? -6.20940  -3.86481  -7.10336  1.000 27.56836 ? 340 PRO A CG   1 
ATOM   92   C CD   . PRO A 1 7  ? -6.48210  -2.46043  -7.54404  1.000 25.89339 ? 340 PRO A CD   1 
ATOM   93   H HA   . PRO A 1 7  ? -5.68377  -2.62944  -4.62399  1.000 16.28363 ? 340 PRO A HA   1 
ATOM   94   H HB2  . PRO A 1 7  ? -4.18984  -3.68648  -6.74932  1.000 20.56291 ? 340 PRO A HB2  1 
ATOM   95   H HB3  . PRO A 1 7  ? -4.94538  -4.48673  -5.60294  1.000 20.56291 ? 340 PRO A HB3  1 
ATOM   96   H HG2  . PRO A 1 7  ? -6.01377  -4.43772  -7.86123  1.000 33.08203 ? 340 PRO A HG2  1 
ATOM   97   H HG3  . PRO A 1 7  ? -6.95598  -4.22472  -6.59939  1.000 33.08203 ? 340 PRO A HG3  1 
ATOM   98   H HD2  . PRO A 1 7  ? -5.94267  -2.22692  -8.31565  1.000 31.07207 ? 340 PRO A HD2  1 
ATOM   99   H HD3  . PRO A 1 7  ? -7.42248  -2.33572  -7.74665  1.000 31.07207 ? 340 PRO A HD3  1 
ATOM   100  N N    . MET A 1 8  ? -3.37355  -0.96758  -6.11185  1.000 12.70734 ? 341 MET A N    1 
ATOM   101  C CA   . MET A 1 8  ? -2.04868  -0.40512  -5.87827  1.000 12.42346 ? 341 MET A CA   1 
ATOM   102  C C    . MET A 1 8  ? -2.05380  0.59410   -4.72698  1.000 13.50298 ? 341 MET A C    1 
ATOM   103  O O    . MET A 1 8  ? -1.09635  0.63662   -3.94690  1.000 13.34919 ? 341 MET A O    1 
ATOM   104  C CB   . MET A 1 8  ? -1.43653  0.21390   -7.13059  1.000 13.51141 ? 341 MET A CB   1 
ATOM   105  C CG   . MET A 1 8  ? 0.06913   0.35326   -6.94683  1.000 16.35947 ? 341 MET A CG   1 
ATOM   106  S SD   . MET A 1 8  ? 0.94853   1.16094   -8.27645  1.000 20.44679 ? 341 MET A SD   1 
ATOM   107  C CE   . MET A 1 8  ? 0.93318   -0.15159  -9.48416  1.000 17.14708 ? 341 MET A CE   1 
ATOM   108  H H    . MET A 1 8  ? -3.73229  -0.76884  -6.86776  1.000 15.24881 ? 341 MET A H    1 
ATOM   109  H HA   . MET A 1 8  ? -1.47478  -1.15294  -5.64956  1.000 14.90815 ? 341 MET A HA   1 
ATOM   110  H HB2  . MET A 1 8  ? -1.60773  -0.35707  -7.89583  1.000 16.21370 ? 341 MET A HB2  1 
ATOM   111  H HB3  . MET A 1 8  ? -1.81699  1.09338   -7.28116  1.000 16.21370 ? 341 MET A HB3  1 
ATOM   112  H HG2  . MET A 1 8  ? 0.23020   0.86995   -6.14185  1.000 19.63137 ? 341 MET A HG2  1 
ATOM   113  H HG3  . MET A 1 8  ? 0.44691   -0.53509  -6.85199  1.000 19.63137 ? 341 MET A HG3  1 
ATOM   114  H HE1  . MET A 1 8  ? 1.38318   0.15324   -10.28758 1.000 20.57649 ? 341 MET A HE1  1 
ATOM   115  H HE2  . MET A 1 8  ? 1.39486   -0.92243  -9.11869  1.000 20.57649 ? 341 MET A HE2  1 
ATOM   116  H HE3  . MET A 1 8  ? 0.01337   -0.38273  -9.68768  1.000 20.57649 ? 341 MET A HE3  1 
ATOM   117  N N    . ASN A 1 9  ? -3.10106  1.41155   -4.60192  1.000 13.63107 ? 342 ASN A N    1 
ATOM   118  C CA   . ASN A 1 9  ? -3.10681  2.40439   -3.52691  1.000 13.58093 ? 342 ASN A CA   1 
ATOM   119  C C    . ASN A 1 9  ? -3.23309  1.75086   -2.15541  1.000 11.64731 ? 342 ASN A C    1 
ATOM   120  O O    . ASN A 1 9  ? -2.58581  2.18877   -1.19014  1.000 11.41691 ? 342 ASN A O    1 
ATOM   121  C CB   . ASN A 1 9  ? -4.18519  3.45001   -3.75617  1.000 16.45453 ? 342 ASN A CB   1 
ATOM   122  C CG   . ASN A 1 9  ? -3.80105  4.44314   -4.83294  1.000 27.20307 ? 342 ASN A CG   1 
ATOM   123  O OD1  . ASN A 1 9  ? -2.62322  4.66447   -5.09098  1.000 30.71400 ? 342 ASN A OD1  1 
ATOM   124  N ND2  . ASN A 1 9  ? -4.79949  5.04796   -5.47018  1.000 37.67056 ? 342 ASN A ND2  1 
ATOM   125  H H    . ASN A 1 9  ? -3.79723  1.41398   -5.10683  1.000 16.35729 ? 342 ASN A H    1 
ATOM   126  H HA   . ASN A 1 9  ? -2.25814  2.87386   -3.54280  1.000 16.29712 ? 342 ASN A HA   1 
ATOM   127  H HB2  . ASN A 1 9  ? -5.00362  3.00785   -4.03108  1.000 19.74544 ? 342 ASN A HB2  1 
ATOM   128  H HB3  . ASN A 1 9  ? -4.33343  3.93998   -2.93226  1.000 19.74544 ? 342 ASN A HB3  1 
ATOM   129  H HD21 . ASN A 1 9  ? -4.63037  5.62004   -6.08964  1.000 45.20467 ? 342 ASN A HD21 1 
ATOM   130  H HD22 . ASN A 1 9  ? -5.61426  4.86700   -5.26278  1.000 45.20467 ? 342 ASN A HD22 1 
ATOM   131  N N    . ALA A 1 10 ? -4.02767  0.69552   -2.05010  1.000 11.55616 ? 343 ALA A N    1 
ATOM   132  C CA   . ALA A 1 10 ? -4.11490  -0.04708  -0.80065  1.000 10.27946 ? 343 ALA A CA   1 
ATOM   133  C C    . ALA A 1 10 ? -2.79416  -0.74134  -0.49694  1.000 10.93048 ? 343 ALA A C    1 
ATOM   134  O O    . ALA A 1 10 ? -2.30386  -0.69348  0.64563   1.000 9.15516  ? 343 ALA A O    1 
ATOM   135  C CB   . ALA A 1 10 ? -5.24896  -1.06716  -0.84960  1.000 11.21347 ? 343 ALA A CB   1 
ATOM   136  H H    . ALA A 1 10 ? -4.52497  0.38759   -2.68056  1.000 13.86740 ? 343 ALA A H    1 
ATOM   137  H HA   . ALA A 1 10 ? -4.31644  0.57640   -0.08542  1.000 12.33536 ? 343 ALA A HA   1 
ATOM   138  H HB1  . ALA A 1 10 ? -5.30914  -1.51394  0.00928   1.000 13.45617 ? 343 ALA A HB1  1 
ATOM   139  H HB2  . ALA A 1 10 ? -6.08046  -0.60601  -1.04154  1.000 13.45617 ? 343 ALA A HB2  1 
ATOM   140  H HB3  . ALA A 1 10 ? -5.06130  -1.71480  -1.54692  1.000 13.45617 ? 343 ALA A HB3  1 
ATOM   141  N N    . PHE A 1 11 ? -2.19428  -1.36860  -1.51119  1.000 9.58807  ? 344 PHE A N    1 
ATOM   142  C CA   . PHE A 1 11 ? -0.90489  -1.98875  -1.33013  1.000 9.00958  ? 344 PHE A CA   1 
ATOM   143  C C    . PHE A 1 11 ? 0.10976   -0.97369  -0.84673  1.000 9.27395  ? 344 PHE A C    1 
ATOM   144  O O    . PHE A 1 11 ? 0.91169   -1.27422  0.03205   1.000 8.96518  ? 344 PHE A O    1 
ATOM   145  C CB   . PHE A 1 11 ? -0.43106  -2.61397  -2.63741  1.000 10.06030 ? 344 PHE A CB   1 
ATOM   146  C CG   . PHE A 1 11 ? 1.02906   -2.97344  -2.60325  1.000 9.86082  ? 344 PHE A CG   1 
ATOM   147  C CD1  . PHE A 1 11 ? 1.43591   -4.12232  -1.98726  1.000 10.18599 ? 344 PHE A CD1  1 
ATOM   148  C CD2  . PHE A 1 11 ? 1.99954   -2.10529  -3.10612  1.000 9.52937  ? 344 PHE A CD2  1 
ATOM   149  C CE1  . PHE A 1 11 ? 2.79551   -4.43665  -1.90296  1.000 10.23282 ? 344 PHE A CE1  1 
ATOM   150  C CE2  . PHE A 1 11 ? 3.32325   -2.40078  -3.00925  1.000 9.85436  ? 344 PHE A CE2  1 
ATOM   151  C CZ   . PHE A 1 11 ? 3.70742   -3.56698  -2.40160  1.000 8.67739  ? 344 PHE A CZ   1 
ATOM   152  H H    . PHE A 1 11 ? -2.51650  -1.44441  -2.30494  1.000 11.50569 ? 344 PHE A H    1 
ATOM   153  H HA   . PHE A 1 11 ? -0.98586  -2.69463  -0.66977  1.000 10.81149 ? 344 PHE A HA   1 
ATOM   154  H HB2  . PHE A 1 11 ? -0.93778  -3.42423  -2.80362  1.000 12.07236 ? 344 PHE A HB2  1 
ATOM   155  H HB3  . PHE A 1 11 ? -0.56968  -1.98188  -3.36001  1.000 12.07236 ? 344 PHE A HB3  1 
ATOM   156  H HD1  . PHE A 1 11 ? 0.80467   -4.69915  -1.62160  1.000 12.22319 ? 344 PHE A HD1  1 
ATOM   157  H HD2  . PHE A 1 11 ? 1.73653   -1.31197  -3.51399  1.000 11.43524 ? 344 PHE A HD2  1 
ATOM   158  H HE1  . PHE A 1 11 ? 3.07085   -5.23301  -1.50939  1.000 12.27938 ? 344 PHE A HE1  1 
ATOM   159  H HE2  . PHE A 1 11 ? 3.96121   -1.81728  -3.35193  1.000 11.82523 ? 344 PHE A HE2  1 
ATOM   160  H HZ   . PHE A 1 11 ? 4.61302   -3.76602  -2.32980  1.000 10.41286 ? 344 PHE A HZ   1 
ATOM   161  N N    . MET A 1 12 ? 0.08902   0.24077   -1.38775  1.000 9.51543  ? 345 MET A N    1 
ATOM   162  C CA   . MET A 1 12 ? 1.08052   1.22426   -0.97149  1.000 10.69029 ? 345 MET A CA   1 
ATOM   163  C C    . MET A 1 12 ? 0.92699   1.64622   0.48245   1.000 10.05079 ? 345 MET A C    1 
ATOM   164  O O    . MET A 1 12 ? 1.93377   1.93441   1.14294   1.000 11.42346 ? 345 MET A O    1 
ATOM   165  C CB   . MET A 1 12 ? 1.14206   2.37676   -1.95115  1.000 13.20628 ? 345 MET A CB   1 
ATOM   166  C CG   . MET A 1 12 ? 1.83888   1.92936   -3.23442  1.000 17.25993 ? 345 MET A CG   1 
ATOM   167  S SD   . MET A 1 12 ? 2.12980   3.24357   -4.41774  1.000 23.45123 ? 345 MET A SD   1 
ATOM   168  C CE   . MET A 1 12 ? 0.50265   3.92995   -4.53781  1.000 19.30448 ? 345 MET A CE   1 
ATOM   169  H H    . MET A 1 12 ? -0.47097  0.51453   -1.98026  1.000 11.41852 ? 345 MET A H    1 
ATOM   170  H HA   . MET A 1 12 ? 1.95825   0.81445   -1.02203  1.000 12.82835 ? 345 MET A HA   1 
ATOM   171  H HB2  . MET A 1 12 ? 0.24312   2.66888   -2.16903  1.000 15.84753 ? 345 MET A HB2  1 
ATOM   172  H HB3  . MET A 1 12 ? 1.64402   3.10998   -1.56213  1.000 15.84753 ? 345 MET A HB3  1 
ATOM   173  H HG2  . MET A 1 12 ? 2.70027   1.54855   -3.00227  1.000 20.71191 ? 345 MET A HG2  1 
ATOM   174  H HG3  . MET A 1 12 ? 1.28692   1.26074   -3.66938  1.000 20.71191 ? 345 MET A HG3  1 
ATOM   175  H HE1  . MET A 1 12 ? 0.51608   4.66561   -5.16988  1.000 23.16537 ? 345 MET A HE1  1 
ATOM   176  H HE2  . MET A 1 12 ? -0.10856  3.24182   -4.84407  1.000 23.16537 ? 345 MET A HE2  1 
ATOM   177  H HE3  . MET A 1 12 ? 0.22953   4.24979   -3.66374  1.000 23.16537 ? 345 MET A HE3  1 
ATOM   178  N N    . VAL A 1 13 ? -0.28896  1.64903   1.02157   1.000 9.72313  ? 346 VAL A N    1 
ATOM   179  C CA   . VAL A 1 13 ? -0.47204  1.85297   2.44891   1.000 9.59514  ? 346 VAL A CA   1 
ATOM   180  C C    . VAL A 1 13 ? 0.20867   0.73314   3.23186   1.000 8.84555  ? 346 VAL A C    1 
ATOM   181  O O    . VAL A 1 13 ? 0.98026   0.98216   4.15600   1.000 10.07906 ? 346 VAL A O    1 
ATOM   182  C CB   . VAL A 1 13 ? -1.97101  1.94757   2.78244   1.000 9.54674  ? 346 VAL A CB   1 
ATOM   183  C CG1  . VAL A 1 13 ? -2.20087  2.03431   4.28559   1.000 10.69887 ? 346 VAL A CG1  1 
ATOM   184  C CG2  . VAL A 1 13 ? -2.62222  3.13708   2.07620   1.000 13.49390 ? 346 VAL A CG2  1 
ATOM   185  H H    . VAL A 1 13 ? -1.02075  1.53555   0.58431   1.000 11.66776 ? 346 VAL A H    1 
ATOM   186  H HA   . VAL A 1 13 ? -0.05409  2.69080   2.70240   1.000 11.51417 ? 346 VAL A HA   1 
ATOM   187  H HB   . VAL A 1 13 ? -2.39494  1.13662   2.46065   1.000 11.45609 ? 346 VAL A HB   1 
ATOM   188  H HG11 . VAL A 1 13 ? -3.13937  2.21470   4.45166   1.000 12.83865 ? 346 VAL A HG11 1 
ATOM   189  H HG12 . VAL A 1 13 ? -1.94908  1.19068   4.69276   1.000 12.83865 ? 346 VAL A HG12 1 
ATOM   190  H HG13 . VAL A 1 13 ? -1.65712  2.75152   4.64734   1.000 12.83865 ? 346 VAL A HG13 1 
ATOM   191  H HG21 . VAL A 1 13 ? -3.58305  3.09116   2.20113   1.000 16.19268 ? 346 VAL A HG21 1 
ATOM   192  H HG22 . VAL A 1 13 ? -2.27776  3.95899   2.45921   1.000 16.19268 ? 346 VAL A HG22 1 
ATOM   193  H HG23 . VAL A 1 13 ? -2.40937  3.09813   1.13065   1.000 16.19268 ? 346 VAL A HG23 1 
ATOM   194  N N    . TRP A 1 14 ? -0.10471  -0.51286  2.88431   1.000 9.08072  ? 347 TRP A N    1 
ATOM   195  C CA   . TRP A 1 14 ? 0.52459   -1.66612  3.50602   1.000 10.65797 ? 347 TRP A CA   1 
ATOM   196  C C    . TRP A 1 14 ? 2.05672   -1.58642  3.39033   1.000 10.61638 ? 347 TRP A C    1 
ATOM   197  O O    . TRP A 1 14 ? 2.78247   -1.83530  4.38190   1.000 10.72161 ? 347 TRP A O    1 
ATOM   198  C CB   . TRP A 1 14 ? -0.14096  -2.93187  2.90848   1.000 12.72030 ? 347 TRP A CB   1 
ATOM   199  C CG   . TRP A 1 14 ? 0.36722   -4.09689  3.53826   1.000 22.28234 ? 347 TRP A CG   1 
ATOM   200  C CD1  . TRP A 1 14 ? -0.06880  -4.70791  4.68120   1.000 14.78921 ? 347 TRP A CD1  1 
ATOM   201  C CD2  . TRP A 1 14 ? 1.50766   -4.78261  3.12278   1.000 14.33737 ? 347 TRP A CD2  1 
ATOM   202  N NE1  . TRP A 1 14 ? 0.75106   -5.75824  4.98711   1.000 15.04654 ? 347 TRP A NE1  1 
ATOM   203  C CE2  . TRP A 1 14 ? 1.73141   -5.82412  4.02999   1.000 16.18974 ? 347 TRP A CE2  1 
ATOM   204  C CE3  . TRP A 1 14 ? 2.36986   -4.64261  2.02438   1.000 14.85984 ? 347 TRP A CE3  1 
ATOM   205  C CZ2  . TRP A 1 14 ? 2.79602   -6.71691  3.88244   1.000 18.62879 ? 347 TRP A CZ2  1 
ATOM   206  C CZ3  . TRP A 1 14 ? 3.40034   -5.49717  1.89403   1.000 19.68591 ? 347 TRP A CZ3  1 
ATOM   207  C CH2  . TRP A 1 14 ? 3.62337   -6.53187  2.81123   1.000 28.34478 ? 347 TRP A CH2  1 
ATOM   208  H H    . TRP A 1 14 ? -0.68511  -0.72001  2.28445   1.000 10.89686 ? 347 TRP A H    1 
ATOM   209  H HA   . TRP A 1 14 ? 0.37489   -1.71176  4.46331   1.000 12.78957 ? 347 TRP A HA   1 
ATOM   210  H HB2  . TRP A 1 14 ? -1.09956  -2.89402  3.05180   1.000 15.26436 ? 347 TRP A HB2  1 
ATOM   211  H HB3  . TRP A 1 14 ? 0.05076   -2.98299  1.95899   1.000 15.26436 ? 347 TRP A HB3  1 
ATOM   212  H HD1  . TRP A 1 14 ? -0.81186  -4.44790  5.17634   1.000 17.74706 ? 347 TRP A HD1  1 
ATOM   213  H HE1  . TRP A 1 14 ? 0.66691   -6.28529  5.66145   1.000 18.05585 ? 347 TRP A HE1  1 
ATOM   214  H HE3  . TRP A 1 14 ? 2.23106   -3.97019  1.39709   1.000 17.83181 ? 347 TRP A HE3  1 
ATOM   215  H HZ2  . TRP A 1 14 ? 2.93560   -7.40848  4.48838   1.000 22.35455 ? 347 TRP A HZ2  1 
ATOM   216  H HZ3  . TRP A 1 14 ? 3.98118   -5.39817  1.17451   1.000 23.62310 ? 347 TRP A HZ3  1 
ATOM   217  H HH2  . TRP A 1 14 ? 4.34721   -7.10282  2.68889   1.000 34.01373 ? 347 TRP A HH2  1 
ATOM   218  N N    . ALA A 1 15 ? 2.58245   -1.15700  2.23104   1.000 8.90215  ? 348 ALA A N    1 
ATOM   219  C CA   . ALA A 1 15 ? 4.02291   -1.09786  2.03674   1.000 9.66243  ? 348 ALA A CA   1 
ATOM   220  C C    . ALA A 1 15 ? 4.65685   0.00411   2.86572   1.000 10.52488 ? 348 ALA A C    1 
ATOM   221  O O    . ALA A 1 15 ? 5.75099   -0.19253  3.41812   1.000 10.59069 ? 348 ALA A O    1 
ATOM   222  C CB   . ALA A 1 15 ? 4.31700   -0.91332  0.55789   1.000 12.89694 ? 348 ALA A CB   1 
ATOM   223  H H    . ALA A 1 15 ? 2.12542   -0.89758  1.55029   1.000 10.68258 ? 348 ALA A H    1 
ATOM   224  H HA   . ALA A 1 15 ? 4.42148   -1.93333  2.32665   1.000 11.59492 ? 348 ALA A HA   1 
ATOM   225  H HB1  . ALA A 1 15 ? 5.27667   -0.84861  0.43242   1.000 15.47632 ? 348 ALA A HB1  1 
ATOM   226  H HB2  . ALA A 1 15 ? 3.97023   -1.67620  0.06935   1.000 15.47632 ? 348 ALA A HB2  1 
ATOM   227  H HB3  . ALA A 1 15 ? 3.88752   -0.10007  0.24958   1.000 15.47632 ? 348 ALA A HB3  1 
ATOM   228  N N    . ARG A 1 16 ? 4.02153   1.16471   2.95333   1.000 8.91095  ? 349 ARG A N    1 
ATOM   229  C CA   . ARG A 1 16 ? 4.58235   2.25209   3.74683   1.000 10.29818 ? 349 ARG A CA   1 
ATOM   230  C C    . ARG A 1 16 ? 4.75248   1.82449   5.19287   1.000 11.93764 ? 349 ARG A C    1 
ATOM   231  O O    . ARG A 1 16 ? 5.73233   2.20116   5.84830   1.000 15.37782 ? 349 ARG A O    1 
ATOM   232  C CB   . ARG A 1 16 ? 3.71957   3.51156   3.62851   1.000 14.67474 ? 349 ARG A CB   1 
ATOM   233  C CG   . ARG A 1 16 ? 3.90366   4.23213   2.29555   1.000 18.43339 ? 349 ARG A CG   1 
ATOM   234  C CD   . ARG A 1 16 ? 3.63826   5.73349   2.32744   1.000 32.83337 ? 349 ARG A CD   1 
ATOM   235  N NE   . ARG A 1 16 ? 2.27188   6.11940   2.64510   1.000 33.97472 ? 349 ARG A NE   1 
ATOM   236  C CZ   . ARG A 1 16 ? 1.21381   5.93637   1.85818   1.000 48.76397 ? 349 ARG A CZ   1 
ATOM   237  N NH1  . ARG A 1 16 ? 1.32755   5.33217   0.67857   1.000 35.52856 ? 349 ARG A NH1  1 
ATOM   238  N NH2  . ARG A 1 16 ? 0.02294   6.35501   2.27121   1.000 45.03457 ? 349 ARG A NH2  1 
ATOM   239  H H    . ARG A 1 16 ? 3.27435   1.35040   2.57013   1.000 10.69314 ? 349 ARG A H    1 
ATOM   240  H HA   . ARG A 1 16 ? 5.45734   2.48264   3.39735   1.000 12.35782 ? 349 ARG A HA   1 
ATOM   241  H HB2  . ARG A 1 16 ? 2.78547   3.26268   3.70864   1.000 17.60969 ? 349 ARG A HB2  1 
ATOM   242  H HB3  . ARG A 1 16 ? 3.96097   4.12708   4.33827   1.000 17.60969 ? 349 ARG A HB3  1 
ATOM   243  H HG2  . ARG A 1 16 ? 4.81979   4.10664   2.00252   1.000 22.12007 ? 349 ARG A HG2  1 
ATOM   244  H HG3  . ARG A 1 16 ? 3.29267   3.84418   1.64973   1.000 22.12007 ? 349 ARG A HG3  1 
ATOM   245  H HD2  . ARG A 1 16 ? 4.21390   6.13182   2.99890   1.000 39.40004 ? 349 ARG A HD2  1 
ATOM   246  H HD3  . ARG A 1 16 ? 3.84548   6.09952   1.45339   1.000 39.40004 ? 349 ARG A HD3  1 
ATOM   247  H HE   . ARG A 1 16 ? 2.13628   6.49769   3.40544   1.000 40.76966 ? 349 ARG A HE   1 
ATOM   248  H HH11 . ARG A 1 16 ? 2.09530   5.05140   0.41152   1.000 42.63427 ? 349 ARG A HH11 1 
ATOM   249  H HH12 . ARG A 1 16 ? 0.63333   5.22232   0.18301   1.000 42.63427 ? 349 ARG A HH12 1 
ATOM   250  H HH21 . ARG A 1 16 ? -0.05635  6.73803   3.03711   1.000 54.04148 ? 349 ARG A HH21 1 
ATOM   251  H HH22 . ARG A 1 16 ? -0.66887  6.24307   1.77275   1.000 54.04148 ? 349 ARG A HH22 1 
ATOM   252  N N    . ILE A 1 17 ? 3.82800   1.01977   5.70071   1.000 9.18699  ? 350 ILE A N    1 
ATOM   253  C CA   . ILE A 1 17 ? 3.91064   0.52291   7.06486   1.000 9.18636  ? 350 ILE A CA   1 
ATOM   254  C C    . ILE A 1 17 ? 5.01815   -0.50393  7.19779   1.000 8.71135  ? 350 ILE A C    1 
ATOM   255  O O    . ILE A 1 17 ? 5.77164   -0.49004  8.16973   1.000 10.77986 ? 350 ILE A O    1 
ATOM   256  C CB   . ILE A 1 17 ? 2.54993   -0.04457  7.50167   1.000 10.11437 ? 350 ILE A CB   1 
ATOM   257  C CG1  . ILE A 1 17 ? 1.55422   1.10233   7.64283   1.000 11.54353 ? 350 ILE A CG1  1 
ATOM   258  C CG2  . ILE A 1 17 ? 2.68207   -0.81666  8.80514   1.000 13.22897 ? 350 ILE A CG2  1 
ATOM   259  C CD1  . ILE A 1 17 ? 0.10610   0.66598   7.73189   1.000 12.11474 ? 350 ILE A CD1  1 
ATOM   260  H H    . ILE A 1 17 ? 3.13497   0.74248   5.27359   1.000 11.02438 ? 350 ILE A H    1 
ATOM   261  H HA   . ILE A 1 17 ? 4.13012   1.26476   7.65000   1.000 11.02363 ? 350 ILE A HA   1 
ATOM   262  H HB   . ILE A 1 17 ? 2.22935   -0.66321  6.82683   1.000 12.13725 ? 350 ILE A HB   1 
ATOM   263  H HG12 . ILE A 1 17 ? 1.76245   1.59509   8.45199   1.000 13.85224 ? 350 ILE A HG12 1 
ATOM   264  H HG13 . ILE A 1 17 ? 1.63882   1.68247   6.87006   1.000 13.85224 ? 350 ILE A HG13 1 
ATOM   265  H HG21 . ILE A 1 17 ? 1.80623   -0.89848  9.21391   1.000 15.87476 ? 350 ILE A HG21 1 
ATOM   266  H HG22 . ILE A 1 17 ? 3.04216   -1.69716  8.61552   1.000 15.87476 ? 350 ILE A HG22 1 
ATOM   267  H HG23 . ILE A 1 17 ? 3.28016   -0.33535  9.39804   1.000 15.87476 ? 350 ILE A HG23 1 
ATOM   268  H HD11 . ILE A 1 17 ? -0.45951  1.45331   7.76494   1.000 14.53769 ? 350 ILE A HD11 1 
ATOM   269  H HD12 . ILE A 1 17 ? -0.11219  0.13445   6.95041   1.000 14.53769 ? 350 ILE A HD12 1 
ATOM   270  H HD13 . ILE A 1 17 ? -0.01555  0.13731   8.53601   1.000 14.53769 ? 350 ILE A HD13 1 
ATOM   271  N N    . HIS A 1 18 ? 5.13024   -1.42470  6.23695   1.000 8.41149  ? 351 HIS A N    1 
ATOM   272  C CA   . HIS A 1 18 ? 5.93415   -2.62162  6.44098   1.000 10.98225 ? 351 HIS A CA   1 
ATOM   273  C C    . HIS A 1 18 ? 7.30944   -2.58035  5.79904   1.000 10.95008 ? 351 HIS A C    1 
ATOM   274  O O    . HIS A 1 18 ? 8.20115   -3.29283  6.27213   1.000 11.62842 ? 351 HIS A O    1 
ATOM   275  C CB   . HIS A 1 18 ? 5.17305   -3.85221  5.95096   1.000 11.23540 ? 351 HIS A CB   1 
ATOM   276  C CG   . HIS A 1 18 ? 3.95553   -4.15581  6.76641   1.000 11.09077 ? 351 HIS A CG   1 
ATOM   277  N ND1  . HIS A 1 18 ? 2.73176   -3.59891  6.48333   1.000 10.38158 ? 351 HIS A ND1  1 
ATOM   278  C CD2  . HIS A 1 18 ? 3.76934   -4.93029  7.86222   1.000 14.28281 ? 351 HIS A CD2  1 
ATOM   279  C CE1  . HIS A 1 18 ? 1.84166   -4.01271  7.37006   1.000 11.91454 ? 351 HIS A CE1  1 
ATOM   280  N NE2  . HIS A 1 18 ? 2.44955   -4.81851  8.22306   1.000 13.17033 ? 351 HIS A NE2  1 
ATOM   281  H H    . HIS A 1 18 ? 4.75167   -1.37508  5.46635   1.000 10.09379 ? 351 HIS A H    1 
ATOM   282  H HA   . HIS A 1 18 ? 6.08573   -2.72288  7.39369   1.000 13.17870 ? 351 HIS A HA   1 
ATOM   283  H HB2  . HIS A 1 18 ? 4.88934   -3.70208  5.03562   1.000 13.48248 ? 351 HIS A HB2  1 
ATOM   284  H HB3  . HIS A 1 18 ? 5.76079   -4.62268  5.99399   1.000 13.48248 ? 351 HIS A HB3  1 
ATOM   285  H HD1  . HIS A 1 18 ? 2.56944   -3.06362  5.83010   1.000 12.45790 ? 351 HIS A HD1  1 
ATOM   286  H HD2  . HIS A 1 18 ? 4.41613   -5.44297  8.29084   1.000 17.13938 ? 351 HIS A HD2  1 
ATOM   287  H HE1  . HIS A 1 18 ? 0.94224   -3.77698  7.38982   1.000 14.29744 ? 351 HIS A HE1  1 
ATOM   288  N N    . ARG A 1 19 ? 7.52453   -1.74550  4.78928   1.000 9.50861  ? 352 ARG A N    1 
ATOM   289  C CA   . ARG A 1 19 ? 8.80266   -1.76048  4.09134   1.000 9.78997  ? 352 ARG A CA   1 
ATOM   290  C C    . ARG A 1 19 ? 9.98143   -1.50600  5.01558   1.000 10.38779 ? 352 ARG A C    1 
ATOM   291  O O    . ARG A 1 19 ? 10.96984  -2.23065  4.90160   1.000 10.56882 ? 352 ARG A O    1 
ATOM   292  C CB   . ARG A 1 19 ? 8.80274   -0.77125  2.93153   1.000 9.73449  ? 352 ARG A CB   1 
ATOM   293  C CG   . ARG A 1 19 ? 10.11655  -0.79001  2.15553   1.000 9.36781  ? 352 ARG A CG   1 
ATOM   294  C CD   . ARG A 1 19 ? 10.14504  0.28886   1.10113   1.000 12.33332 ? 352 ARG A CD   1 
ATOM   295  N NE   . ARG A 1 19 ? 9.09383   0.11434   0.09414   1.000 15.22201 ? 352 ARG A NE   1 
ATOM   296  C CZ   . ARG A 1 19 ? 9.18831   -0.60962  -1.01782  1.000 19.94887 ? 352 ARG A CZ   1 
ATOM   297  N NH1  . ARG A 1 19 ? 10.29731  -1.26913  -1.29175  1.000 17.52834 ? 352 ARG A NH1  1 
ATOM   298  N NH2  . ARG A 1 19 ? 8.15567   -0.67215  -1.84783  1.000 20.43544 ? 352 ARG A NH2  1 
ATOM   299  H H    . ARG A 1 19 ? 6.95906   -1.16989  4.49176   1.000 11.41033 ? 352 ARG A H    1 
ATOM   300  H HA   . ARG A 1 19 ? 8.89629   -2.65082  3.71795   1.000 11.74797 ? 352 ARG A HA   1 
ATOM   301  H HB2  . ARG A 1 19 ? 8.08635   -1.00014  2.31892   1.000 11.68139 ? 352 ARG A HB2  1 
ATOM   302  H HB3  . ARG A 1 19 ? 8.66910   0.12471   3.27836   1.000 11.68139 ? 352 ARG A HB3  1 
ATOM   303  H HG2  . ARG A 1 19 ? 10.85416  -0.63936  2.76719   1.000 11.24137 ? 352 ARG A HG2  1 
ATOM   304  H HG3  . ARG A 1 19 ? 10.21942  -1.64904  1.71694   1.000 11.24137 ? 352 ARG A HG3  1 
ATOM   305  H HD2  . ARG A 1 19 ? 10.01528  1.15133   1.52563   1.000 14.79999 ? 352 ARG A HD2  1 
ATOM   306  H HD3  . ARG A 1 19 ? 11.00253  0.26769   0.64818   1.000 14.79999 ? 352 ARG A HD3  1 
ATOM   307  H HE   . ARG A 1 19 ? 8.34726   0.51718   0.23538   1.000 18.26641 ? 352 ARG A HE   1 
ATOM   308  H HH11 . ARG A 1 19 ? 10.96431  -1.23250  -0.75013  1.000 21.03401 ? 352 ARG A HH11 1 
ATOM   309  H HH12 . ARG A 1 19 ? 10.35335  -1.73576  -2.01197  1.000 21.03401 ? 352 ARG A HH12 1 
ATOM   310  H HH21 . ARG A 1 19 ? 7.43108   -0.24631  -1.66554  1.000 24.52252 ? 352 ARG A HH21 1 
ATOM   311  H HH22 . ARG A 1 19 ? 8.21070   -1.13853  -2.56828  1.000 24.52252 ? 352 ARG A HH22 1 
ATOM   312  N N    . PRO A 1 20 ? 9.96092   -0.50227  5.91023   1.000 10.28960 ? 353 PRO A N    1 
ATOM   313  C CA   . PRO A 1 20 ? 11.20363  -0.18878  6.63449   1.000 12.55185 ? 353 PRO A CA   1 
ATOM   314  C C    . PRO A 1 20 ? 11.74741  -1.35553  7.41565   1.000 10.81149 ? 353 PRO A C    1 
ATOM   315  O O    . PRO A 1 20 ? 12.94998  -1.64537  7.33889   1.000 12.00698 ? 353 PRO A O    1 
ATOM   316  C CB   . PRO A 1 20 ? 10.79480  0.97627   7.54098   1.000 12.88908 ? 353 PRO A CB   1 
ATOM   317  C CG   . PRO A 1 20 ? 9.65623   1.61229   6.82523   1.000 13.89101 ? 353 PRO A CG   1 
ATOM   318  C CD   . PRO A 1 20 ? 8.90279   0.47446   6.19446   1.000 12.45270 ? 353 PRO A CD   1 
ATOM   319  H HA   . PRO A 1 20 ? 11.88037  0.11810   6.01098   1.000 15.06221 ? 353 PRO A HA   1 
ATOM   320  H HB2  . PRO A 1 20 ? 10.52006  0.64267   8.40938   1.000 15.46690 ? 353 PRO A HB2  1 
ATOM   321  H HB3  . PRO A 1 20 ? 11.53453  1.59550   7.64231   1.000 15.46690 ? 353 PRO A HB3  1 
ATOM   322  H HG2  . PRO A 1 20 ? 9.09590   2.09077   7.45609   1.000 16.66921 ? 353 PRO A HG2  1 
ATOM   323  H HG3  . PRO A 1 20 ? 9.99084   2.22248   6.14951   1.000 16.66921 ? 353 PRO A HG3  1 
ATOM   324  H HD2  . PRO A 1 20 ? 8.24905   0.10797   6.81025   1.000 14.94324 ? 353 PRO A HD2  1 
ATOM   325  H HD3  . PRO A 1 20 ? 8.46529   0.75935   5.37694   1.000 14.94324 ? 353 PRO A HD3  1 
ATOM   326  N N    . ALA A 1 21 ? 10.90603  -2.06874  8.13790   1.000 10.95707 ? 354 ALA A N    1 
ATOM   327  C CA   . ALA A 1 21 ? 11.36257  -3.19815  8.93324   1.000 13.08705 ? 354 ALA A CA   1 
ATOM   328  C C    . ALA A 1 21 ? 11.74943  -4.37491  8.05593   1.000 12.86075 ? 354 ALA A C    1 
ATOM   329  O O    . ALA A 1 21 ? 12.68627  -5.10495  8.38683   1.000 12.79148 ? 354 ALA A O    1 
ATOM   330  C CB   . ALA A 1 21 ? 10.29198  -3.60204  9.94877   1.000 16.03196 ? 354 ALA A CB   1 
ATOM   331  H H    . ALA A 1 21 ? 10.05980  -1.92448  8.18975   1.000 13.14848 ? 354 ALA A H    1 
ATOM   332  H HA   . ALA A 1 21 ? 12.15084  -2.92752  9.42952   1.000 15.70445 ? 354 ALA A HA   1 
ATOM   333  H HB1  . ALA A 1 21 ? 10.62246  -4.34521  10.47735  1.000 19.23835 ? 354 ALA A HB1  1 
ATOM   334  H HB2  . ALA A 1 21 ? 10.10163  -2.84521  10.52484  1.000 19.23835 ? 354 ALA A HB2  1 
ATOM   335  H HB3  . ALA A 1 21 ? 9.48890   -3.86583  9.47298   1.000 19.23835 ? 354 ALA A HB3  1 
ATOM   336  N N    . LEU A 1 22 ? 11.04937  -4.58008  6.94803   1.000 12.44500 ? 355 LEU A N    1 
ATOM   337  C CA   . LEU A 1 22 ? 11.42288  -5.65465  6.04242   1.000 13.83600 ? 355 LEU A CA   1 
ATOM   338  C C    . LEU A 1 22 ? 12.79254  -5.38272  5.43965   1.000 10.45800 ? 355 LEU A C    1 
ATOM   339  O O    . LEU A 1 22 ? 13.63105  -6.29415  5.36870   1.000 12.92375 ? 355 LEU A O    1 
ATOM   340  C CB   . LEU A 1 22 ? 10.33870  -5.83274  4.97625   1.000 11.11725 ? 355 LEU A CB   1 
ATOM   341  C CG   . LEU A 1 22 ? 10.56589  -7.02472  4.04102   1.000 14.51922 ? 355 LEU A CG   1 
ATOM   342  C CD1  . LEU A 1 22 ? 10.56336  -8.33871  4.80869   1.000 21.30491 ? 355 LEU A CD1  1 
ATOM   343  C CD2  . LEU A 1 22 ? 9.51894   -7.06078  2.93677   1.000 16.06399 ? 355 LEU A CD2  1 
ATOM   344  H H    . LEU A 1 22 ? 10.36584  -4.12093  6.69991   1.000 14.93400 ? 355 LEU A H    1 
ATOM   345  H HA   . LEU A 1 22 ? 11.48063  -6.49605  6.52159   1.000 16.60320 ? 355 LEU A HA   1 
ATOM   346  H HB2  . LEU A 1 22 ? 9.48670   -5.96501  5.42064   1.000 13.34070 ? 355 LEU A HB2  1 
ATOM   347  H HB3  . LEU A 1 22 ? 10.30726  -5.03158  4.43030   1.000 13.34070 ? 355 LEU A HB3  1 
ATOM   348  H HG   . LEU A 1 22 ? 11.43813  -6.91959  3.62986   1.000 17.42306 ? 355 LEU A HG   1 
ATOM   349  H HD11 . LEU A 1 22 ? 10.45215  -9.07049  4.18179   1.000 25.56589 ? 355 LEU A HD11 1 
ATOM   350  H HD12 . LEU A 1 22 ? 11.40665  -8.43132  5.27900   1.000 25.56589 ? 355 LEU A HD12 1 
ATOM   351  H HD13 . LEU A 1 22 ? 9.82971   -8.33233  5.44322   1.000 25.56589 ? 355 LEU A HD13 1 
ATOM   352  H HD21 . LEU A 1 22 ? 9.64570   -7.86373  2.40750   1.000 19.27678 ? 355 LEU A HD21 1 
ATOM   353  H HD22 . LEU A 1 22 ? 8.63612   -7.06545  3.33864   1.000 19.27678 ? 355 LEU A HD22 1 
ATOM   354  H HD23 . LEU A 1 22 ? 9.62335   -6.27563  2.37683   1.000 19.27678 ? 355 LEU A HD23 1 
ATOM   355  N N    . ALA A 1 23 ? 13.04322  -4.14460  5.02492   1.000 10.88276 ? 356 ALA A N    1 
ATOM   356  C CA   . ALA A 1 23 ? 14.35062  -3.79928  4.48150   1.000 11.59017 ? 356 ALA A CA   1 
ATOM   357  C C    . ALA A 1 23 ? 15.45477  -4.04974  5.49127   1.000 12.17718 ? 356 ALA A C    1 
ATOM   358  O O    . ALA A 1 23 ? 16.51583  -4.57927  5.12824   1.000 14.73809 ? 356 ALA A O    1 
ATOM   359  C CB   . ALA A 1 23 ? 14.37041  -2.37074  3.99525   1.000 11.38799 ? 356 ALA A CB   1 
ATOM   360  H H    . ALA A 1 23 ? 12.48254  -3.49284  5.04602   1.000 13.05931 ? 356 ALA A H    1 
ATOM   361  H HA   . ALA A 1 23 ? 14.51989  -4.36500  3.71195   1.000 13.90821 ? 356 ALA A HA   1 
ATOM   362  H HB1  . ALA A 1 23 ? 15.23467  -2.18499  3.59597   1.000 13.66559 ? 356 ALA A HB1  1 
ATOM   363  H HB2  . ALA A 1 23 ? 13.66898  -2.25184  3.33587   1.000 13.66559 ? 356 ALA A HB2  1 
ATOM   364  H HB3  . ALA A 1 23 ? 14.21997  -1.77859  4.74866   1.000 13.66559 ? 356 ALA A HB3  1 
ATOM   365  N N    . LYS A 1 24 ? 15.22470  -3.68791  6.74919   1.000 12.69810 ? 357 LYS A N    1 
ATOM   366  C CA   . LYS A 1 24 ? 16.24346  -3.84972  7.77946   1.000 13.24400 ? 357 LYS A CA   1 
ATOM   367  C C    . LYS A 1 24 ? 16.44966  -5.30873  8.13247   1.000 14.65540 ? 357 LYS A C    1 
ATOM   368  O O    . LYS A 1 24 ? 17.56492  -5.70413  8.50122   1.000 13.73408 ? 357 LYS A O    1 
ATOM   369  C CB   . LYS A 1 24 ? 15.82228  -3.09646  9.03587   1.000 19.93795 ? 357 LYS A CB   1 
ATOM   370  C CG   . LYS A 1 24 ? 16.06851  -1.59671  9.02986   1.000 34.79386 ? 357 LYS A CG   1 
ATOM   371  H H    . LYS A 1 24 ? 14.48899  -3.34633  7.03494   1.000 15.23772 ? 357 LYS A H    1 
ATOM   372  H HA   . LYS A 1 24 ? 17.07913  -3.48437  7.44919   1.000 15.89280 ? 357 LYS A HA   1 
ATOM   373  H HB2  . LYS A 1 24 ? 14.87001  -3.22961  9.16375   1.000 23.92555 ? 357 LYS A HB2  1 
ATOM   374  H HB3  . LYS A 1 24 ? 16.31259  -3.46395  9.78784   1.000 23.92555 ? 357 LYS A HB3  1 
ATOM   375  H HG2  . LYS A 1 24 ? 16.82226  -1.38640  8.45781   1.000 41.75263 ? 357 LYS A HG2  1 
ATOM   376  H HG3  . LYS A 1 24 ? 15.26588  -1.14837  8.72107   1.000 41.75263 ? 357 LYS A HG3  1 
ATOM   377  N N    . ALA A 1 25 ? 15.40462  -6.11652  8.05826   1.000 12.40313 ? 358 ALA A N    1 
ATOM   378  C CA   . ALA A 1 25 ? 15.49001  -7.53805  8.34250   1.000 13.62013 ? 358 ALA A CA   1 
ATOM   379  C C    . ALA A 1 25 ? 16.10570  -8.33612  7.20561   1.000 13.49562 ? 358 ALA A C    1 
ATOM   380  O O    . ALA A 1 25 ? 16.58329  -9.44804  7.44627   1.000 16.43070 ? 358 ALA A O    1 
ATOM   381  C CB   . ALA A 1 25 ? 14.09763  -8.10464  8.61807   1.000 16.32501 ? 358 ALA A CB   1 
ATOM   382  H H    . ALA A 1 25 ? 14.61316  -5.86067  7.83980   1.000 14.88375 ? 358 ALA A H    1 
ATOM   383  H HA   . ALA A 1 25 ? 16.04071  -7.64925  9.13324   1.000 16.34416 ? 358 ALA A HA   1 
ATOM   384  H HB1  . ALA A 1 25 ? 14.17953  -9.04080  8.85848   1.000 19.59001 ? 358 ALA A HB1  1 
ATOM   385  H HB2  . ALA A 1 25 ? 13.69411  -7.60970  9.34821   1.000 19.59001 ? 358 ALA A HB2  1 
ATOM   386  H HB3  . ALA A 1 25 ? 13.55611  -8.01465  7.81834   1.000 19.59001 ? 358 ALA A HB3  1 
ATOM   387  N N    . ASN A 1 26 ? 16.07397  -7.80527  5.99212   1.000 12.67665 ? 359 ASN A N    1 
ATOM   388  C CA   . ASN A 1 26 ? 16.64080  -8.45941  4.80713   1.000 11.64905 ? 359 ASN A CA   1 
ATOM   389  C C    . ASN A 1 26 ? 17.58888  -7.47857  4.14283   1.000 11.68839 ? 359 ASN A C    1 
ATOM   390  O O    . ASN A 1 26 ? 17.38037  -7.06536  2.99497   1.000 12.93977 ? 359 ASN A O    1 
ATOM   391  C CB   . ASN A 1 26 ? 15.55012  -8.89468  3.83724   1.000 14.46922 ? 359 ASN A CB   1 
ATOM   392  C CG   . ASN A 1 26 ? 14.67824  -9.96483  4.39670   1.000 23.49378 ? 359 ASN A CG   1 
ATOM   393  O OD1  . ASN A 1 26 ? 13.57156  -9.67963  4.86725   1.000 37.62263 ? 359 ASN A OD1  1 
ATOM   394  N ND2  . ASN A 1 26 ? 15.15528  -11.20003 4.37794   1.000 33.55470 ? 359 ASN A ND2  1 
ATOM   395  H H    . ASN A 1 26 ? 15.71854  -7.04143  5.81944   1.000 15.21198 ? 359 ASN A H    1 
ATOM   396  H HA   . ASN A 1 26 ? 17.12388  -9.25692  5.07455   1.000 13.97886 ? 359 ASN A HA   1 
ATOM   397  H HB2  . ASN A 1 26 ? 14.99054  -8.13082  3.62676   1.000 17.36306 ? 359 ASN A HB2  1 
ATOM   398  H HB3  . ASN A 1 26 ? 15.96337  -9.23602  3.02877   1.000 17.36306 ? 359 ASN A HB3  1 
ATOM   399  H HD21 . ASN A 1 26 ? 14.68417  -11.84773 4.69119   1.000 40.26564 ? 359 ASN A HD21 1 
ATOM   400  H HD22 . ASN A 1 26 ? 15.93619  -11.35449 4.05249   1.000 40.26564 ? 359 ASN A HD22 1 
ATOM   401  N N    . PRO A 1 27 ? 18.65884  -7.08639  4.81426   1.000 12.67933 ? 360 PRO A N    1 
ATOM   402  C CA   . PRO A 1 27 ? 19.47276  -5.96914  4.32888   1.000 11.47418 ? 360 PRO A CA   1 
ATOM   403  C C    . PRO A 1 27 ? 20.37243  -6.32107  3.14969   1.000 10.23266 ? 360 PRO A C    1 
ATOM   404  O O    . PRO A 1 27 ? 20.87938  -5.40141  2.49598   1.000 14.51271 ? 360 PRO A O    1 
ATOM   405  C CB   . PRO A 1 27 ? 20.31001  -5.58046  5.56503   1.000 13.93526 ? 360 PRO A CB   1 
ATOM   406  C CG   . PRO A 1 27 ? 20.44749  -6.88550  6.31456   1.000 13.68081 ? 360 PRO A CG   1 
ATOM   407  C CD   . PRO A 1 27 ? 19.10068  -7.55657  6.14147   1.000 13.85070 ? 360 PRO A CD   1 
ATOM   408  H HA   . PRO A 1 27 ? 18.90371  -5.22260  4.08441   1.000 13.76902 ? 360 PRO A HA   1 
ATOM   409  H HB2  . PRO A 1 27 ? 21.17504  -5.23686  5.29194   1.000 16.72232 ? 360 PRO A HB2  1 
ATOM   410  H HB3  . PRO A 1 27 ? 19.84138  -4.91642  6.09449   1.000 16.72232 ? 360 PRO A HB3  1 
ATOM   411  H HG2  . PRO A 1 27 ? 21.15722  -7.42054  5.92607   1.000 16.41697 ? 360 PRO A HG2  1 
ATOM   412  H HG3  . PRO A 1 27 ? 20.63528  -6.71470  7.25075   1.000 16.41697 ? 360 PRO A HG3  1 
ATOM   413  H HD2  . PRO A 1 27 ? 19.19151  -8.52224  6.15354   1.000 16.62084 ? 360 PRO A HD2  1 
ATOM   414  H HD3  . PRO A 1 27 ? 18.48177  -7.27290  6.83240   1.000 16.62084 ? 360 PRO A HD3  1 
ATOM   415  N N    . ALA A 1 28 ? 20.52687  -7.59662  2.81875   1.000 12.39844 ? 361 ALA A N    1 
ATOM   416  C CA   . ALA A 1 28 ? 21.27018  -7.96970  1.62430   1.000 14.12848 ? 361 ALA A CA   1 
ATOM   417  C C    . ALA A 1 28 ? 20.43416  -7.77176  0.37342   1.000 15.18224 ? 361 ALA A C    1 
ATOM   418  O O    . ALA A 1 28 ? 20.98418  -7.77721  -0.72610  1.000 16.86763 ? 361 ALA A O    1 
ATOM   419  C CB   . ALA A 1 28 ? 21.74958  -9.41879  1.72741   1.000 14.40014 ? 361 ALA A CB   1 
ATOM   420  H H    . ALA A 1 28 ? 20.21290  -8.26033  3.26654   1.000 14.87813 ? 361 ALA A H    1 
ATOM   421  H HA   . ALA A 1 28 ? 22.06823  -7.42371  1.54747   1.000 16.95417 ? 361 ALA A HA   1 
ATOM   422  H HB1  . ALA A 1 28 ? 22.22413  -9.65303  0.91448   1.000 17.28017 ? 361 ALA A HB1  1 
ATOM   423  H HB2  . ALA A 1 28 ? 22.34130  -9.50205  2.49150   1.000 17.28017 ? 361 ALA A HB2  1 
ATOM   424  H HB3  . ALA A 1 28 ? 20.98023  -9.99869  1.84009   1.000 17.28017 ? 361 ALA A HB3  1 
ATOM   425  N N    . ALA A 1 29 ? 19.12452  -7.57924  0.51361   1.000 13.80790 ? 362 ALA A N    1 
ATOM   426  C CA   . ALA A 1 29 ? 18.24856  -7.37334  -0.63009  1.000 12.47724 ? 362 ALA A CA   1 
ATOM   427  C C    . ALA A 1 29 ? 18.16576  -5.89746  -0.98169  1.000 12.77167 ? 362 ALA A C    1 
ATOM   428  O O    . ALA A 1 29 ? 18.10202  -5.04183  -0.10357  1.000 14.84018 ? 362 ALA A O    1 
ATOM   429  C CB   . ALA A 1 29 ? 16.84983  -7.89782  -0.30422  1.000 13.64193 ? 362 ALA A CB   1 
ATOM   430  H H    . ALA A 1 29 ? 18.71781  -7.56398  1.27122   1.000 16.56948 ? 362 ALA A H    1 
ATOM   431  H HA   . ALA A 1 29 ? 18.60008  -7.84715  -1.40004  1.000 14.97268 ? 362 ALA A HA   1 
ATOM   432  H HB1  . ALA A 1 29 ? 16.26197  -7.71663  -1.05421  1.000 16.37032 ? 362 ALA A HB1  1 
ATOM   433  H HB2  . ALA A 1 29 ? 16.89978  -8.85361  -0.14647  1.000 16.37032 ? 362 ALA A HB2  1 
ATOM   434  H HB3  . ALA A 1 29 ? 16.52104  -7.44823  0.48992   1.000 16.37032 ? 362 ALA A HB3  1 
ATOM   435  N N    . ASN A 1 30 ? 18.15929  -5.59744  -2.26711  1.000 13.68015 ? 363 ASN A N    1 
ATOM   436  C CA   . ASN A 1 30 ? 17.97689  -4.21650  -2.67691  1.000 15.01136 ? 363 ASN A CA   1 
ATOM   437  C C    . ASN A 1 30 ? 16.49382  -3.86108  -2.70515  1.000 14.57793 ? 363 ASN A C    1 
ATOM   438  O O    . ASN A 1 30 ? 15.62707  -4.68470  -2.46379  1.000 12.95047 ? 363 ASN A O    1 
ATOM   439  C CB   . ASN A 1 30 ? 18.66735  -3.92233  -4.00909  1.000 15.83584 ? 363 ASN A CB   1 
ATOM   440  C CG   . ASN A 1 30 ? 18.09170  -4.69443  -5.16445  1.000 19.71525 ? 363 ASN A CG   1 
ATOM   441  O OD1  . ASN A 1 30 ? 16.91900  -5.03535  -5.17352  1.000 16.16238 ? 363 ASN A OD1  1 
ATOM   442  N ND2  . ASN A 1 30 ? 18.92110  -4.98508  -6.15002  1.000 21.51620 ? 363 ASN A ND2  1 
ATOM   443  H H    . ASN A 1 30 ? 18.25623  -6.16159  -2.90893  1.000 16.41619 ? 363 ASN A H    1 
ATOM   444  H HA   . ASN A 1 30 ? 18.40232  -3.63697  -2.02573  1.000 18.01364 ? 363 ASN A HA   1 
ATOM   445  H HB2  . ASN A 1 30 ? 18.57530  -2.97740  -4.20797  1.000 19.00301 ? 363 ASN A HB2  1 
ATOM   446  H HB3  . ASN A 1 30 ? 19.60587  -4.15567  -3.93402  1.000 19.00301 ? 363 ASN A HB3  1 
ATOM   447  H HD21 . ASN A 1 30 ? 18.63967  -5.42519  -6.83319  1.000 25.81944 ? 363 ASN A HD21 1 
ATOM   448  H HD22 . ASN A 1 30 ? 19.74267  -4.73426  -6.10874  1.000 25.81944 ? 363 ASN A HD22 1 
ATOM   449  N N    . ASN A 1 31 ? 16.21899  -2.59542  -2.97363  1.000 14.38977 ? 364 ASN A N    1 
ATOM   450  C CA   . ASN A 1 31 ? 14.85328  -2.09601  -2.89668  1.000 14.92857 ? 364 ASN A CA   1 
ATOM   451  C C    . ASN A 1 31 ? 13.93647  -2.84392  -3.83745  1.000 12.86536 ? 364 ASN A C    1 
ATOM   452  O O    . ASN A 1 31 ? 12.79346  -3.14463  -3.46512  1.000 14.54090 ? 364 ASN A O    1 
ATOM   453  C CB   . ASN A 1 31 ? 14.83403  -0.59712  -3.18908  1.000 18.85028 ? 364 ASN A CB   1 
ATOM   454  C CG   . ASN A 1 31 ? 13.43531  -0.04553  -3.27619  1.000 34.90703 ? 364 ASN A CG   1 
ATOM   455  O OD1  . ASN A 1 31 ? 12.92088  0.19206   -4.36942  1.000 34.94512 ? 364 ASN A OD1  1 
ATOM   456  N ND2  . ASN A 1 31 ? 12.79479  0.12190   -2.13387  1.000 33.64294 ? 364 ASN A ND2  1 
ATOM   457  H H    . ASN A 1 31 ? 16.79906  -2.00315  -3.20237  1.000 17.26772 ? 364 ASN A H    1 
ATOM   458  H HA   . ASN A 1 31 ? 14.51836  -2.23044  -1.99631  1.000 17.91428 ? 364 ASN A HA   1 
ATOM   459  H HB2  . ASN A 1 31 ? 15.29853  -0.12916  -2.47764  1.000 22.62034 ? 364 ASN A HB2  1 
ATOM   460  H HB3  . ASN A 1 31 ? 15.27556  -0.43369  -4.03718  1.000 22.62034 ? 364 ASN A HB3  1 
ATOM   461  H HD21 . ASN A 1 31 ? 11.99348  0.43417   -2.13195  1.000 40.37153 ? 364 ASN A HD21 1 
ATOM   462  H HD22 . ASN A 1 31 ? 13.17888  -0.08130  -1.39173  1.000 40.37153 ? 364 ASN A HD22 1 
ATOM   463  N N    . ALA A 1 32 ? 14.41616  -3.15725  -5.04646  1.000 13.55366 ? 365 ALA A N    1 
ATOM   464  C CA   . ALA A 1 32 ? 13.56548  -3.85747  -6.00279  1.000 12.83349 ? 365 ALA A CA   1 
ATOM   465  C C    . ALA A 1 32 ? 13.17813  -5.22918  -5.47856  1.000 13.66720 ? 365 ALA A C    1 
ATOM   466  O O    . ALA A 1 32 ? 12.01950  -5.64439  -5.59413  1.000 12.40939 ? 365 ALA A O    1 
ATOM   467  C CB   . ALA A 1 32 ? 14.26514  -3.95795  -7.34186  1.000 14.74351 ? 365 ALA A CB   1 
ATOM   468  H H    . ALA A 1 32 ? 15.20891  -2.98011  -5.32891  1.000 16.26439 ? 365 ALA A H    1 
ATOM   469  H HA   . ALA A 1 32 ? 12.74945  -3.35091  -6.13839  1.000 15.40019 ? 365 ALA A HA   1 
ATOM   470  H HB1  . ALA A 1 32 ? 13.65782  -4.35337  -7.98660  1.000 17.69221 ? 365 ALA A HB1  1 
ATOM   471  H HB2  . ALA A 1 32 ? 14.52190  -3.06854  -7.63154  1.000 17.69221 ? 365 ALA A HB2  1 
ATOM   472  H HB3  . ALA A 1 32 ? 15.05347  -4.51482  -7.24526  1.000 17.69221 ? 365 ALA A HB3  1 
ATOM   473  N N    . GLU A 1 33 ? 14.11303  -5.93773  -4.84939  1.000 10.55025 ? 366 GLU A N    1 
ATOM   474  C CA   . GLU A 1 33 ? 13.79069  -7.23264  -4.27622  1.000 11.73083 ? 366 GLU A CA   1 
ATOM   475  C C    . GLU A 1 33 ? 12.87089  -7.10120  -3.06474  1.000 12.89301 ? 366 GLU A C    1 
ATOM   476  O O    . GLU A 1 33 ? 11.95217  -7.90948  -2.88253  1.000 11.66878 ? 366 GLU A O    1 
ATOM   477  C CB   . GLU A 1 33 ? 15.06167  -8.00324  -3.92857  1.000 12.90190 ? 366 GLU A CB   1 
ATOM   478  C CG   . GLU A 1 33 ? 14.73692  -9.42106  -3.51039  1.000 21.12501 ? 366 GLU A CG   1 
ATOM   479  C CD   . GLU A 1 33 ? 15.95711  -10.30547 -3.35846  1.000 49.64135 ? 366 GLU A CD   1 
ATOM   480  O OE1  . GLU A 1 33 ? 15.77661  -11.49351 -3.02801  1.000 35.82058 ? 366 GLU A OE1  1 
ATOM   481  O OE2  . GLU A 1 33 ? 17.08855  -9.81793  -3.56019  1.000 26.28786 ? 366 GLU A OE2  1 
ATOM   482  H H    . GLU A 1 33 ? 14.93070  -5.69366  -4.74249  1.000 12.66030 ? 366 GLU A H    1 
ATOM   483  H HA   . GLU A 1 33 ? 13.31701  -7.75115  -4.94530  1.000 14.07699 ? 366 GLU A HA   1 
ATOM   484  H HB2  . GLU A 1 33 ? 15.64162  -8.03634  -4.70540  1.000 15.48228 ? 366 GLU A HB2  1 
ATOM   485  H HB3  . GLU A 1 33 ? 15.51594  -7.56176  -3.19397  1.000 15.48228 ? 366 GLU A HB3  1 
ATOM   486  H HG2  . GLU A 1 33 ? 14.28000  -9.39769  -2.65506  1.000 25.35001 ? 366 GLU A HG2  1 
ATOM   487  H HG3  . GLU A 1 33 ? 14.16307  -9.82135  -4.18223  1.000 25.35001 ? 366 GLU A HG3  1 
ATOM   488  N N    . ILE A 1 34 ? 13.10164  -6.10449  -2.20028  1.000 10.72395 ? 367 ILE A N    1 
ATOM   489  C CA   . ILE A 1 34 ? 12.17076  -5.85259  -1.09642  1.000 9.62292  ? 367 ILE A CA   1 
ATOM   490  C C    . ILE A 1 34 ? 10.76563  -5.60860  -1.62414  1.000 10.23790 ? 367 ILE A C    1 
ATOM   491  O O    . ILE A 1 34 ? 9.78465   -6.10741  -1.06961  1.000 10.94272 ? 367 ILE A O    1 
ATOM   492  C CB   . ILE A 1 34 ? 12.67001  -4.68244  -0.21353  1.000 10.49791 ? 367 ILE A CB   1 
ATOM   493  C CG1  . ILE A 1 34 ? 14.01082  -5.01091  0.48101   1.000 10.71415 ? 367 ILE A CG1  1 
ATOM   494  C CG2  . ILE A 1 34 ? 11.60837  -4.26634  0.80907   1.000 11.84370 ? 367 ILE A CG2  1 
ATOM   495  C CD1  . ILE A 1 34 ? 13.92635  -6.15346  1.43197   1.000 11.42487 ? 367 ILE A CD1  1 
ATOM   496  H H    . ILE A 1 34 ? 13.77514  -5.57050  -2.22930  1.000 12.86874 ? 367 ILE A H    1 
ATOM   497  H HA   . ILE A 1 34 ? 12.14155  -6.64577  -0.53882  1.000 11.54751 ? 367 ILE A HA   1 
ATOM   498  H HB   . ILE A 1 34 ? 12.82988  -3.93202  -0.80699  1.000 12.59749 ? 367 ILE A HB   1 
ATOM   499  H HG12 . ILE A 1 34 ? 14.66658  -5.23722  -0.19698  1.000 12.85698 ? 367 ILE A HG12 1 
ATOM   500  H HG13 . ILE A 1 34 ? 14.30378  -4.23169  0.97892   1.000 12.85698 ? 367 ILE A HG13 1 
ATOM   501  H HG21 . ILE A 1 34 ? 12.01479  -3.67825  1.46471   1.000 14.21244 ? 367 ILE A HG21 1 
ATOM   502  H HG22 . ILE A 1 34 ? 10.89104  -3.80314  0.34887   1.000 14.21244 ? 367 ILE A HG22 1 
ATOM   503  H HG23 . ILE A 1 34 ? 11.26260  -5.06026  1.24615   1.000 14.21244 ? 367 ILE A HG23 1 
ATOM   504  H HD11 . ILE A 1 34 ? 14.75928  -6.21612  1.92512   1.000 13.70984 ? 367 ILE A HD11 1 
ATOM   505  H HD12 . ILE A 1 34 ? 13.18993  -6.00069  2.04456   1.000 13.70984 ? 367 ILE A HD12 1 
ATOM   506  H HD13 . ILE A 1 34 ? 13.77607  -6.97057  0.93133   1.000 13.70984 ? 367 ILE A HD13 1 
ATOM   507  N N    . SER A 1 35 ? 10.65537  -4.85363  -2.71887  1.000 11.38535 ? 368 SER A N    1 
ATOM   508  C CA   . SER A 1 35 ? 9.34586   -4.59417  -3.31129  1.000 11.40140 ? 368 SER A CA   1 
ATOM   509  C C    . SER A 1 35 ? 8.65675   -5.87203  -3.76007  1.000 10.56741 ? 368 SER A C    1 
ATOM   510  O O    . SER A 1 35 ? 7.47076   -6.04338  -3.51378  1.000 11.54747 ? 368 SER A O    1 
ATOM   511  C CB   . SER A 1 35 ? 9.48850   -3.60228  -4.44833  1.000 13.07200 ? 368 SER A CB   1 
ATOM   512  O OG   . SER A 1 35 ? 9.63941   -2.29405  -3.90328  1.000 14.95110 ? 368 SER A OG   1 
ATOM   513  H H    . SER A 1 35 ? 11.31259  -4.48463  -3.13301  1.000 13.66242 ? 368 SER A H    1 
ATOM   514  H HA   . SER A 1 35 ? 8.77070   -4.19485  -2.63999  1.000 13.68168 ? 368 SER A HA   1 
ATOM   515  H HB2  . SER A 1 35 ? 10.27137  -3.82526  -4.97586  1.000 15.68640 ? 368 SER A HB2  1 
ATOM   516  H HB3  . SER A 1 35 ? 8.69435   -3.63139  -5.00456  1.000 15.68640 ? 368 SER A HB3  1 
ATOM   517  H HG   . SER A 1 35 ? 9.80119   -1.74397  -4.51715  1.000 17.94132 ? 368 SER A HG   1 
ATOM   518  N N    . VAL A 1 36 ? 9.40172   -6.79961  -4.33566  1.000 10.64203 ? 369 VAL A N    1 
ATOM   519  C CA   . VAL A 1 36 ? 8.83151   -8.09617  -4.70552  1.000 9.73847  ? 369 VAL A CA   1 
ATOM   520  C C    . VAL A 1 36 ? 8.36421   -8.85806  -3.46985  1.000 10.72005 ? 369 VAL A C    1 
ATOM   521  O O    . VAL A 1 36 ? 7.28138   -9.44465  -3.45374  1.000 11.09475 ? 369 VAL A O    1 
ATOM   522  C CB   . VAL A 1 36 ? 9.85491   -8.89982  -5.52673  1.000 11.86250 ? 369 VAL A CB   1 
ATOM   523  C CG1  . VAL A 1 36 ? 9.38338   -10.33472 -5.70398  1.000 12.55103 ? 369 VAL A CG1  1 
ATOM   524  C CG2  . VAL A 1 36 ? 10.09186  -8.21502  -6.86562  1.000 13.70398 ? 369 VAL A CG2  1 
ATOM   525  H H    . VAL A 1 36 ? 10.23597  -6.71302  -4.52572  1.000 12.77044 ? 369 VAL A H    1 
ATOM   526  H HA   . VAL A 1 36 ? 8.04979   -7.94526  -5.25963  1.000 11.68617 ? 369 VAL A HA   1 
ATOM   527  H HB   . VAL A 1 36 ? 10.70199  -8.93284  -5.05526  1.000 14.23500 ? 369 VAL A HB   1 
ATOM   528  H HG11 . VAL A 1 36 ? 9.99992   -10.79948 -6.29115  1.000 15.06123 ? 369 VAL A HG11 1 
ATOM   529  H HG12 . VAL A 1 36 ? 9.36111   -10.76919 -4.83701  1.000 15.06123 ? 369 VAL A HG12 1 
ATOM   530  H HG13 . VAL A 1 36 ? 8.49535   -10.32938 -6.09420  1.000 15.06123 ? 369 VAL A HG13 1 
ATOM   531  H HG21 . VAL A 1 36 ? 10.71728  -8.74439  -7.38478  1.000 16.44478 ? 369 VAL A HG21 1 
ATOM   532  H HG22 . VAL A 1 36 ? 9.24746   -8.14362  -7.33763  1.000 16.44478 ? 369 VAL A HG22 1 
ATOM   533  H HG23 . VAL A 1 36 ? 10.45830  -7.33089  -6.70766  1.000 16.44478 ? 369 VAL A HG23 1 
ATOM   534  N N    . GLN A 1 37 ? 9.15942   -8.84486  -2.40251  1.000 9.36893  ? 370 GLN A N    1 
ATOM   535  C CA   . GLN A 1 37 ? 8.75655   -9.55570  -1.19638  1.000 11.15489 ? 370 GLN A CA   1 
ATOM   536  C C    . GLN A 1 37 ? 7.51548   -8.93153  -0.57413  1.000 10.00020 ? 370 GLN A C    1 
ATOM   537  O O    . GLN A 1 37 ? 6.64444   -9.64763  -0.07031  1.000 12.17691 ? 370 GLN A O    1 
ATOM   538  C CB   . GLN A 1 37 ? 9.90536   -9.57583  -0.18957  1.000 11.71985 ? 370 GLN A CB   1 
ATOM   539  C CG   . GLN A 1 37 ? 11.08734  -10.32769 -0.73659  1.000 13.72578 ? 370 GLN A CG   1 
ATOM   540  C CD   . GLN A 1 37 ? 12.31413  -10.30432 0.12531   1.000 16.71320 ? 370 GLN A CD   1 
ATOM   541  O OE1  . GLN A 1 37 ? 12.37694  -9.65273  1.16251   1.000 18.35391 ? 370 GLN A OE1  1 
ATOM   542  N NE2  . GLN A 1 37 ? 13.33813  -11.00100 -0.33875  1.000 19.85982 ? 370 GLN A NE2  1 
ATOM   543  H H    . GLN A 1 37 ? 9.91786   -8.44275  -2.35083  1.000 11.24271 ? 370 GLN A H    1 
ATOM   544  H HA   . GLN A 1 37 ? 8.54650   -10.47272 -1.43274  1.000 13.38587 ? 370 GLN A HA   1 
ATOM   545  H HB2  . GLN A 1 37 ? 10.18140  -8.66610  0.00301   1.000 14.06382 ? 370 GLN A HB2  1 
ATOM   546  H HB3  . GLN A 1 37 ? 9.61249   -10.01318 0.62522   1.000 14.06382 ? 370 GLN A HB3  1 
ATOM   547  H HG2  . GLN A 1 37 ? 10.83287  -11.25650 -0.85265  1.000 16.47093 ? 370 GLN A HG2  1 
ATOM   548  H HG3  . GLN A 1 37 ? 11.32773  -9.94011  -1.59268  1.000 16.47093 ? 370 GLN A HG3  1 
ATOM   549  H HE21 . GLN A 1 37 ? 13.26799  -11.42373 -1.08439  1.000 23.83178 ? 370 GLN A HE21 1 
ATOM   550  H HE22 . GLN A 1 37 ? 14.07409  -11.03127 0.10514   1.000 23.83178 ? 370 GLN A HE22 1 
ATOM   551  N N    . LEU A 1 38 ? 7.41755   -7.59591  -0.58754  1.000 10.74420 ? 371 LEU A N    1 
ATOM   552  C CA   . LEU A 1 38 ? 6.20500   -6.95605  -0.08717  1.000 11.58138 ? 371 LEU A CA   1 
ATOM   553  C C    . LEU A 1 38 ? 4.98956   -7.39036  -0.88345  1.000 10.66690 ? 371 LEU A C    1 
ATOM   554  O O    . LEU A 1 38 ? 3.92828   -7.61746  -0.30495  1.000 11.17463 ? 371 LEU A O    1 
ATOM   555  C CB   . LEU A 1 38 ? 6.35925   -5.44972  -0.16898  1.000 12.51959 ? 371 LEU A CB   1 
ATOM   556  C CG   . LEU A 1 38 ? 7.34713   -4.88505  0.85814   1.000 12.06424 ? 371 LEU A CG   1 
ATOM   557  C CD1  . LEU A 1 38 ? 7.64770   -3.46064  0.47797   1.000 13.53347 ? 371 LEU A CD1  1 
ATOM   558  C CD2  . LEU A 1 38 ? 6.78834   -4.97286  2.25641   1.000 17.06016 ? 371 LEU A CD2  1 
ATOM   559  H H    . LEU A 1 38 ? 8.02192   -7.05475  -0.87299  1.000 12.89304 ? 371 LEU A H    1 
ATOM   560  H HA   . LEU A 1 38 ? 6.07245   -7.21074  0.83937   1.000 13.89765 ? 371 LEU A HA   1 
ATOM   561  H HB2  . LEU A 1 38 ? 6.68147   -5.21567  -1.05346  1.000 15.02351 ? 371 LEU A HB2  1 
ATOM   562  H HB3  . LEU A 1 38 ? 5.49553   -5.03760  -0.01073  1.000 15.02351 ? 371 LEU A HB3  1 
ATOM   563  H HG   . LEU A 1 38 ? 8.16842   -5.40116  0.86069   1.000 14.47709 ? 371 LEU A HG   1 
ATOM   564  H HD11 . LEU A 1 38 ? 8.21384   -3.06479  1.15890   1.000 16.24017 ? 371 LEU A HD11 1 
ATOM   565  H HD12 . LEU A 1 38 ? 8.10417   -3.45181  -0.37787  1.000 16.24017 ? 371 LEU A HD12 1 
ATOM   566  H HD13 . LEU A 1 38 ? 6.81437   -2.96842  0.41348   1.000 16.24017 ? 371 LEU A HD13 1 
ATOM   567  H HD21 . LEU A 1 38 ? 7.39593   -4.52798  2.86782   1.000 20.47219 ? 371 LEU A HD21 1 
ATOM   568  H HD22 . LEU A 1 38 ? 5.92107   -4.53894  2.27774   1.000 20.47219 ? 371 LEU A HD22 1 
ATOM   569  H HD23 . LEU A 1 38 ? 6.69704   -5.90683  2.50193   1.000 20.47219 ? 371 LEU A HD23 1 
ATOM   570  N N    . GLY A 1 39 ? 5.12157   -7.48543  -2.20614  1.000 9.69199  ? 372 GLY A N    1 
ATOM   571  C CA   . GLY A 1 39 ? 4.00459   -7.90161  -3.03825  1.000 9.25887  ? 372 GLY A CA   1 
ATOM   572  C C    . GLY A 1 39 ? 3.55413   -9.30950  -2.74177  1.000 10.02984 ? 372 GLY A C    1 
ATOM   573  O O    . GLY A 1 39 ? 2.36328   -9.58650  -2.71449  1.000 11.15677 ? 372 GLY A O    1 
ATOM   574  H H    . GLY A 1 39 ? 5.84235   -7.31580  -2.64351  1.000 11.63039 ? 372 GLY A H    1 
ATOM   575  H HA2  . GLY A 1 39 ? 3.25494   -7.30414  -2.89006  1.000 11.11065 ? 372 GLY A HA2  1 
ATOM   576  H HA3  . GLY A 1 39 ? 4.26574   -7.85524  -3.97129  1.000 11.11065 ? 372 GLY A HA3  1 
ATOM   577  N N    . LEU A 1 40 ? 4.50140   -10.22360 -2.51424  1.000 10.57002 ? 373 LEU A N    1 
ATOM   578  C CA   . LEU A 1 40 ? 4.12877   -11.58447 -2.15016  1.000 11.22767 ? 373 LEU A CA   1 
ATOM   579  C C    . LEU A 1 40 ? 3.43361   -11.61380 -0.79256  1.000 11.78336 ? 373 LEU A C    1 
ATOM   580  O O    . LEU A 1 40 ? 2.45472   -12.34061 -0.59602  1.000 13.91701 ? 373 LEU A O    1 
ATOM   581  C CB   . LEU A 1 40 ? 5.37429   -12.47374 -2.12421  1.000 12.19089 ? 373 LEU A CB   1 
ATOM   582  C CG   . LEU A 1 40 ? 6.01415   -12.76466 -3.49182  1.000 12.07264 ? 373 LEU A CG   1 
ATOM   583  C CD1  . LEU A 1 40 ? 7.33403   -13.47731 -3.26792  1.000 15.34646 ? 373 LEU A CD1  1 
ATOM   584  C CD2  . LEU A 1 40 ? 5.09003   -13.56438 -4.36823  1.000 12.68401 ? 373 LEU A CD2  1 
ATOM   585  H H    . LEU A 1 40 ? 5.34851   -10.08355 -2.56321  1.000 12.68402 ? 373 LEU A H    1 
ATOM   586  H HA   . LEU A 1 40 ? 3.51679   -11.93414 -2.81657  1.000 13.47320 ? 373 LEU A HA   1 
ATOM   587  H HB2  . LEU A 1 40 ? 6.04700   -12.03820 -1.57770  1.000 14.62907 ? 373 LEU A HB2  1 
ATOM   588  H HB3  . LEU A 1 40 ? 5.13011   -13.32689 -1.73255  1.000 14.62907 ? 373 LEU A HB3  1 
ATOM   589  H HG   . LEU A 1 40 ? 6.18254   -11.93533 -3.96590  1.000 14.48717 ? 373 LEU A HG   1 
ATOM   590  H HD11 . LEU A 1 40 ? 7.72441   -13.69670 -4.12836  1.000 18.41575 ? 373 LEU A HD11 1 
ATOM   591  H HD12 . LEU A 1 40 ? 7.92930   -12.89177 -2.77425  1.000 18.41575 ? 373 LEU A HD12 1 
ATOM   592  H HD13 . LEU A 1 40 ? 7.17290   -14.28863 -2.76127  1.000 18.41575 ? 373 LEU A HD13 1 
ATOM   593  H HD21 . LEU A 1 40 ? 5.58416   -13.88439 -5.13916  1.000 15.22081 ? 373 LEU A HD21 1 
ATOM   594  H HD22 . LEU A 1 40 ? 4.74539   -14.31591 -3.86097  1.000 15.22081 ? 373 LEU A HD22 1 
ATOM   595  H HD23 . LEU A 1 40 ? 4.35836   -12.99662 -4.65669  1.000 15.22081 ? 373 LEU A HD23 1 
ATOM   596  N N    . GLU A 1 41 ? 3.91908   -10.82662 0.16731   1.000 11.64840 ? 374 GLU A N    1 
ATOM   597  C CA   . GLU A 1 41 ? 3.26548   -10.81005 1.47465   1.000 12.62565 ? 374 GLU A CA   1 
ATOM   598  C C    . GLU A 1 41 ? 1.85981   -10.25119 1.38126   1.000 13.11274 ? 374 GLU A C    1 
ATOM   599  O O    . GLU A 1 41 ? 0.91327   -10.79217 1.97264   1.000 13.93881 ? 374 GLU A O    1 
ATOM   600  C CB   . GLU A 1 41 ? 4.08739   -9.99508  2.45783   1.000 14.20345 ? 374 GLU A CB   1 
ATOM   601  C CG   . GLU A 1 41 ? 5.36326   -10.68153 2.88417   1.000 17.03005 ? 374 GLU A CG   1 
ATOM   602  C CD   . GLU A 1 41 ? 6.31417   -9.75255  3.59844   1.000 31.30535 ? 374 GLU A CD   1 
ATOM   603  O OE1  . GLU A 1 41 ? 5.88147   -8.68127  4.06315   1.000 23.36726 ? 374 GLU A OE1  1 
ATOM   604  O OE2  . GLU A 1 41 ? 7.50927   -10.11024 3.69211   1.000 47.57620 ? 374 GLU A OE2  1 
ATOM   605  H H    . GLU A 1 41 ? 4.60200   -10.30928 0.09261   1.000 13.97808 ? 374 GLU A H    1 
ATOM   606  H HA   . GLU A 1 41 ? 3.20950   -11.72087 1.80353   1.000 15.15078 ? 374 GLU A HA   1 
ATOM   607  H HB2  . GLU A 1 41 ? 4.32713   -9.15186  2.04261   1.000 17.04414 ? 374 GLU A HB2  1 
ATOM   608  H HB3  . GLU A 1 41 ? 3.55568   -9.83401  3.25297   1.000 17.04414 ? 374 GLU A HB3  1 
ATOM   609  H HG2  . GLU A 1 41 ? 5.14464   -11.40905 3.48734   1.000 20.43605 ? 374 GLU A HG2  1 
ATOM   610  H HG3  . GLU A 1 41 ? 5.81464   -11.02664 2.09800   1.000 20.43605 ? 374 GLU A HG3  1 
ATOM   611  N N    . TRP A 1 42 ? 1.69963   -9.17650  0.62343   1.000 10.87847 ? 375 TRP A N    1 
ATOM   612  C CA   . TRP A 1 42 ? 0.37201   -8.63177  0.39894   1.000 11.02528 ? 375 TRP A CA   1 
ATOM   613  C C    . TRP A 1 42 ? -0.56854  -9.65968  -0.20789  1.000 12.23014 ? 375 TRP A C    1 
ATOM   614  O O    . TRP A 1 42 ? -1.72196  -9.78637  0.22175   1.000 13.09843 ? 375 TRP A O    1 
ATOM   615  C CB   . TRP A 1 42 ? 0.48626   -7.40285  -0.48774  1.000 10.12620 ? 375 TRP A CB   1 
ATOM   616  C CG   . TRP A 1 42 ? -0.81299  -6.88967  -1.03710  1.000 10.54317 ? 375 TRP A CG   1 
ATOM   617  C CD1  . TRP A 1 42 ? -1.33046  -7.15676  -2.25907  1.000 10.39897 ? 375 TRP A CD1  1 
ATOM   618  C CD2  . TRP A 1 42 ? -1.75048  -6.01232  -0.38726  1.000 9.39590  ? 375 TRP A CD2  1 
ATOM   619  N NE1  . TRP A 1 42 ? -2.51827  -6.49258  -2.42159  1.000 11.86898 ? 375 TRP A NE1  1 
ATOM   620  C CE2  . TRP A 1 42 ? -2.79636  -5.77913  -1.28689  1.000 10.74888 ? 375 TRP A CE2  1 
ATOM   621  C CE3  . TRP A 1 42 ? -1.78718  -5.38522  0.86126   1.000 11.42322 ? 375 TRP A CE3  1 
ATOM   622  C CZ2  . TRP A 1 42 ? -3.87763  -4.96910  -0.98722  1.000 12.57808 ? 375 TRP A CZ2  1 
ATOM   623  C CZ3  . TRP A 1 42 ? -2.87605  -4.58322  1.15964   1.000 13.02038 ? 375 TRP A CZ3  1 
ATOM   624  C CH2  . TRP A 1 42 ? -3.89631  -4.38406  0.24014   1.000 13.40966 ? 375 TRP A CH2  1 
ATOM   625  H H    . TRP A 1 42 ? 2.33362   -8.74747  0.23153   1.000 13.05417 ? 375 TRP A H    1 
ATOM   626  H HA   . TRP A 1 42 ? -0.01344  -8.36723  1.24885   1.000 13.23034 ? 375 TRP A HA   1 
ATOM   627  H HB2  . TRP A 1 42 ? 0.88495   -6.68663  0.03089   1.000 12.15144 ? 375 TRP A HB2  1 
ATOM   628  H HB3  . TRP A 1 42 ? 1.05433   -7.62150  -1.24299  1.000 12.15144 ? 375 TRP A HB3  1 
ATOM   629  H HD1  . TRP A 1 42 ? -0.93756  -7.70988  -2.89514  1.000 12.47876 ? 375 TRP A HD1  1 
ATOM   630  H HE1  . TRP A 1 42 ? -3.01133  -6.51977  -3.12568  1.000 14.24278 ? 375 TRP A HE1  1 
ATOM   631  H HE3  . TRP A 1 42 ? -1.09875  -5.50338  1.47528   1.000 13.70787 ? 375 TRP A HE3  1 
ATOM   632  H HZ2  . TRP A 1 42 ? -4.56330  -4.83055  -1.60004  1.000 15.09370 ? 375 TRP A HZ2  1 
ATOM   633  H HZ3  . TRP A 1 42 ? -2.92450  -4.17046  1.99162   1.000 15.62446 ? 375 TRP A HZ3  1 
ATOM   634  H HH2  . TRP A 1 42 ? -4.61175  -3.83593  0.46948   1.000 16.09160 ? 375 TRP A HH2  1 
ATOM   635  N N    . ASN A 1 43 ? -0.10715  -10.41145 -1.20363  1.000 14.30758 ? 376 ASN A N    1 
ATOM   636  C CA   A ASN A 1 43 ? -0.92533  -11.41747 -1.88399  0.455 12.18365 ? 376 ASN A CA   1 
ATOM   637  C CA   B ASN A 1 43 ? -1.04769  -11.32226 -1.83906  0.545 11.84633 ? 376 ASN A CA   1 
ATOM   638  C C    . ASN A 1 43 ? -1.39249  -12.51510 -0.94915  1.000 13.87601 ? 376 ASN A C    1 
ATOM   639  O O    . ASN A 1 43 ? -2.42450  -13.14882 -1.18308  1.000 19.46384 ? 376 ASN A O    1 
ATOM   640  C CB   A ASN A 1 43 ? -0.10008  -12.12509 -2.96808  0.455 13.19190 ? 376 ASN A CB   1 
ATOM   641  C CB   B ASN A 1 43 ? -0.62773  -11.67222 -3.27958  0.545 12.98022 ? 376 ASN A CB   1 
ATOM   642  C CG   A ASN A 1 43 ? -0.88174  -13.21970 -3.68978  0.455 15.28534 ? 376 ASN A CG   1 
ATOM   643  C CG   B ASN A 1 43 ? -0.82505  -10.49544 -4.25282  0.545 15.13684 ? 376 ASN A CG   1 
ATOM   644  O OD1  A ASN A 1 43 ? -1.77860  -12.93160 -4.47943  0.455 17.48827 ? 376 ASN A OD1  1 
ATOM   645  O OD1  B ASN A 1 43 ? -1.90583  -10.28815 -4.81065  0.545 20.20612 ? 376 ASN A OD1  1 
ATOM   646  N ND2  A ASN A 1 43 ? -0.55163  -14.47210 -3.40431  0.455 20.47121 ? 376 ASN A ND2  1 
ATOM   647  N ND2  B ASN A 1 43 ? 0.23492   -9.71199  -4.44338  0.545 16.59543 ? 376 ASN A ND2  1 
ATOM   648  H H    A ASN A 1 43 ? 0.69282   -10.36210 -1.51542  0.455 17.16910 ? 376 ASN A H    1 
ATOM   649  H H    B ASN A 1 43 ? 0.69673   -10.41100 -1.50922  0.545 17.16910 ? 376 ASN A H    1 
ATOM   650  H HA   A ASN A 1 43 ? -1.68356  -10.94593 -2.26302  0.455 14.62038 ? 376 ASN A HA   1 
ATOM   651  H HA   B ASN A 1 43 ? -1.89579  -10.87597 -1.98891  0.545 14.21560 ? 376 ASN A HA   1 
ATOM   652  H HB2  A ASN A 1 43 ? 0.17951   -11.47192 -3.62846  0.455 15.83028 ? 376 ASN A HB2  1 
ATOM   653  H HB2  B ASN A 1 43 ? 0.31160   -11.91414 -3.28617  0.545 15.57627 ? 376 ASN A HB2  1 
ATOM   654  H HB3  A ASN A 1 43 ? 0.67712   -12.53414 -2.55633  0.455 15.83028 ? 376 ASN A HB3  1 
ATOM   655  H HB3  B ASN A 1 43 ? -1.16423  -12.41651 -3.59438  0.545 15.57627 ? 376 ASN A HB3  1 
ATOM   656  H HD21 A ASN A 1 43 ? -0.96406  -15.12315 -3.78592  0.455 24.56545 ? 376 ASN A HD21 1 
ATOM   657  H HD21 B ASN A 1 43 ? 0.18216   -9.03934  -4.97665  0.545 19.91452 ? 376 ASN A HD21 1 
ATOM   658  H HD22 A ASN A 1 43 ? 0.07486   -14.63314 -2.83759  0.455 24.56545 ? 376 ASN A HD22 1 
ATOM   659  H HD22 B ASN A 1 43 ? 0.97217   -9.87871  -4.03317  0.545 19.91452 ? 376 ASN A HD22 1 
ATOM   660  N N    . LYS A 1 44 ? -0.63965  -12.79234 0.09635   1.000 14.31439 ? 377 LYS A N    1 
ATOM   661  C CA   . LYS A 1 44 ? -1.03477  -13.84485 1.02998   1.000 18.42671 ? 377 LYS A CA   1 
ATOM   662  C C    . LYS A 1 44 ? -2.07686  -13.38620 2.04171   1.000 17.51729 ? 377 LYS A C    1 
ATOM   663  O O    . LYS A 1 44 ? -2.65086  -14.22628 2.73747   1.000 22.06561 ? 377 LYS A O    1 
ATOM   664  C CB   . LYS A 1 44 ? 0.17454   -14.41620 1.77749   1.000 20.51183 ? 377 LYS A CB   1 
ATOM   665  C CG   . LYS A 1 44 ? 1.05897   -15.26786 0.90222   1.000 27.39109 ? 377 LYS A CG   1 
ATOM   666  H H    . LYS A 1 44 ? 0.09729   -12.39427 0.29142   1.000 17.17727 ? 377 LYS A H    1 
ATOM   667  H HA   . LYS A 1 44 ? -1.41418  -14.56767 0.50606   1.000 22.11205 ? 377 LYS A HA   1 
ATOM   668  H HB2  . LYS A 1 44 ? 0.70889   -13.68232 2.11924   1.000 24.61419 ? 377 LYS A HB2  1 
ATOM   669  H HB3  . LYS A 1 44 ? -0.14037  -14.96706 2.51117   1.000 24.61419 ? 377 LYS A HB3  1 
ATOM   670  H HG2  . LYS A 1 44 ? 1.78062   -14.70934 0.58560   1.000 32.86930 ? 377 LYS A HG2  1 
ATOM   671  H HG3  . LYS A 1 44 ? 1.40174   -16.00590 1.43179   1.000 32.86930 ? 377 LYS A HG3  1 
ATOM   672  N N    . LEU A 1 45 ? -2.32346  -12.08827 2.15846   1.000 15.09263 ? 378 LEU A N    1 
ATOM   673  C CA   . LEU A 1 45 ? -3.36793  -11.61845 3.05101   1.000 14.58756 ? 378 LEU A CA   1 
ATOM   674  C C    . LEU A 1 45 ? -4.72437  -11.99284 2.49592   1.000 14.77166 ? 378 LEU A C    1 
ATOM   675  O O    . LEU A 1 45 ? -4.94044  -11.96592 1.29004   1.000 14.74121 ? 378 LEU A O    1 
ATOM   676  C CB   . LEU A 1 45 ? -3.30537  -10.10665 3.16809   1.000 13.63053 ? 378 LEU A CB   1 
ATOM   677  C CG   . LEU A 1 45 ? -2.02845  -9.50165  3.74093   1.000 12.58367 ? 378 LEU A CG   1 
ATOM   678  C CD1  . LEU A 1 45 ? -2.09690  -8.00142  3.58605   1.000 14.82167 ? 378 LEU A CD1  1 
ATOM   679  C CD2  . LEU A 1 45 ? -1.83633  -9.89288  5.19004   1.000 18.31373 ? 378 LEU A CD2  1 
ATOM   680  H H    . LEU A 1 45 ? -1.90491  -11.46658 1.73667   1.000 18.11115 ? 378 LEU A H    1 
ATOM   681  H HA   . LEU A 1 45 ? -3.25070  -12.01538 3.92827   1.000 17.50507 ? 378 LEU A HA   1 
ATOM   682  H HB2  . LEU A 1 45 ? -3.41909  -9.73474  2.27946   1.000 16.35664 ? 378 LEU A HB2  1 
ATOM   683  H HB3  . LEU A 1 45 ? -4.03372  -9.82260  3.74231   1.000 16.35664 ? 378 LEU A HB3  1 
ATOM   684  H HG   . LEU A 1 45 ? -1.25631  -9.83933  3.26064   1.000 15.10040 ? 378 LEU A HG   1 
ATOM   685  H HD11 . LEU A 1 45 ? -1.28491  -7.60961  3.94389   1.000 17.78601 ? 378 LEU A HD11 1 
ATOM   686  H HD12 . LEU A 1 45 ? -2.18162  -7.78470  2.64437   1.000 17.78601 ? 378 LEU A HD12 1 
ATOM   687  H HD13 . LEU A 1 45 ? -2.86714  -7.66852  4.07268   1.000 17.78601 ? 378 LEU A HD13 1 
ATOM   688  H HD21 . LEU A 1 45 ? -1.08023  -9.40443  5.55144   1.000 21.97647 ? 378 LEU A HD21 1 
ATOM   689  H HD22 . LEU A 1 45 ? -2.64025  -9.67227  5.68596   1.000 21.97647 ? 378 LEU A HD22 1 
ATOM   690  H HD23 . LEU A 1 45 ? -1.66823  -10.84690 5.23996   1.000 21.97647 ? 378 LEU A HD23 1 
ATOM   691  N N    . SER A 1 46 ? -5.65016  -12.32042 3.39706   1.000 14.69830 ? 379 SER A N    1 
ATOM   692  C CA   . SER A 1 46 ? -7.02382  -12.55952 2.99282   1.000 16.55855 ? 379 SER A CA   1 
ATOM   693  C C    . SER A 1 46 ? -7.72015  -11.25571 2.62408   1.000 15.84406 ? 379 SER A C    1 
ATOM   694  O O    . SER A 1 46 ? -7.25751  -10.17099 2.95700   1.000 16.08329 ? 379 SER A O    1 
ATOM   695  C CB   . SER A 1 46 ? -7.79364  -13.19981 4.13384   1.000 21.79519 ? 379 SER A CB   1 
ATOM   696  O OG   . SER A 1 46 ? -7.99992  -12.24512 5.15380   1.000 18.77257 ? 379 SER A OG   1 
ATOM   697  H H    . SER A 1 46 ? -5.50579  -12.40884 4.24024   1.000 17.63796 ? 379 SER A H    1 
ATOM   698  H HA   . SER A 1 46 ? -7.01901  -13.14620 2.22037   1.000 19.87026 ? 379 SER A HA   1 
ATOM   699  H HB2  . SER A 1 46 ? -8.65199  -13.51214 3.80733   1.000 26.15423 ? 379 SER A HB2  1 
ATOM   700  H HB3  . SER A 1 46 ? -7.28284  -13.94419 4.48863   1.000 26.15423 ? 379 SER A HB3  1 
ATOM   701  H HG   . SER A 1 46 ? -8.37777  -12.60503 5.81205   1.000 22.52708 ? 379 SER A HG   1 
ATOM   702  N N    . GLU A 1 47 ? -8.87525  -11.37710 1.95845   1.000 16.45205 ? 380 GLU A N    1 
ATOM   703  C CA   . GLU A 1 47 ? -9.67997  -10.20704 1.63333   1.000 16.69901 ? 380 GLU A CA   1 
ATOM   704  C C    . GLU A 1 47 ? -10.00393 -9.42394  2.89774   1.000 15.85910 ? 380 GLU A C    1 
ATOM   705  O O    . GLU A 1 47 ? -9.93222  -8.19219  2.91346   1.000 16.22756 ? 380 GLU A O    1 
ATOM   706  C CB   . GLU A 1 47 ? -10.96790 -10.63757 0.90721   1.000 19.44550 ? 380 GLU A CB   1 
ATOM   707  C CG   . GLU A 1 47 ? -12.05643 -9.54681  0.78105   1.000 35.55587 ? 380 GLU A CG   1 
ATOM   708  C CD   . GLU A 1 47 ? -13.30632 -10.01946 0.01966   1.000 57.08121 ? 380 GLU A CD   1 
ATOM   709  O OE1  . GLU A 1 47 ? -14.40893 -9.52054  0.32791   1.000 62.81814 ? 380 GLU A OE1  1 
ATOM   710  O OE2  . GLU A 1 47 ? -13.19897 -10.87901 -0.88365  1.000 49.59596 ? 380 GLU A OE2  1 
ATOM   711  H H    . GLU A 1 47 ? -9.21062  -12.12100 1.68689   1.000 19.74246 ? 380 GLU A H    1 
ATOM   712  H HA   . GLU A 1 47 ? -9.18613  -9.62857  1.03135   1.000 20.03881 ? 380 GLU A HA   1 
ATOM   713  H HB2  . GLU A 1 47 ? -10.73280 -10.91628 0.00836   1.000 23.33460 ? 380 GLU A HB2  1 
ATOM   714  H HB3  . GLU A 1 47 ? -11.35849 -11.38049 1.39343   1.000 23.33460 ? 380 GLU A HB3  1 
ATOM   715  H HG2  . GLU A 1 47 ? -12.33421 -9.27614  1.67013   1.000 42.66704 ? 380 GLU A HG2  1 
ATOM   716  H HG3  . GLU A 1 47 ? -11.68647 -8.78780  0.30361   1.000 42.66704 ? 380 GLU A HG3  1 
ATOM   717  N N    . GLU A 1 48 ? -10.34601 -10.11807 3.98346   1.000 17.11583 ? 381 GLU A N    1 
ATOM   718  C CA   . GLU A 1 48 ? -10.65138 -9.42465  5.23570   1.000 15.83144 ? 381 GLU A CA   1 
ATOM   719  C C    . GLU A 1 48 ? -9.44249  -8.67606  5.76972   1.000 14.67759 ? 381 GLU A C    1 
ATOM   720  O O    . GLU A 1 48 ? -9.57309  -7.56747  6.30159   1.000 16.01403 ? 381 GLU A O    1 
ATOM   721  C CB   . GLU A 1 48 ? -11.20406 -10.40483 6.27565   1.000 25.34863 ? 381 GLU A CB   1 
ATOM   722  C CG   . GLU A 1 48 ? -11.56512 -9.78658  7.64100   1.000 41.14331 ? 381 GLU A CG   1 
ATOM   723  C CD   . GLU A 1 48 ? -12.76842 -8.84629  7.63504   1.000 64.53115 ? 381 GLU A CD   1 
ATOM   724  O OE1  . GLU A 1 48 ? -12.87268 -8.02529  8.56997   1.000 74.67819 ? 381 GLU A OE1  1 
ATOM   725  O OE2  . GLU A 1 48 ? -13.62125 -8.93067  6.72881   1.000 50.36071 ? 381 GLU A OE2  1 
ATOM   726  H H    . GLU A 1 48 ? -10.40851 -10.97482 4.02445   1.000 20.53900 ? 381 GLU A H    1 
ATOM   727  H HA   . GLU A 1 48 ? -11.34537 -8.76970  5.06160   1.000 18.99773 ? 381 GLU A HA   1 
ATOM   728  H HB2  . GLU A 1 48 ? -12.01109 -10.80678 5.91784   1.000 30.41835 ? 381 GLU A HB2  1 
ATOM   729  H HB3  . GLU A 1 48 ? -10.53553 -11.08914 6.43590   1.000 30.41835 ? 381 GLU A HB3  1 
ATOM   730  H HG2  . GLU A 1 48 ? -11.76409 -10.50644 8.25998   1.000 49.37197 ? 381 GLU A HG2  1 
ATOM   731  H HG3  . GLU A 1 48 ? -10.80250 -9.27781  7.95793   1.000 49.37197 ? 381 GLU A HG3  1 
ATOM   732  N N    . GLN A 1 49 ? -8.25667  -9.26692  5.65491   1.000 14.46827 ? 382 GLN A N    1 
ATOM   733  C CA   . GLN A 1 49 ? -7.06415  -8.58397  6.13843   1.000 13.66997 ? 382 GLN A CA   1 
ATOM   734  C C    . GLN A 1 49 ? -6.71307  -7.37243  5.29079   1.000 14.62622 ? 382 GLN A C    1 
ATOM   735  O O    . GLN A 1 49 ? -6.13839  -6.40510  5.79345   1.000 12.52665 ? 382 GLN A O    1 
ATOM   736  C CB   . GLN A 1 49 ? -5.87145  -9.52273  6.15852   1.000 14.10826 ? 382 GLN A CB   1 
ATOM   737  C CG   . GLN A 1 49 ? -5.89944  -10.53268 7.24736   1.000 19.17870 ? 382 GLN A CG   1 
ATOM   738  C CD   . GLN A 1 49 ? -4.74461  -11.49754 7.13095   1.000 18.00673 ? 382 GLN A CD   1 
ATOM   739  O OE1  . GLN A 1 49 ? -4.70380  -12.31935 6.20221   1.000 21.02758 ? 382 GLN A OE1  1 
ATOM   740  N NE2  . GLN A 1 49 ? -3.78007  -11.37825 8.02457   1.000 19.89251 ? 382 GLN A NE2  1 
ATOM   741  H H    . GLN A 1 49 ? -8.11701  -10.04239 5.31034   1.000 17.36192 ? 382 GLN A H    1 
ATOM   742  H HA   . GLN A 1 49 ? -7.24930  -8.29344  7.04519   1.000 16.40396 ? 382 GLN A HA   1 
ATOM   743  H HB2  . GLN A 1 49 ? -5.84134  -10.00174 5.31559   1.000 16.92991 ? 382 GLN A HB2  1 
ATOM   744  H HB3  . GLN A 1 49 ? -5.06509  -8.99509  6.26926   1.000 16.92991 ? 382 GLN A HB3  1 
ATOM   745  H HG2  . GLN A 1 49 ? -5.83730  -10.08311 8.10463   1.000 23.01444 ? 382 GLN A HG2  1 
ATOM   746  H HG3  . GLN A 1 49 ? -6.72620  -11.03745 7.19660   1.000 23.01444 ? 382 GLN A HG3  1 
ATOM   747  H HE21 . GLN A 1 49 ? -3.83025  -10.77275 8.63321   1.000 23.87102 ? 382 GLN A HE21 1 
ATOM   748  H HE22 . GLN A 1 49 ? -3.10160  -11.90605 7.99801   1.000 23.87102 ? 382 GLN A HE22 1 
ATOM   749  N N    . LYS A 1 50 ? -7.00616  -7.41622  4.00313   1.000 11.99381 ? 383 LYS A N    1 
ATOM   750  C CA   . LYS A 1 50 ? -6.71535  -6.27817  3.14753   1.000 11.88080 ? 383 LYS A CA   1 
ATOM   751  C C    . LYS A 1 50 ? -7.68226  -5.12847  3.37376   1.000 11.18790 ? 383 LYS A C    1 
ATOM   752  O O    . LYS A 1 50 ? -7.35138  -3.98258  3.07072   1.000 10.51294 ? 383 LYS A O    1 
ATOM   753  C CB   . LYS A 1 50 ? -6.78332  -6.69297  1.67084   1.000 13.61605 ? 383 LYS A CB   1 
ATOM   754  C CG   . LYS A 1 50 ? -5.63739  -7.55937  1.22044   1.000 12.93876 ? 383 LYS A CG   1 
ATOM   755  C CD   . LYS A 1 50 ? -5.78561  -7.98475  -0.22378  1.000 14.59538 ? 383 LYS A CD   1 
ATOM   756  C CE   . LYS A 1 50 ? -4.67391  -8.91657  -0.67553  1.000 18.56282 ? 383 LYS A CE   1 
ATOM   757  N NZ   . LYS A 1 50 ? -4.98228  -9.46796  -2.01444  1.000 35.44935 ? 383 LYS A NZ   1 
ATOM   758  H H    . LYS A 1 50 ? -7.36975  -8.08402  3.60132   1.000 14.39257 ? 383 LYS A H    1 
ATOM   759  H HA   . LYS A 1 50 ? -5.81543  -5.97407  3.34392   1.000 14.25696 ? 383 LYS A HA   1 
ATOM   760  H HB2  . LYS A 1 50 ? -7.60324  -7.19056  1.52586   1.000 16.33926 ? 383 LYS A HB2  1 
ATOM   761  H HB3  . LYS A 1 50 ? -6.77991  -5.89230  1.12329   1.000 16.33926 ? 383 LYS A HB3  1 
ATOM   762  H HG2  . LYS A 1 50 ? -4.80826  -7.06340  1.30687   1.000 15.52651 ? 383 LYS A HG2  1 
ATOM   763  H HG3  . LYS A 1 50 ? -5.60506  -8.35803  1.76997   1.000 15.52651 ? 383 LYS A HG3  1 
ATOM   764  H HD2  . LYS A 1 50 ? -6.62981  -8.45004  -0.33217  1.000 17.51445 ? 383 LYS A HD2  1 
ATOM   765  H HD3  . LYS A 1 50 ? -5.76575  -7.19730  -0.78984  1.000 17.51445 ? 383 LYS A HD3  1 
ATOM   766  H HE2  . LYS A 1 50 ? -3.83823  -8.42673  -0.72630  1.000 22.27538 ? 383 LYS A HE2  1 
ATOM   767  H HE3  . LYS A 1 50 ? -4.58984  -9.65198  -0.04862  1.000 22.27538 ? 383 LYS A HE3  1 
ATOM   768  H HZ1  . LYS A 1 50 ? -5.74404  -9.92733  -1.98640  1.000 42.53922 ? 383 LYS A HZ1  1 
ATOM   769  H HZ2  . LYS A 1 50 ? -5.06533  -8.80664  -2.60423  1.000 42.53922 ? 383 LYS A HZ2  1 
ATOM   770  H HZ3  . LYS A 1 50 ? -4.32766  -10.01001 -2.27856  1.000 42.53922 ? 383 LYS A HZ3  1 
ATOM   771  N N    . LYS A 1 51 ? -8.87227  -5.40516  3.89932   1.000 12.05646 ? 384 LYS A N    1 
ATOM   772  C CA   . LYS A 1 51 ? -9.93011  -4.40386  3.98357   1.000 14.79207 ? 384 LYS A CA   1 
ATOM   773  C C    . LYS A 1 51 ? -9.46738  -3.11205  4.63592   1.000 11.39915 ? 384 LYS A C    1 
ATOM   774  O O    . LYS A 1 51 ? -9.70893  -2.04550  4.06625   1.000 12.19632 ? 384 LYS A O    1 
ATOM   775  C CB   . LYS A 1 51 ? -11.15980 -4.94735  4.72942   1.000 16.48466 ? 384 LYS A CB   1 
ATOM   776  C CG   . LYS A 1 51 ? -12.14433 -5.69633  3.83784   1.000 28.73747 ? 384 LYS A CG   1 
ATOM   777  C CD   . LYS A 1 51 ? -13.53320 -5.80799  4.44448   1.000 25.74624 ? 384 LYS A CD   1 
ATOM   778  C CE   . LYS A 1 51 ? -14.32070 -6.95360  3.81815   1.000 35.59660 ? 384 LYS A CE   1 
ATOM   779  N NZ   . LYS A 1 51 ? -14.48367 -6.93054  2.34456   1.000 58.74344 ? 384 LYS A NZ   1 
ATOM   780  H H    . LYS A 1 51 ? -9.09596  -6.17214  4.21760   1.000 14.46775 ? 384 LYS A H    1 
ATOM   781  H HA   . LYS A 1 51 ? -10.19880 -4.22422  3.06899   1.000 17.75049 ? 384 LYS A HA   1 
ATOM   782  H HB2  . LYS A 1 51 ? -10.85964 -5.56085  5.41821   1.000 19.78159 ? 384 LYS A HB2  1 
ATOM   783  H HB3  . LYS A 1 51 ? -11.63355 -4.20272  5.13190   1.000 19.78159 ? 384 LYS A HB3  1 
ATOM   784  H HG2  . LYS A 1 51 ? -12.22503 -5.22626  2.99320   1.000 34.48496 ? 384 LYS A HG2  1 
ATOM   785  H HG3  . LYS A 1 51 ? -11.81198 -6.59504  3.68692   1.000 34.48496 ? 384 LYS A HG3  1 
ATOM   786  H HD2  . LYS A 1 51 ? -13.45618 -5.97479  5.39692   1.000 30.89549 ? 384 LYS A HD2  1 
ATOM   787  H HD3  . LYS A 1 51 ? -14.01923 -4.98280  4.29042   1.000 30.89549 ? 384 LYS A HD3  1 
ATOM   788  H HE2  . LYS A 1 51 ? -13.86962 -7.78355  4.03864   1.000 42.71592 ? 384 LYS A HE2  1 
ATOM   789  H HE3  . LYS A 1 51 ? -15.21227 -6.94895  4.20020   1.000 42.71592 ? 384 LYS A HE3  1 
ATOM   790  H HZ1  . LYS A 1 51 ? -14.98019 -7.62107  2.08238   1.000 70.49213 ? 384 LYS A HZ1  1 
ATOM   791  H HZ2  . LYS A 1 51 ? -14.88345 -6.17579  2.09431   1.000 70.49213 ? 384 LYS A HZ2  1 
ATOM   792  H HZ3  . LYS A 1 51 ? -13.68775 -6.98055  1.94946   1.000 70.49213 ? 384 LYS A HZ3  1 
ATOM   793  N N    . PRO A 1 52 ? -8.81543  -3.14926  5.80830   1.000 11.38906 ? 385 PRO A N    1 
ATOM   794  C CA   . PRO A 1 52 ? -8.44176  -1.87875  6.44873   1.000 10.85194 ? 385 PRO A CA   1 
ATOM   795  C C    . PRO A 1 52 ? -7.47998  -1.05095  5.62304   1.000 11.63011 ? 385 PRO A C    1 
ATOM   796  O O    . PRO A 1 52 ? -7.48392  0.18653   5.72969   1.000 12.69184 ? 385 PRO A O    1 
ATOM   797  C CB   . PRO A 1 52 ? -7.88219  -2.29151  7.82020   1.000 13.49525 ? 385 PRO A CB   1 
ATOM   798  C CG   . PRO A 1 52 ? -7.60905  -3.75661  7.70643   1.000 17.59567 ? 385 PRO A CG   1 
ATOM   799  C CD   . PRO A 1 52 ? -8.52476  -4.31912  6.64658   1.000 11.40978 ? 385 PRO A CD   1 
ATOM   800  H HA   . PRO A 1 52 ? -9.23609  -1.34817  6.61734   1.000 13.02233 ? 385 PRO A HA   1 
ATOM   801  H HB2  . PRO A 1 52 ? -7.06638  -1.80024  8.00456   1.000 16.19430 ? 385 PRO A HB2  1 
ATOM   802  H HB3  . PRO A 1 52 ? -8.53955  -2.11422  8.51110   1.000 16.19430 ? 385 PRO A HB3  1 
ATOM   803  H HG2  . PRO A 1 52 ? -6.68190  -3.88919  7.45403   1.000 21.11480 ? 385 PRO A HG2  1 
ATOM   804  H HG3  . PRO A 1 52 ? -7.78414  -4.18066  8.56107   1.000 21.11480 ? 385 PRO A HG3  1 
ATOM   805  H HD2  . PRO A 1 52 ? -8.07769  -5.01048  6.13371   1.000 13.69173 ? 385 PRO A HD2  1 
ATOM   806  H HD3  . PRO A 1 52 ? -9.33692  -4.67233  7.04223   1.000 13.69173 ? 385 PRO A HD3  1 
ATOM   807  N N    . TYR A 1 53 ? -6.67996  -1.68915  4.76663   1.000 10.81042 ? 386 TYR A N    1 
ATOM   808  C CA   . TYR A 1 53 ? -5.78134  -0.92321  3.91920   1.000 9.80420  ? 386 TYR A CA   1 
ATOM   809  C C    . TYR A 1 53 ? -6.54161  -0.25301  2.78431   1.000 10.12843 ? 386 TYR A C    1 
ATOM   810  O O    . TYR A 1 53 ? -6.23618  0.89134   2.41220   1.000 11.01756 ? 386 TYR A O    1 
ATOM   811  C CB   . TYR A 1 53 ? -4.69772  -1.83974  3.37844   1.000 10.06478 ? 386 TYR A CB   1 
ATOM   812  C CG   . TYR A 1 53 ? -3.89634  -2.48957  4.47242   1.000 9.59103  ? 386 TYR A CG   1 
ATOM   813  C CD1  . TYR A 1 53 ? -2.87204  -1.79268  5.11003   1.000 10.68026 ? 386 TYR A CD1  1 
ATOM   814  C CD2  . TYR A 1 53 ? -4.17413  -3.76600  4.89777   1.000 9.83635  ? 386 TYR A CD2  1 
ATOM   815  C CE1  . TYR A 1 53 ? -2.13073  -2.38156  6.12735   1.000 11.40517 ? 386 TYR A CE1  1 
ATOM   816  C CE2  . TYR A 1 53 ? -3.43789  -4.35732  5.91861   1.000 11.24786 ? 386 TYR A CE2  1 
ATOM   817  C CZ   . TYR A 1 53 ? -2.43798  -3.66200  6.52286   1.000 10.77175 ? 386 TYR A CZ   1 
ATOM   818  O OH   . TYR A 1 53 ? -1.70127  -4.28463  7.50658   1.000 14.08818 ? 386 TYR A OH   1 
ATOM   819  H H    . TYR A 1 53 ? -6.64080  -2.54178  4.66127   1.000 12.97251 ? 386 TYR A H    1 
ATOM   820  H HA   . TYR A 1 53 ? -5.35609  -0.22596  4.44257   1.000 11.76505 ? 386 TYR A HA   1 
ATOM   821  H HB2  . TYR A 1 53 ? -5.11023  -2.54059  2.84973   1.000 12.07773 ? 386 TYR A HB2  1 
ATOM   822  H HB3  . TYR A 1 53 ? -4.09074  -1.32177  2.82691   1.000 12.07773 ? 386 TYR A HB3  1 
ATOM   823  H HD1  . TYR A 1 53 ? -2.68153  -0.92008  4.85085   1.000 12.81631 ? 386 TYR A HD1  1 
ATOM   824  H HD2  . TYR A 1 53 ? -4.86520  -4.24198  4.49682   1.000 11.80362 ? 386 TYR A HD2  1 
ATOM   825  H HE1  . TYR A 1 53 ? -1.43647  -1.91600  6.53496   1.000 13.68620 ? 386 TYR A HE1  1 
ATOM   826  H HE2  . TYR A 1 53 ? -3.62915  -5.22681  6.18750   1.000 13.49743 ? 386 TYR A HE2  1 
ATOM   827  H HH   . TYR A 1 53 ? -1.04702  -3.80430  7.72298   1.000 16.90581 ? 386 TYR A HH   1 
ATOM   828  N N    . TYR A 1 54 ? -7.51598  -0.95891  2.20901   1.000 11.14520 ? 387 TYR A N    1 
ATOM   829  C CA   . TYR A 1 54 ? -8.39434  -0.31527  1.24220   1.000 12.91246 ? 387 TYR A CA   1 
ATOM   830  C C    . TYR A 1 54 ? -9.18963  0.81128   1.88056   1.000 11.42652 ? 387 TYR A C    1 
ATOM   831  O O    . TYR A 1 54 ? -9.34448  1.88052   1.28802   1.000 12.13282 ? 387 TYR A O    1 
ATOM   832  C CB   . TYR A 1 54 ? -9.35255  -1.33849  0.63835   1.000 12.39062 ? 387 TYR A CB   1 
ATOM   833  C CG   . TYR A 1 54 ? -8.75947  -2.16853  -0.47018  1.000 12.27790 ? 387 TYR A CG   1 
ATOM   834  C CD1  . TYR A 1 54 ? -8.65823  -1.65606  -1.74511  1.000 12.91064 ? 387 TYR A CD1  1 
ATOM   835  C CD2  . TYR A 1 54 ? -8.38294  -3.47412  -0.25314  1.000 12.83312 ? 387 TYR A CD2  1 
ATOM   836  C CE1  . TYR A 1 54 ? -8.15378  -2.41573  -2.79262  1.000 13.21874 ? 387 TYR A CE1  1 
ATOM   837  C CE2  . TYR A 1 54 ? -7.86377  -4.25689  -1.27691  1.000 14.84148 ? 387 TYR A CE2  1 
ATOM   838  C CZ   . TYR A 1 54 ? -7.76430  -3.70828  -2.55059  1.000 13.02450 ? 387 TYR A CZ   1 
ATOM   839  O OH   . TYR A 1 54 ? -7.25678  -4.45012  -3.58504  1.000 18.25832 ? 387 TYR A OH   1 
ATOM   840  H H    . TYR A 1 54 ? -7.68478  -1.78906  2.35720   1.000 13.37424 ? 387 TYR A H    1 
ATOM   841  H HA   . TYR A 1 54 ? -7.84612  0.05473   0.53265   1.000 15.49495 ? 387 TYR A HA   1 
ATOM   842  H HB2  . TYR A 1 54 ? -9.63820  -1.94573  1.33876   1.000 14.86874 ? 387 TYR A HB2  1 
ATOM   843  H HB3  . TYR A 1 54 ? -10.11869 -0.86776  0.27455   1.000 14.86874 ? 387 TYR A HB3  1 
ATOM   844  H HD1  . TYR A 1 54 ? -8.93357  -0.78276  -1.90772  1.000 15.49276 ? 387 TYR A HD1  1 
ATOM   845  H HD2  . TYR A 1 54 ? -8.47793  -3.84016  0.59649   1.000 15.39974 ? 387 TYR A HD2  1 
ATOM   846  H HE1  . TYR A 1 54 ? -8.08114  -2.05316  -3.64594  1.000 15.86248 ? 387 TYR A HE1  1 
ATOM   847  H HE2  . TYR A 1 54 ? -7.58840  -5.13004  -1.11355  1.000 17.80978 ? 387 TYR A HE2  1 
ATOM   848  H HH   . TYR A 1 54 ? -7.00670  -5.20127  -3.30427  1.000 21.90999 ? 387 TYR A HH   1 
ATOM   849  N N    . ASP A 1 55 ? -9.71299  0.58732   3.08907   1.000 11.61143 ? 388 ASP A N    1 
ATOM   850  C CA   . ASP A 1 55 ? -10.45126 1.63972   3.77218   1.000 11.79407 ? 388 ASP A CA   1 
ATOM   851  C C    . ASP A 1 55 ? -9.55612  2.85228   3.97816   1.000 13.33456 ? 388 ASP A C    1 
ATOM   852  O O    . ASP A 1 55 ? -9.96853  3.99928   3.77312   1.000 15.35368 ? 388 ASP A O    1 
ATOM   853  C CB   . ASP A 1 55 ? -10.97262 1.15218   5.13341   1.000 13.08692 ? 388 ASP A CB   1 
ATOM   854  C CG   . ASP A 1 55 ? -12.21124 0.29840   5.02508   1.000 14.71482 ? 388 ASP A CG   1 
ATOM   855  O OD1  . ASP A 1 55 ? -13.14744 0.62231   4.22621   1.000 15.70355 ? 388 ASP A OD1  1 
ATOM   856  O OD2  . ASP A 1 55 ? -12.30857 -0.69398  5.77625   1.000 25.08780 ? 388 ASP A OD2  1 
ATOM   857  H H    . ASP A 1 55 ? -9.65508  -0.15148  3.52546   1.000 13.93371 ? 388 ASP A H    1 
ATOM   858  H HA   . ASP A 1 55 ? -11.21870 1.88177   3.23059   1.000 14.15288 ? 388 ASP A HA   1 
ATOM   859  H HB2  . ASP A 1 55 ? -10.28255 0.62285   5.56297   1.000 15.70430 ? 388 ASP A HB2  1 
ATOM   860  H HB3  . ASP A 1 55 ? -11.18896 1.92278   5.68140   1.000 15.70430 ? 388 ASP A HB3  1 
ATOM   861  N N    . GLU A 1 56 ? -8.30684  2.62685   4.40567   1.000 12.27737 ? 389 GLU A N    1 
ATOM   862  C CA   . GLU A 1 56 ? -7.42227  3.75672   4.63064   1.000 11.03599 ? 389 GLU A CA   1 
ATOM   863  C C    . GLU A 1 56 ? -7.06236  4.44570   3.31915   1.000 13.46235 ? 389 GLU A C    1 
ATOM   864  O O    . GLU A 1 56 ? -6.95366  5.67670   3.26182   1.000 14.69164 ? 389 GLU A O    1 
ATOM   865  C CB   . GLU A 1 56 ? -6.18361  3.29805   5.38279   1.000 13.78366 ? 389 GLU A CB   1 
ATOM   866  C CG   . GLU A 1 56 ? -5.14132  4.37776   5.55499   1.000 14.82314 ? 389 GLU A CG   1 
ATOM   867  C CD   . GLU A 1 56 ? -5.61017  5.56301   6.38845   1.000 16.71194 ? 389 GLU A CD   1 
ATOM   868  O OE1  . GLU A 1 56 ? -4.91462  6.60170   6.31871   1.000 20.33931 ? 389 GLU A OE1  1 
ATOM   869  O OE2  . GLU A 1 56 ? -6.63088  5.46674   7.09608   1.000 17.18502 ? 389 GLU A OE2  1 
ATOM   870  H H    . GLU A 1 56 ? -7.96396  1.85459   4.56583   1.000 14.73285 ? 389 GLU A H    1 
ATOM   871  H HA   . GLU A 1 56 ? -7.87247  4.41323   5.18490   1.000 13.24318 ? 389 GLU A HA   1 
ATOM   872  H HB2  . GLU A 1 56 ? -6.44858  2.99864   6.26655   1.000 16.54039 ? 389 GLU A HB2  1 
ATOM   873  H HB3  . GLU A 1 56 ? -5.77468  2.56706   4.89360   1.000 16.54039 ? 389 GLU A HB3  1 
ATOM   874  H HG2  . GLU A 1 56 ? -4.36666  3.99530   5.99603   1.000 17.78777 ? 389 GLU A HG2  1 
ATOM   875  H HG3  . GLU A 1 56 ? -4.89268  4.71307   4.67940   1.000 17.78777 ? 389 GLU A HG3  1 
ATOM   876  N N    . ALA A 1 57 ? -6.84452  3.67745   2.25148   1.000 13.32830 ? 390 ALA A N    1 
ATOM   877  C CA   . ALA A 1 57 ? -6.54831  4.29874   0.96637   1.000 13.59537 ? 390 ALA A CA   1 
ATOM   878  C C    . ALA A 1 57 ? -7.69977  5.19846   0.51680   1.000 15.07641 ? 390 ALA A C    1 
ATOM   879  O O    . ALA A 1 57 ? -7.47831  6.24887   -0.08232  1.000 15.32982 ? 390 ALA A O    1 
ATOM   880  C CB   . ALA A 1 57 ? -6.25853  3.21631   -0.07123  1.000 14.62000 ? 390 ALA A CB   1 
ATOM   881  H H    . ALA A 1 57 ? -6.86177  2.81766   2.24393   1.000 15.99396 ? 390 ALA A H    1 
ATOM   882  H HA   . ALA A 1 57 ? -5.75596  4.85218   1.04878   1.000 16.31444 ? 390 ALA A HA   1 
ATOM   883  H HB1  . ALA A 1 57 ? -6.05110  3.63915   -0.91922  1.000 17.54400 ? 390 ALA A HB1  1 
ATOM   884  H HB2  . ALA A 1 57 ? -5.50305  2.68643   0.22772   1.000 17.54400 ? 390 ALA A HB2  1 
ATOM   885  H HB3  . ALA A 1 57 ? -7.04168  2.65184   -0.16590  1.000 17.54400 ? 390 ALA A HB3  1 
ATOM   886  N N    . GLN A 1 58 ? -8.93069  4.80208   0.80210   1.000 15.28492 ? 391 GLN A N    1 
ATOM   887  C CA   . GLN A 1 58 ? -10.08386 5.63206   0.45336   1.000 13.97251 ? 391 GLN A CA   1 
ATOM   888  C C    . GLN A 1 58 ? -10.11340 6.90739   1.28586   1.000 17.70098 ? 391 GLN A C    1 
ATOM   889  O O    . GLN A 1 58 ? -10.42239 7.98491   0.76566   1.000 18.21213 ? 391 GLN A O    1 
ATOM   890  C CB   . GLN A 1 58 ? -11.34901 4.80800   0.64225   1.000 17.29786 ? 391 GLN A CB   1 
ATOM   891  C CG   . GLN A 1 58 ? -11.60671 3.87390   -0.54040  1.000 40.30189 ? 391 GLN A CG   1 
ATOM   892  C CD   . GLN A 1 58 ? -11.47403 4.56315   -1.88682  1.000 53.56588 ? 391 GLN A CD   1 
ATOM   893  O OE1  . GLN A 1 58 ? -10.62912 4.20343   -2.70658  1.000 33.05782 ? 391 GLN A OE1  1 
ATOM   894  N NE2  . GLN A 1 58 ? -12.29241 5.57708   -2.10597  1.000 30.85571 ? 391 GLN A NE2  1 
ATOM   895  H H    . GLN A 1 58 ? -9.13230  4.06367   1.19417   1.000 18.34190 ? 391 GLN A H    1 
ATOM   896  H HA   . GLN A 1 58 ? -10.03398 5.90367   -0.47650  1.000 16.76701 ? 391 GLN A HA   1 
ATOM   897  H HB2  . GLN A 1 58 ? -11.26024 4.26707   1.44251   1.000 20.75744 ? 391 GLN A HB2  1 
ATOM   898  H HB3  . GLN A 1 58 ? -12.10835 5.40543   0.72819   1.000 20.75744 ? 391 GLN A HB3  1 
ATOM   899  H HG2  . GLN A 1 58 ? -10.96463 3.14735   -0.51291  1.000 48.36227 ? 391 GLN A HG2  1 
ATOM   900  H HG3  . GLN A 1 58 ? -12.50833 3.52260   -0.47294  1.000 48.36227 ? 391 GLN A HG3  1 
ATOM   901  H HE21 . GLN A 1 58 ? -12.85811 5.81136   -1.50206  1.000 37.02685 ? 391 GLN A HE21 1 
ATOM   902  H HE22 . GLN A 1 58 ? -12.25938 6.00275   -2.85251  1.000 37.02685 ? 391 GLN A HE22 1 
ATOM   903  N N    . LYS A 1 59 ? -9.78183  6.82263   2.57423   1.000 14.24761 ? 392 LYS A N    1 
ATOM   904  C CA   . LYS A 1 59 ? -9.73223  8.02098   3.39963   1.000 14.91827 ? 392 LYS A CA   1 
ATOM   905  C C    . LYS A 1 59 ? -8.66864  8.97768   2.88379   1.000 16.85565 ? 392 LYS A C    1 
ATOM   906  O O    . LYS A 1 59 ? -8.88056  10.18975  2.82084   1.000 18.52392 ? 392 LYS A O    1 
ATOM   907  C CB   . LYS A 1 59 ? -9.42238  7.59409   4.82994   1.000 20.87076 ? 392 LYS A CB   1 
ATOM   908  C CG   . LYS A 1 59 ? -9.39831  8.65728   5.88909   1.000 26.09448 ? 392 LYS A CG   1 
ATOM   909  C CD   . LYS A 1 59 ? -9.44351  7.89250   7.19403   1.000 30.73702 ? 392 LYS A CD   1 
ATOM   910  C CE   . LYS A 1 59 ? -8.78690  8.58690   8.34713   1.000 35.83754 ? 392 LYS A CE   1 
ATOM   911  N NZ   . LYS A 1 59 ? -9.55618  8.17110   9.53628   1.000 28.71764 ? 392 LYS A NZ   1 
ATOM   912  H H    . LYS A 1 59 ? -9.58433  6.09505   2.98801   1.000 17.09714 ? 392 LYS A H    1 
ATOM   913  H HA   . LYS A 1 59 ? -10.58361 8.48548   3.38248   1.000 17.90193 ? 392 LYS A HA   1 
ATOM   914  H HB2  . LYS A 1 59 ? -10.09498 6.94874   5.09835   1.000 25.04491 ? 392 LYS A HB2  1 
ATOM   915  H HB3  . LYS A 1 59 ? -8.54546  7.17946   4.83154   1.000 25.04491 ? 392 LYS A HB3  1 
ATOM   916  H HG2  . LYS A 1 59 ? -8.58354  9.18109   5.83731   1.000 31.31338 ? 392 LYS A HG2  1 
ATOM   917  H HG3  . LYS A 1 59 ? -10.17152 9.23839   5.81588   1.000 31.31338 ? 392 LYS A HG3  1 
ATOM   918  H HD2  . LYS A 1 59 ? -10.37167 7.74377   7.43343   1.000 36.88443 ? 392 LYS A HD2  1 
ATOM   919  H HD3  . LYS A 1 59 ? -8.99253  7.04267   7.07031   1.000 36.88443 ? 392 LYS A HD3  1 
ATOM   920  H HE2  . LYS A 1 59 ? -7.86220  8.30797   8.43662   1.000 43.00504 ? 392 LYS A HE2  1 
ATOM   921  H HE3  . LYS A 1 59 ? -8.83422  9.55004   8.24213   1.000 43.00504 ? 392 LYS A HE3  1 
ATOM   922  H HZ1  . LYS A 1 59 ? -10.18782 8.77192   9.71560   1.000 34.46117 ? 392 LYS A HZ1  1 
ATOM   923  H HZ2  . LYS A 1 59 ? -9.94124  7.38231   9.38921   1.000 34.46117 ? 392 LYS A HZ2  1 
ATOM   924  H HZ3  . LYS A 1 59 ? -9.01539  8.10183   10.23974  1.000 34.46117 ? 392 LYS A HZ3  1 
ATOM   925  N N    . ILE A 1 60 ? -7.51295  8.45005   2.50617   1.000 14.98486 ? 393 ILE A N    1 
ATOM   926  C CA   . ILE A 1 60 ? -6.45312  9.27808   1.94030   1.000 15.55787 ? 393 ILE A CA   1 
ATOM   927  C C    . ILE A 1 60 ? -6.93947  9.96193   0.66558   1.000 17.48262 ? 393 ILE A C    1 
ATOM   928  O O    . ILE A 1 60 ? -6.69429  11.15551  0.44918   1.000 17.48928 ? 393 ILE A O    1 
ATOM   929  C CB   . ILE A 1 60 ? -5.19460  8.42096   1.69196   1.000 15.60281 ? 393 ILE A CB   1 
ATOM   930  C CG1  . ILE A 1 60 ? -4.57289  7.98296   3.01526   1.000 19.28483 ? 393 ILE A CG1  1 
ATOM   931  C CG2  . ILE A 1 60 ? -4.20503  9.17497   0.84010   1.000 17.97268 ? 393 ILE A CG2  1 
ATOM   932  C CD1  . ILE A 1 60 ? -3.48160  6.93360   2.86164   1.000 23.51013 ? 393 ILE A CD1  1 
ATOM   933  H H    . ILE A 1 60 ? -7.31227  7.61586   2.56489   1.000 17.98183 ? 393 ILE A H    1 
ATOM   934  H HA   . ILE A 1 60 ? -6.22094  9.97329   2.57567   1.000 18.66944 ? 393 ILE A HA   1 
ATOM   935  H HB   . ILE A 1 60 ? -5.45590  7.62049   1.21044   1.000 18.72337 ? 393 ILE A HB   1 
ATOM   936  H HG12 . ILE A 1 60 ? -4.18009  8.75771   3.44697   1.000 23.14179 ? 393 ILE A HG12 1 
ATOM   937  H HG13 . ILE A 1 60 ? -5.26829  7.60695   3.57734   1.000 23.14179 ? 393 ILE A HG13 1 
ATOM   938  H HG21 . ILE A 1 60 ? -3.34182  8.73598   0.89530   1.000 21.56721 ? 393 ILE A HG21 1 
ATOM   939  H HG22 . ILE A 1 60 ? -4.51663  9.17762   -0.07849  1.000 21.56721 ? 393 ILE A HG22 1 
ATOM   940  H HG23 . ILE A 1 60 ? -4.13487  10.08510  1.16821   1.000 21.56721 ? 393 ILE A HG23 1 
ATOM   941  H HD11 . ILE A 1 60 ? -3.28537  6.55233   3.73171   1.000 28.21216 ? 393 ILE A HD11 1 
ATOM   942  H HD12 . ILE A 1 60 ? -3.79295  6.24005   2.25917   1.000 28.21216 ? 393 ILE A HD12 1 
ATOM   943  H HD13 . ILE A 1 60 ? -2.68706  7.35510   2.49838   1.000 28.21216 ? 393 ILE A HD13 1 
ATOM   944  N N    . LYS A 1 61 ? -7.62322  9.21478   -0.20340  1.000 16.50877 ? 394 LYS A N    1 
ATOM   945  C CA   . LYS A 1 61 ? -8.14503  9.78487   -1.44160  1.000 17.27140 ? 394 LYS A CA   1 
ATOM   946  C C    . LYS A 1 61 ? -9.09611  10.93166  -1.13571  1.000 19.76738 ? 394 LYS A C    1 
ATOM   947  O O    . LYS A 1 61 ? -8.99826  12.01008  -1.72530  1.000 18.60972 ? 394 LYS A O    1 
ATOM   948  C CB   . LYS A 1 61 ? -8.83868  8.67893   -2.23787  1.000 20.62837 ? 394 LYS A CB   1 
ATOM   949  C CG   . LYS A 1 61 ? -9.40222  9.04615   -3.62242  1.000 35.14614 ? 394 LYS A CG   1 
ATOM   950  C CD   . LYS A 1 61 ? -10.16344 7.83426   -4.19213  1.000 42.15897 ? 394 LYS A CD   1 
ATOM   951  C CE   . LYS A 1 61 ? -10.54305 7.97714   -5.66688  1.000 58.38581 ? 394 LYS A CE   1 
ATOM   952  N NZ   . LYS A 1 61 ? -11.68845 7.09217   -6.04804  1.000 66.91486 ? 394 LYS A NZ   1 
ATOM   953  H H    . LYS A 1 61 ? -7.79820  8.37905   -0.10079  1.000 19.81052 ? 394 LYS A H    1 
ATOM   954  H HA   . LYS A 1 61 ? -7.42221  10.13919  -1.98277  1.000 20.72568 ? 394 LYS A HA   1 
ATOM   955  H HB2  . LYS A 1 61 ? -8.19632  7.96560   -2.37729  1.000 24.75404 ? 394 LYS A HB2  1 
ATOM   956  H HB3  . LYS A 1 61 ? -9.58451  8.35508   -1.70896  1.000 24.75404 ? 394 LYS A HB3  1 
ATOM   957  H HG2  . LYS A 1 61 ? -10.01482 9.79397   -3.54239  1.000 42.17537 ? 394 LYS A HG2  1 
ATOM   958  H HG3  . LYS A 1 61 ? -8.67696  9.27439   -4.22474  1.000 42.17537 ? 394 LYS A HG3  1 
ATOM   959  H HD2  . LYS A 1 61 ? -9.60405  7.04639   -4.10704  1.000 50.59076 ? 394 LYS A HD2  1 
ATOM   960  H HD3  . LYS A 1 61 ? -10.98310 7.71528   -3.68726  1.000 50.59076 ? 394 LYS A HD3  1 
ATOM   961  H HE2  . LYS A 1 61 ? -10.80094 8.89585   -5.84118  1.000 70.06297 ? 394 LYS A HE2  1 
ATOM   962  H HE3  . LYS A 1 61 ? -9.78055  7.73669   -6.21614  1.000 70.06297 ? 394 LYS A HE3  1 
ATOM   963  H HZ1  . LYS A 1 61 ? -11.89450 7.21325   -6.90535  1.000 80.29783 ? 394 LYS A HZ1  1 
ATOM   964  H HZ2  . LYS A 1 61 ? -11.46915 6.23895   -5.92141  1.000 80.29783 ? 394 LYS A HZ2  1 
ATOM   965  H HZ3  . LYS A 1 61 ? -12.40050 7.28437   -5.54990  1.000 80.29783 ? 394 LYS A HZ3  1 
ATOM   966  N N    . GLU A 1 62 ? -10.01033 10.71947  -0.19870  1.000 15.80083 ? 395 GLU A N    1 
ATOM   967  C CA   . GLU A 1 62 ? -10.95958 11.76862  0.17275   1.000 18.59362 ? 395 GLU A CA   1 
ATOM   968  C C    . GLU A 1 62 ? -10.23309 12.99788  0.70669   1.000 18.82576 ? 395 GLU A C    1 
ATOM   969  O O    . GLU A 1 62 ? -10.59332 14.13485  0.38759   1.000 19.69650 ? 395 GLU A O    1 
ATOM   970  C CB   . GLU A 1 62 ? -11.96512 11.22752  1.20167   1.000 21.29643 ? 395 GLU A CB   1 
ATOM   971  C CG   . GLU A 1 62 ? -12.97321 10.18095  0.66933   1.000 31.36465 ? 395 GLU A CG   1 
ATOM   972  C CD   . GLU A 1 62 ? -13.54726 9.31841   1.77477   1.000 58.22986 ? 395 GLU A CD   1 
ATOM   973  O OE1  . GLU A 1 62 ? -13.15538 9.50419   2.94395   1.000 44.35271 ? 395 GLU A OE1  1 
ATOM   974  O OE2  . GLU A 1 62 ? -14.40030 8.45672   1.48964   1.000 46.83600 ? 395 GLU A OE2  1 
ATOM   975  H H    . GLU A 1 62 ? -10.10715 9.98490   0.23790   1.000 18.96100 ? 395 GLU A H    1 
ATOM   976  H HA   . GLU A 1 62 ? -11.46074 12.03874  -0.61261  1.000 22.31234 ? 395 GLU A HA   1 
ATOM   977  H HB2  . GLU A 1 62 ? -11.46801 10.80811  1.92130   1.000 25.55572 ? 395 GLU A HB2  1 
ATOM   978  H HB3  . GLU A 1 62 ? -12.48013 11.97419  1.54542   1.000 25.55572 ? 395 GLU A HB3  1 
ATOM   979  H HG2  . GLU A 1 62 ? -13.70772 10.64066  0.23337   1.000 37.63759 ? 395 GLU A HG2  1 
ATOM   980  H HG3  . GLU A 1 62 ? -12.52311 9.59982   0.03640   1.000 37.63759 ? 395 GLU A HG3  1 
ATOM   981  N N    . LYS A 1 63 ? -9.19243  12.79146  1.51468   1.000 17.97834 ? 396 LYS A N    1 
ATOM   982  C CA   . LYS A 1 63 ? -8.42804  13.91980  2.04088   1.000 19.56194 ? 396 LYS A CA   1 
ATOM   983  C C    . LYS A 1 63 ? -7.75083  14.68768  0.90700   1.000 16.92104 ? 396 LYS A C    1 
ATOM   984  O O    . LYS A 1 63 ? -7.75528  15.92219  0.89423   1.000 21.27955 ? 396 LYS A O    1 
ATOM   985  C CB   . LYS A 1 63 ? -7.40053  13.43833  3.08126   1.000 24.76723 ? 396 LYS A CB   1 
ATOM   986  C CG   . LYS A 1 63 ? -6.94843  14.52089  4.06706   1.000 43.40267 ? 396 LYS A CG   1 
ATOM   987  C CD   . LYS A 1 63 ? -7.10003  14.07412  5.52012   1.000 36.80463 ? 396 LYS A CD   1 
ATOM   988  H H    . LYS A 1 63 ? -8.91083  12.02033  1.77093   1.000 21.57401 ? 396 LYS A H    1 
ATOM   989  H HA   . LYS A 1 63 ? -9.03123  14.52656  2.49795   1.000 23.47432 ? 396 LYS A HA   1 
ATOM   990  H HB2  . LYS A 1 63 ? -7.79572  12.71783  3.59665   1.000 29.72067 ? 396 LYS A HB2  1 
ATOM   991  H HB3  . LYS A 1 63 ? -6.61289  13.11869  2.61398   1.000 29.72067 ? 396 LYS A HB3  1 
ATOM   992  H HG2  . LYS A 1 63 ? -6.01341  14.72542  3.90960   1.000 52.08320 ? 396 LYS A HG2  1 
ATOM   993  H HG3  . LYS A 1 63 ? -7.48842  15.31617  3.93734   1.000 52.08320 ? 396 LYS A HG3  1 
ATOM   994  N N    . HIS A 1 64 ? -7.21515  13.98189  -0.08540  1.000 17.53563 ? 397 HIS A N    1 
ATOM   995  C CA   . HIS A 1 64 ? -6.62284  14.65242  -1.23755  1.000 14.18443 ? 397 HIS A CA   1 
ATOM   996  C C    . HIS A 1 64 ? -7.66609  15.49288  -1.96468  1.000 20.21507 ? 397 HIS A C    1 
ATOM   997  O O    . HIS A 1 64 ? -7.38378  16.61663  -2.38528  1.000 17.49513 ? 397 HIS A O    1 
ATOM   998  C CB   . HIS A 1 64 ? -5.96352  13.62030  -2.15720  1.000 20.29450 ? 397 HIS A CB   1 
ATOM   999  C CG   . HIS A 1 64 ? -4.76725  12.95043  -1.54232  1.000 26.48898 ? 397 HIS A CG   1 
ATOM   1000 N ND1  . HIS A 1 64 ? -4.20256  13.37390  -0.35601  1.000 35.16356 ? 397 HIS A ND1  1 
ATOM   1001 C CD2  . HIS A 1 64 ? -4.03705  11.88392  -1.94376  1.000 30.81718 ? 397 HIS A CD2  1 
ATOM   1002 C CE1  . HIS A 1 64 ? -3.17504  12.59953  -0.05762  1.000 33.73686 ? 397 HIS A CE1  1 
ATOM   1003 N NE2  . HIS A 1 64 ? -3.05340  11.68766  -1.00573  1.000 30.01430 ? 397 HIS A NE2  1 
ATOM   1004 H H    . HIS A 1 64 ? -7.18089  13.12319  -0.11814  1.000 21.04276 ? 397 HIS A H    1 
ATOM   1005 H HA   . HIS A 1 64 ? -5.92149  15.25585  -0.94621  1.000 17.02132 ? 397 HIS A HA   1 
ATOM   1006 H HB2  . HIS A 1 64 ? -6.61249  12.93197  -2.37153  1.000 24.35340 ? 397 HIS A HB2  1 
ATOM   1007 H HB3  . HIS A 1 64 ? -5.67135  14.06491  -2.96829  1.000 24.35340 ? 397 HIS A HB3  1 
ATOM   1008 H HD2  . HIS A 1 64 ? -4.17562  11.37816  -2.71180  1.000 36.98061 ? 397 HIS A HD2  1 
ATOM   1009 H HE1  . HIS A 1 64 ? -2.63039  12.68208  0.69168   1.000 40.48423 ? 397 HIS A HE1  1 
ATOM   1010 H HE2  . HIS A 1 64 ? -2.45482  11.07070  -1.03138  1.000 36.01716 ? 397 HIS A HE2  1 
ATOM   1011 N N    . ARG A 1 65 ? -8.88592  14.98234  -2.08771  1.000 17.12352 ? 398 ARG A N    1 
ATOM   1012 C CA   . ARG A 1 65 ? -9.94407  15.70044  -2.79594  1.000 17.61549 ? 398 ARG A CA   1 
ATOM   1013 C C    . ARG A 1 65 ? -10.42396 16.94232  -2.05134  1.000 14.25534 ? 398 ARG A C    1 
ATOM   1014 O O    . ARG A 1 65 ? -11.07815 17.79252  -2.65778  1.000 15.61796 ? 398 ARG A O    1 
ATOM   1015 C CB   . ARG A 1 65 ? -11.08305 14.73032  -3.13520  1.000 18.56666 ? 398 ARG A CB   1 
ATOM   1016 C CG   . ARG A 1 65 ? -10.63886 13.70737  -4.19135  1.000 24.59232 ? 398 ARG A CG   1 
ATOM   1017 C CD   . ARG A 1 65 ? -11.77140 12.84619  -4.72495  1.000 34.04337 ? 398 ARG A CD   1 
ATOM   1018 N NE   . ARG A 1 65 ? -11.31271 12.00132  -5.83656  1.000 33.14879 ? 398 ARG A NE   1 
ATOM   1019 C CZ   . ARG A 1 65 ? -12.11482 11.23914  -6.57592  1.000 43.45897 ? 398 ARG A CZ   1 
ATOM   1020 N NH1  . ARG A 1 65 ? -13.41961 11.21122  -6.32836  1.000 45.32740 ? 398 ARG A NH1  1 
ATOM   1021 N NH2  . ARG A 1 65 ? -11.61593 10.51213  -7.56545  1.000 48.64794 ? 398 ARG A NH2  1 
ATOM   1022 H H    . ARG A 1 65 ? -9.12999  14.22102  -1.77082  1.000 20.54823 ? 398 ARG A H    1 
ATOM   1023 H HA   . ARG A 1 65 ? -9.61015  16.02861  -3.64547  1.000 21.13859 ? 398 ARG A HA   1 
ATOM   1024 H HB2  . ARG A 1 65 ? -11.34741 14.25090  -2.33446  1.000 22.28000 ? 398 ARG A HB2  1 
ATOM   1025 H HB3  . ARG A 1 65 ? -11.83690 15.22881  -3.48750  1.000 22.28000 ? 398 ARG A HB3  1 
ATOM   1026 H HG2  . ARG A 1 65 ? -10.25018 14.18238  -4.94248  1.000 29.51078 ? 398 ARG A HG2  1 
ATOM   1027 H HG3  . ARG A 1 65 ? -9.97957  13.11596  -3.79578  1.000 29.51078 ? 398 ARG A HG3  1 
ATOM   1028 H HD2  . ARG A 1 65 ? -12.10032 12.27036  -4.01705  1.000 40.85204 ? 398 ARG A HD2  1 
ATOM   1029 H HD3  . ARG A 1 65 ? -12.48641 13.41673  -5.04768  1.000 40.85204 ? 398 ARG A HD3  1 
ATOM   1030 H HE   . ARG A 1 65 ? -10.47270 11.99935  -6.02091  1.000 39.77855 ? 398 ARG A HE   1 
ATOM   1031 H HH11 . ARG A 1 65 ? -13.74642 11.68587  -5.69000  1.000 54.39287 ? 398 ARG A HH11 1 
ATOM   1032 H HH12 . ARG A 1 65 ? -13.93754 10.71851  -6.80646  1.000 54.39287 ? 398 ARG A HH12 1 
ATOM   1033 H HH21 . ARG A 1 65 ? -10.77224 10.53231  -7.73086  1.000 58.37752 ? 398 ARG A HH21 1 
ATOM   1034 H HH22 . ARG A 1 65 ? -12.13593 10.02020  -8.04213  1.000 58.37752 ? 398 ARG A HH22 1 
ATOM   1035 N N    . GLU A 1 66 ? -10.08510 17.10705  -0.77127  1.000 14.75590 ? 399 GLU A N    1 
ATOM   1036 C CA   . GLU A 1 66 ? -10.34426 18.37710  -0.10808  1.000 14.33892 ? 399 GLU A CA   1 
ATOM   1037 C C    . GLU A 1 66 ? -9.62998  19.53258  -0.79308  1.000 12.85779 ? 399 GLU A C    1 
ATOM   1038 O O    . GLU A 1 66 ? -10.04037 20.68182  -0.62152  1.000 13.94801 ? 399 GLU A O    1 
ATOM   1039 C CB   . GLU A 1 66 ? -9.92757  18.30557  1.36878   1.000 17.50315 ? 399 GLU A CB   1 
ATOM   1040 C CG   . GLU A 1 66 ? -10.62599 17.20356  2.14643   1.000 18.63100 ? 399 GLU A CG   1 
ATOM   1041 C CD   . GLU A 1 66 ? -10.27701 17.23014  3.62691   1.000 29.16163 ? 399 GLU A CD   1 
ATOM   1042 O OE1  . GLU A 1 66 ? -9.83808  18.28717  4.12770   1.000 25.77443 ? 399 GLU A OE1  1 
ATOM   1043 O OE2  . GLU A 1 66 ? -10.44117 16.18322  4.28371   1.000 33.50755 ? 399 GLU A OE2  1 
ATOM   1044 H H    . GLU A 1 66 ? -9.71196  16.51089  -0.27634  1.000 17.70708 ? 399 GLU A H    1 
ATOM   1045 H HA   . GLU A 1 66 ? -11.29804 18.55143  -0.13615  1.000 17.20670 ? 399 GLU A HA   1 
ATOM   1046 H HB2  . GLU A 1 66 ? -8.97255  18.14247  1.41615   1.000 21.00378 ? 399 GLU A HB2  1 
ATOM   1047 H HB3  . GLU A 1 66 ? -10.14138 19.15041  1.79474   1.000 21.00378 ? 399 GLU A HB3  1 
ATOM   1048 H HG2  . GLU A 1 66 ? -11.58591 17.31358  2.06072   1.000 22.35720 ? 399 GLU A HG2  1 
ATOM   1049 H HG3  . GLU A 1 66 ? -10.35743 16.34293  1.78856   1.000 22.35720 ? 399 GLU A HG3  1 
ATOM   1050 N N    . GLU A 1 67 ? -8.56960  19.25508  -1.56721  1.000 11.40535 ? 400 GLU A N    1 
ATOM   1051 C CA   . GLU A 1 67 ? -7.87301  20.30467  -2.29473  1.000 11.76503 ? 400 GLU A CA   1 
ATOM   1052 C C    . GLU A 1 67 ? -8.67547  20.85782  -3.45987  1.000 12.22319 ? 400 GLU A C    1 
ATOM   1053 O O    . GLU A 1 67 ? -8.31123  21.90647  -3.99228  1.000 12.81364 ? 400 GLU A O    1 
ATOM   1054 C CB   . GLU A 1 67 ? -6.56802  19.77670  -2.85795  1.000 13.80551 ? 400 GLU A CB   1 
ATOM   1055 C CG   . GLU A 1 67 ? -5.56285  19.39514  -1.79864  1.000 14.18638 ? 400 GLU A CG   1 
ATOM   1056 C CD   . GLU A 1 67 ? -4.13680  19.39857  -2.30024  1.000 20.60225 ? 400 GLU A CD   1 
ATOM   1057 O OE1  . GLU A 1 67 ? -3.91728  19.57651  -3.50925  1.000 18.81779 ? 400 GLU A OE1  1 
ATOM   1058 O OE2  . GLU A 1 67 ? -3.23080  19.28203  -1.44918  1.000 20.57077 ? 400 GLU A OE2  1 
ATOM   1059 H H    . GLU A 1 67 ? -8.24128  18.46862  -1.68240  1.000 13.68643 ? 400 GLU A H    1 
ATOM   1060 H HA   . GLU A 1 67 ? -7.69029  21.01913  -1.66460  1.000 14.11804 ? 400 GLU A HA   1 
ATOM   1061 H HB2  . GLU A 1 67 ? -6.75396  18.98655  -3.38897  1.000 16.56661 ? 400 GLU A HB2  1 
ATOM   1062 H HB3  . GLU A 1 67 ? -6.16724  20.46323  -3.41379  1.000 16.56661 ? 400 GLU A HB3  1 
ATOM   1063 H HG2  . GLU A 1 67 ? -5.62250  20.02838  -1.06629  1.000 17.02365 ? 400 GLU A HG2  1 
ATOM   1064 H HG3  . GLU A 1 67 ? -5.76483  18.50102  -1.48139  1.000 17.02365 ? 400 GLU A HG3  1 
ATOM   1065 N N    . PHE A 1 68 ? -9.73111  20.18215  -3.87676  1.000 11.40888 ? 401 PHE A N    1 
ATOM   1066 C CA   . PHE A 1 68 ? -10.37068 20.47508  -5.14533  1.000 10.93729 ? 401 PHE A CA   1 
ATOM   1067 C C    . PHE A 1 68 ? -11.48366 21.50923  -4.99762  1.000 12.37183 ? 401 PHE A C    1 
ATOM   1068 O O    . PHE A 1 68 ? -12.17226 21.55144  -3.96859  1.000 12.08844 ? 401 PHE A O    1 
ATOM   1069 C CB   . PHE A 1 68 ? -11.03289 19.21289  -5.70205  1.000 12.58893 ? 401 PHE A CB   1 
ATOM   1070 C CG   . PHE A 1 68 ? -10.09135 18.09881  -6.08887  1.000 12.97802 ? 401 PHE A CG   1 
ATOM   1071 C CD1  . PHE A 1 68 ? -8.72313  18.21690  -6.06765  1.000 14.76692 ? 401 PHE A CD1  1 
ATOM   1072 C CD2  . PHE A 1 68 ? -10.64876 16.90139  -6.52567  1.000 14.26159 ? 401 PHE A CD2  1 
ATOM   1073 C CE1  . PHE A 1 68 ? -7.91209  17.13345  -6.47215  1.000 14.31150 ? 401 PHE A CE1  1 
ATOM   1074 C CE2  . PHE A 1 68 ? -9.86307  15.84404  -6.92173  1.000 15.79998 ? 401 PHE A CE2  1 
ATOM   1075 C CZ   . PHE A 1 68 ? -8.50156  15.95493  -6.88870  1.000 14.66609 ? 401 PHE A CZ   1 
ATOM   1076 H H    . PHE A 1 68 ? -10.10270 19.54111  -3.44020  1.000 13.69066 ? 401 PHE A H    1 
ATOM   1077 H HA   . PHE A 1 68 ? -9.69210  20.81237  -5.75086  1.000 13.12474 ? 401 PHE A HA   1 
ATOM   1078 H HB2  . PHE A 1 68 ? -11.63373 18.86091  -5.02678  1.000 15.10672 ? 401 PHE A HB2  1 
ATOM   1079 H HB3  . PHE A 1 68 ? -11.53302 19.45640  -6.49670  1.000 15.10672 ? 401 PHE A HB3  1 
ATOM   1080 H HD1  . PHE A 1 68 ? -8.33004  19.01147  -5.78651  1.000 17.72031 ? 401 PHE A HD1  1 
ATOM   1081 H HD2  . PHE A 1 68 ? -11.57429 16.81371  -6.55046  1.000 17.11390 ? 401 PHE A HD2  1 
ATOM   1082 H HE1  . PHE A 1 68 ? -6.98559  17.21283  -6.45822  1.000 17.17380 ? 401 PHE A HE1  1 
ATOM   1083 H HE2  . PHE A 1 68 ? -10.25845 15.05389  -7.21194  1.000 18.95998 ? 401 PHE A HE2  1 
ATOM   1084 H HZ   . PHE A 1 68 ? -7.97079  15.23625  -7.14691  1.000 17.59930 ? 401 PHE A HZ   1 
ATOM   1085 N N    . PRO A 1 69 ? -11.70729 22.29641  -6.05184  1.000 9.84484  ? 402 PRO A N    1 
ATOM   1086 C CA   . PRO A 1 69 ? -12.95684 23.05574  -6.14171  1.000 10.53341 ? 402 PRO A CA   1 
ATOM   1087 C C    . PRO A 1 69 ? -14.14515 22.14189  -5.94163  1.000 13.28270 ? 402 PRO A C    1 
ATOM   1088 O O    . PRO A 1 69 ? -14.18523 21.03034  -6.44242  1.000 13.74907 ? 402 PRO A O    1 
ATOM   1089 C CB   . PRO A 1 69 ? -12.92131 23.64202  -7.54955  1.000 13.54226 ? 402 PRO A CB   1 
ATOM   1090 C CG   . PRO A 1 69 ? -11.57492 23.43273  -8.07693  1.000 13.07427 ? 402 PRO A CG   1 
ATOM   1091 C CD   . PRO A 1 69 ? -10.92741 22.33836  -7.30526  1.000 10.43703 ? 402 PRO A CD   1 
ATOM   1092 H HA   . PRO A 1 69 ? -12.97552 23.77981  -5.49652  1.000 12.64010 ? 402 PRO A HA   1 
ATOM   1093 H HB2  . PRO A 1 69 ? -13.57564 23.18701  -8.10246  1.000 16.25071 ? 402 PRO A HB2  1 
ATOM   1094 H HB3  . PRO A 1 69 ? -13.12437 24.58957  -7.50699  1.000 16.25071 ? 402 PRO A HB3  1 
ATOM   1095 H HG2  . PRO A 1 69 ? -11.63714 23.18844  -9.01361  1.000 15.68912 ? 402 PRO A HG2  1 
ATOM   1096 H HG3  . PRO A 1 69 ? -11.06716 24.25366  -7.98120  1.000 15.68912 ? 402 PRO A HG3  1 
ATOM   1097 H HD2  . PRO A 1 69 ? -10.99309 21.49544  -7.78073  1.000 12.52444 ? 402 PRO A HD2  1 
ATOM   1098 H HD3  . PRO A 1 69 ? -9.99714  22.54647  -7.12587  1.000 12.52444 ? 402 PRO A HD3  1 
ATOM   1099 N N    . GLY A 1 70 ? -15.09848 22.61047  -5.17248  1.000 13.97236 ? 403 GLY A N    1 
ATOM   1100 C CA   . GLY A 1 70 ? -16.26884 21.82869  -4.86354  1.000 14.42845 ? 403 GLY A CA   1 
ATOM   1101 C C    . GLY A 1 70 ? -16.24953 21.16419  -3.50795  1.000 18.22763 ? 403 GLY A C    1 
ATOM   1102 O O    . GLY A 1 70 ? -17.29952 20.71034  -3.03739  1.000 24.13217 ? 403 GLY A O    1 
ATOM   1103 H H    . GLY A 1 70 ? -15.08930 23.39131  -4.81220  1.000 16.76684 ? 403 GLY A H    1 
ATOM   1104 H HA2  . GLY A 1 70 ? -17.04670 22.40717  -4.89814  1.000 17.31414 ? 403 GLY A HA2  1 
ATOM   1105 H HA3  . GLY A 1 70 ? -16.36286 21.13270  -5.53262  1.000 17.31414 ? 403 GLY A HA3  1 
ATOM   1106 N N    . TRP A 1 71 ? -15.09672 21.08740  -2.85459  1.000 14.86618 ? 404 TRP A N    1 
ATOM   1107 C CA   . TRP A 1 71 ? -15.04478 20.62650  -1.47728  1.000 17.05333 ? 404 TRP A CA   1 
ATOM   1108 C C    . TRP A 1 71 ? -15.58045 21.73424  -0.59171  1.000 18.70501 ? 404 TRP A C    1 
ATOM   1109 O O    . TRP A 1 71 ? -15.04280 22.85097  -0.59794  1.000 16.19470 ? 404 TRP A O    1 
ATOM   1110 C CB   . TRP A 1 71 ? -13.64622 20.20708  -1.03015  1.000 16.79951 ? 404 TRP A CB   1 
ATOM   1111 C CG   . TRP A 1 71 ? -13.69659 19.51664  0.33123   1.000 18.55276 ? 404 TRP A CG   1 
ATOM   1112 C CD1  . TRP A 1 71 ? -13.93487 18.18930  0.55918   1.000 25.57190 ? 404 TRP A CD1  1 
ATOM   1113 C CD2  . TRP A 1 71 ? -13.54949 20.12620  1.61441   1.000 25.92002 ? 404 TRP A CD2  1 
ATOM   1114 N NE1  . TRP A 1 71 ? -13.94114 17.93846  1.89783   1.000 31.00100 ? 404 TRP A NE1  1 
ATOM   1115 C CE2  . TRP A 1 71 ? -13.70544 19.10818  2.57523   1.000 31.44628 ? 404 TRP A CE2  1 
ATOM   1116 C CE3  . TRP A 1 71 ? -13.30510 21.43186  2.04726   1.000 36.27189 ? 404 TRP A CE3  1 
ATOM   1117 C CZ2  . TRP A 1 71 ? -13.61214 19.35514  3.95230   1.000 46.35327 ? 404 TRP A CZ2  1 
ATOM   1118 C CZ3  . TRP A 1 71 ? -13.21759 21.67584  3.41879   1.000 49.05936 ? 404 TRP A CZ3  1 
ATOM   1119 C CH2  . TRP A 1 71 ? -13.37099 20.64272  4.34868   1.000 53.99801 ? 404 TRP A CH2  1 
ATOM   1120 H H    . TRP A 1 71 ? -14.33217 21.29673  -3.18815  1.000 17.83941 ? 404 TRP A H    1 
ATOM   1121 H HA   . TRP A 1 71 ? -15.59390 19.83064  -1.40004  1.000 20.46400 ? 404 TRP A HA   1 
ATOM   1122 H HB2  . TRP A 1 71 ? -13.27224 19.58791  -1.67643  1.000 20.15941 ? 404 TRP A HB2  1 
ATOM   1123 H HB3  . TRP A 1 71 ? -13.08108 20.99206  -0.95723  1.000 20.15941 ? 404 TRP A HB3  1 
ATOM   1124 H HD1  . TRP A 1 71 ? -14.07253 17.55118  -0.10320  1.000 30.68628 ? 404 TRP A HD1  1 
ATOM   1125 H HE1  . TRP A 1 71 ? -14.07193 17.16975  2.26057   1.000 37.20120 ? 404 TRP A HE1  1 
ATOM   1126 H HE3  . TRP A 1 71 ? -13.20287 22.12389  1.43446   1.000 43.52627 ? 404 TRP A HE3  1 
ATOM   1127 H HZ2  . TRP A 1 71 ? -13.71045 18.66967  4.57308   1.000 55.62392 ? 404 TRP A HZ2  1 
ATOM   1128 H HZ3  . TRP A 1 71 ? -13.05441 22.54063  3.71947   1.000 58.87123 ? 404 TRP A HZ3  1 
ATOM   1129 H HH2  . TRP A 1 71 ? -13.30774 20.83482  5.25642   1.000 64.79761 ? 404 TRP A HH2  1 
ATOM   1130 N N    . VAL A 1 72 ? -16.65545 21.40226  0.13322   1.000 22.97373 ? 405 VAL A N    1 
ATOM   1131 C CA   . VAL A 1 72 ? -17.48317 22.27334  0.99083   1.000 32.67963 ? 405 VAL A CA   1 
ATOM   1132 C C    . VAL A 1 72 ? -17.94751 23.58360  0.38250   1.000 35.29123 ? 405 VAL A C    1 
ATOM   1133 O O    . VAL A 1 72 ? -18.56664 23.57309  -0.67286  1.000 34.50000 ? 405 VAL A O    1 
ATOM   1134 C CB   . VAL A 1 72 ? -16.85826 22.44697  2.38694   1.000 34.25398 ? 405 VAL A CB   1 
ATOM   1135 C CG1  . VAL A 1 72 ? -17.76284 23.26141  3.29428   1.000 37.62368 ? 405 VAL A CG1  1 
ATOM   1136 C CG2  . VAL A 1 72 ? -16.57841 21.09143  2.99437   1.000 26.58640 ? 405 VAL A CG2  1 
ATOM   1137 H H    . VAL A 1 72 ? -16.96012 20.59821  0.15001   1.000 27.56847 ? 405 VAL A H    1 
ATOM   1138 H HA   . VAL A 1 72 ? -18.32250 21.79653  1.08614   1.000 39.21556 ? 405 VAL A HA   1 
ATOM   1139 H HB   . VAL A 1 72 ? -16.02204 22.93057  2.29876   1.000 41.10478 ? 405 VAL A HB   1 
ATOM   1140 H HG11 . VAL A 1 72 ? -17.40674 23.24067  4.19631   1.000 45.14841 ? 405 VAL A HG11 1 
ATOM   1141 H HG12 . VAL A 1 72 ? -17.79332 24.17567  2.97163   1.000 45.14841 ? 405 VAL A HG12 1 
ATOM   1142 H HG13 . VAL A 1 72 ? -18.65294 22.87614  3.28111   1.000 45.14841 ? 405 VAL A HG13 1 
ATOM   1143 H HG21 . VAL A 1 72 ? -16.25952 21.21206  3.90248   1.000 31.90369 ? 405 VAL A HG21 1 
ATOM   1144 H HG22 . VAL A 1 72 ? -17.39741 20.57170  2.99769   1.000 31.90369 ? 405 VAL A HG22 1 
ATOM   1145 H HG23 . VAL A 1 72 ? -15.90291 20.64094  2.46368   1.000 31.90369 ? 405 VAL A HG23 1 
HETATM 1146 O O    . HOH B 2 .  ? -13.31553 7.12956   3.54698   1.000 41.88384 ? 501 HOH A O    1 
HETATM 1147 O O    . HOH B 2 .  ? 18.08804  -8.09514  -5.08078  1.000 47.45473 ? 502 HOH A O    1 
HETATM 1148 O O    . HOH B 2 .  ? -3.74563  19.46257  1.03635   1.000 19.90139 ? 503 HOH A O    1 
HETATM 1149 O O    . HOH B 2 .  ? -14.13194 -2.46327  6.17409   1.000 29.15667 ? 504 HOH A O    1 
HETATM 1150 O O    . HOH B 2 .  ? -3.98837  -14.26095 -4.20005  1.000 38.13931 ? 505 HOH A O    1 
HETATM 1151 O O    . HOH B 2 .  ? -8.91082  11.66824  -6.79202  1.000 42.89272 ? 506 HOH A O    1 
HETATM 1152 O O    . HOH B 2 .  ? 14.59366  0.33047   6.70797   1.000 27.43725 ? 507 HOH A O    1 
HETATM 1153 O O    . HOH B 2 .  ? 10.71278  -0.48019  -5.72832  1.000 30.94875 ? 508 HOH A O    1 
HETATM 1154 O O    . HOH B 2 .  ? 2.10599   1.08776   -21.94477 1.000 23.75121 ? 509 HOH A O    1 
HETATM 1155 O O    . HOH B 2 .  ? -7.61192  22.31518  -6.55710  1.000 14.24855 ? 510 HOH A O    1 
HETATM 1156 O O    . HOH B 2 .  ? 17.10016  -4.06944  2.24550   1.000 13.80984 ? 511 HOH A O    1 
HETATM 1157 O O    . HOH B 2 .  ? 8.23296   -1.26886  9.10550   1.000 13.34314 ? 512 HOH A O    1 
HETATM 1158 O O    . HOH B 2 .  ? -10.56315 19.39093  6.53710   1.000 36.50329 ? 513 HOH A O    1 
HETATM 1159 O O    . HOH B 2 .  ? 1.36409   -11.98586 4.41875   1.000 24.38094 ? 514 HOH A O    1 
HETATM 1160 O O    . HOH B 2 .  ? -7.16819  1.82670   -3.06060  1.000 21.53148 ? 515 HOH A O    1 
HETATM 1161 O O    . HOH B 2 .  ? -14.89403 25.35517  0.61126   1.000 21.18109 ? 516 HOH A O    1 
HETATM 1162 O O    . HOH B 2 .  ? -10.37791 -6.45489  0.77816   1.000 18.76758 ? 517 HOH A O    1 
HETATM 1163 O O    . HOH B 2 .  ? -9.66176  21.90716  1.86085   1.000 22.50169 ? 518 HOH A O    1 
HETATM 1164 O O    . HOH B 2 .  ? -4.63710  -14.48540 -0.10190  1.000 32.62886 ? 519 HOH A O    1 
HETATM 1165 O O    . HOH B 2 .  ? 13.53366  -5.14194  11.06019  1.000 19.59264 ? 520 HOH A O    1 
HETATM 1166 O O    . HOH B 2 .  ? -9.59273  1.80383   -1.68319  1.000 23.06374 ? 521 HOH A O    1 
HETATM 1167 O O    . HOH B 2 .  ? 2.07508   -14.54203 -2.32375  1.000 32.18106 ? 522 HOH A O    1 
HETATM 1168 O O    . HOH B 2 .  ? -11.33223 3.07603   -7.93991  1.000 32.49135 ? 523 HOH A O    1 
HETATM 1169 O O    . HOH B 2 .  ? 23.53911  -8.60975  -1.61627  1.000 27.26799 ? 524 HOH A O    1 
HETATM 1170 O O    . HOH B 2 .  ? -2.12479  -7.06744  7.84116   1.000 16.19220 ? 525 HOH A O    1 
HETATM 1171 O O    . HOH B 2 .  ? -15.00986 24.53811  -2.87938  1.000 14.18267 ? 526 HOH A O    1 
HETATM 1172 O O    . HOH B 2 .  ? 13.38956  -0.97472  0.43434   1.000 15.55496 ? 527 HOH A O    1 
HETATM 1173 O O    . HOH B 2 .  ? -13.27223 -5.53400  0.15461   1.000 19.46757 ? 528 HOH A O    1 
HETATM 1174 O O    . HOH B 2 .  ? -5.54091  9.01711   7.76688   1.000 32.74995 ? 529 HOH A O    1 
HETATM 1175 O O    . HOH B 2 .  ? -6.11865  -7.11061  -3.43951  1.000 36.80239 ? 530 HOH A O    1 
HETATM 1176 O O    . HOH B 2 .  ? -9.92886  -6.69364  9.04156   1.000 38.60140 ? 531 HOH A O    1 
HETATM 1177 O O    . HOH B 2 .  ? -10.78412 11.43953  4.64508   1.000 31.64170 ? 532 HOH A O    1 
HETATM 1178 O O    . HOH B 2 .  ? -4.94219  6.31666   -1.52876  1.000 32.40303 ? 533 HOH A O    1 
HETATM 1179 O O    . HOH B 2 .  ? -6.15383  18.24807  1.75327   1.000 22.46240 ? 534 HOH A O    1 
HETATM 1180 O O    . HOH B 2 .  ? -12.88356 4.47321   4.24711   1.000 29.93401 ? 535 HOH A O    1 
HETATM 1181 O O    . HOH B 2 .  ? -8.48225  -13.33001 7.92087   1.000 28.07655 ? 536 HOH A O    1 
HETATM 1182 O O    . HOH B 2 .  ? -12.09733 13.69737  3.72606   1.000 37.84459 ? 537 HOH A O    1 
HETATM 1183 O O    . HOH B 2 .  ? 16.81843  -1.64919  -6.26988  1.000 21.50042 ? 538 HOH A O    1 
HETATM 1184 O O    . HOH B 2 .  ? 7.80693   -12.36839 0.96206   1.000 33.19224 ? 539 HOH A O    1 
HETATM 1185 O O    . HOH B 2 .  ? 4.41750   2.67413   -0.62338  1.000 35.17909 ? 540 HOH A O    1 
HETATM 1186 O O    . HOH B 2 .  ? 14.47892  -0.23569  -7.06910  1.000 34.29745 ? 541 HOH A O    1 
HETATM 1187 O O    . HOH B 2 .  ? -9.09514  0.03216   -10.68004 1.000 22.92128 ? 542 HOH A O    1 
HETATM 1188 O O    . HOH B 2 .  ? 21.80129  -3.69735  -5.69571  1.000 30.44289 ? 543 HOH A O    1 
HETATM 1189 O O    . HOH B 2 .  ? 17.72753  -5.86194  -8.99973  1.000 15.75147 ? 544 HOH A O    1 
HETATM 1190 O O    . HOH B 2 .  ? 18.69096  -0.57271  -3.56340  1.000 29.21682 ? 545 HOH A O    1 
HETATM 1191 O O    . HOH B 2 .  ? 18.58727  -2.27517  4.14773   1.000 31.33345 ? 546 HOH A O    1 
HETATM 1192 O O    . HOH B 2 .  ? -3.70452  -7.61946  -5.27361  1.000 16.51389 ? 547 HOH A O    1 
HETATM 1193 O O    . HOH B 2 .  ? -13.86554 2.92515   2.00673   1.000 34.11966 ? 548 HOH A O    1 
HETATM 1194 O O    . HOH B 2 .  ? -8.08385  -10.54046 -1.68895  1.000 27.47085 ? 549 HOH A O    1 
HETATM 1195 O O    . HOH B 2 .  ? 4.12703   4.98913   -1.12759  1.000 31.42214 ? 550 HOH A O    1 
HETATM 1196 O O    . HOH B 2 .  ? -7.04612  -9.80950  -4.63253  1.000 40.88759 ? 551 HOH A O    1 
HETATM 1197 O O    . HOH B 2 .  ? 10.51075  -12.20475 2.36629   1.000 41.95848 ? 552 HOH A O    1 
HETATM 1198 O O    . HOH B 2 .  ? -2.68667  16.92268  1.01997   1.000 38.50500 ? 553 HOH A O    1 
HETATM 1199 O O    . HOH B 2 .  ? 16.29338  -2.04060  0.75055   1.000 25.53230 ? 554 HOH A O    1 
HETATM 1200 O O    . HOH B 2 .  ? -5.82237  3.59616   -9.04912  1.000 40.45200 ? 555 HOH A O    1 
HETATM 1201 O O    . HOH B 2 .  ? -16.04434 5.17719   1.38909   1.000 34.77762 ? 556 HOH A O    1 
HETATM 1202 O O    . HOH B 2 .  ? 9.74069   1.84467   -5.17489  1.000 41.68967 ? 557 HOH A O    1 
HETATM 1203 O O    . HOH B 2 .  ? 17.81809  -2.57010  -8.70982  1.000 37.58796 ? 558 HOH A O    1 
HETATM 1204 O O    . HOH B 2 .  ? 21.40317  -7.21408  -4.46943  1.000 42.85360 ? 559 HOH A O    1 
HETATM 1205 O O    . HOH B 2 .  ? 15.90391  -6.63988  11.81139  1.000 22.92807 ? 560 HOH A O    1 
HETATM 1206 O O    . HOH B 2 .  ? 11.50996  2.28618   3.72064   1.000 36.34665 ? 561 HOH A O    1 
HETATM 1207 O O    . HOH B 2 .  ? 8.41673   3.08492   3.02100   1.000 29.34243 ? 562 HOH A O    1 
HETATM 1208 O O    . HOH B 2 .  ? -9.46216  -7.87853  -1.60904  1.000 21.46836 ? 563 HOH A O    1 
HETATM 1209 O O    . HOH B 2 .  ? -5.48420  11.12818  6.45899   1.000 43.36600 ? 564 HOH A O    1 
HETATM 1210 O O    . HOH B 2 .  ? 3.85414   -13.73563 4.20108   1.000 29.18420 ? 565 HOH A O    1 
# 
